data_9CGS
#
_entry.id   9CGS
#
_cell.length_a   216.801
_cell.length_b   70.076
_cell.length_c   142.880
_cell.angle_alpha   90.000
_cell.angle_beta   104.551
_cell.angle_gamma   90.000
#
_symmetry.space_group_name_H-M   'C 1 2 1'
#
loop_
_entity.id
_entity.type
_entity.pdbx_description
1 polymer 'Major histocompatibility complex class I-related gene protein'
2 polymer Beta-2-microglobulin
3 polymer 'TCR TRAV1-2'
4 polymer 'TCR TRBV6-1'
5 non-polymer GLYCEROL
6 non-polymer 'ACETIC ACID'
7 non-polymer 'SODIUM ION'
8 water water
#
loop_
_entity_poly.entity_id
_entity_poly.type
_entity_poly.pdbx_seq_one_letter_code
_entity_poly.pdbx_strand_id
1 'polypeptide(L)'
;MRTHSLRYFRLGVSDPIHGVPEFISVGYVDSHPITTYDSVTRQ(LLP)EPRAPWMAENLAPDHWERYTQLLRGWQQMFKV
ELKRLQRHYNHSGSHTYQRMIGCELLEDGSTTGFLQYAYDGQDFLIFNKDTLSWLAVDNVAHTIKQAWEANQHELLYQKN
WLEEECIAWLKRFLEYGKDTLQRTEPPLVRVNRKETFPGVTALFCKAHGFYPPEIYMTWMKNGEEIVQEIDYGDILPSGD
GTYQAWASIELDPQSSNLYSCHVEHSGVHMVLQVP
;
A,C
2 'polypeptide(L)'
;MIQRTPKIQVYSRHPAENGKSNFLNCYVSGFHPSDIEVDLLKNGERIEKVEHSDLSFSKDWSFYLLYYTEFTPTEKDEYA
CRVNHVTLSQPKIVKWDRDM
;
B,F
3 'polypeptide(L)'
;MGQNIDQPTEMTATEGAIVQINCTYQTSGFNGLFWYQQHAGEAPTFLSYNVLDGLEEKGRFSSFLSRSKGYSYLLLKELQ
MKDSASYLCAVKDSNYQLIWGAGTKLIIKPDIQNPDPAVYQLRDSKSSDKSVCLFTDFDSQTNVSQSKDSDVYITDKCVL
DMRSMDFKSNSAVAWSNKSDFACANAFNNSIIPEDTFFPSPESS
;
D,G
4 'polypeptide(L)'
;MNAGVTQTPKFQVLKTGQSMTLQCAQDMNHNSMYWYRQDPGMGLRLIYYSASEGTTDKGEVPNGYNVSRLNKREFSLRLE
SAAPSQTSVYFCASSVWTGEGSGELFFGEGSRLTVLEDLKNVFPPEVAVFEPSEAEISHTQKATLVCLATGFYPDHVELS
WWVNGKEVHSGVCTDPQPLKEQPALNDSRYALSSRLRVSATFWQNPRNHFRCQVQFYGLSENDEWTQDRAKPVTQIVSAE
AWGRAD
;
E,H
#
# COMPACT_ATOMS: atom_id res chain seq x y z
N MET A 1 30.48 30.28 -49.82
CA MET A 1 30.87 29.03 -50.44
C MET A 1 29.95 28.67 -51.59
N ARG A 2 30.16 27.50 -52.19
CA ARG A 2 29.25 27.09 -53.25
CA ARG A 2 29.29 27.00 -53.25
C ARG A 2 27.97 26.51 -52.65
N THR A 3 27.01 26.22 -53.54
CA THR A 3 25.75 25.64 -53.09
C THR A 3 25.99 24.27 -52.45
N HIS A 4 25.31 24.03 -51.33
CA HIS A 4 25.32 22.73 -50.68
C HIS A 4 23.91 22.33 -50.31
N SER A 5 23.68 21.02 -50.18
CA SER A 5 22.38 20.50 -49.83
C SER A 5 22.53 19.37 -48.82
N LEU A 6 21.52 19.23 -47.98
CA LEU A 6 21.36 18.10 -47.07
C LEU A 6 20.03 17.46 -47.38
N ARG A 7 20.00 16.14 -47.58
CA ARG A 7 18.74 15.46 -47.82
C ARG A 7 18.76 14.07 -47.19
N TYR A 8 17.60 13.66 -46.68
CA TYR A 8 17.41 12.38 -46.03
C TYR A 8 16.36 11.58 -46.80
N PHE A 9 16.66 10.32 -47.08
CA PHE A 9 15.76 9.44 -47.81
C PHE A 9 15.26 8.32 -46.91
N ARG A 10 14.04 7.86 -47.18
CA ARG A 10 13.54 6.62 -46.60
C ARG A 10 13.00 5.74 -47.70
N LEU A 11 13.19 4.43 -47.56
CA LEU A 11 12.64 3.46 -48.49
C LEU A 11 11.94 2.36 -47.70
N GLY A 12 10.68 2.09 -48.04
CA GLY A 12 9.95 0.99 -47.46
C GLY A 12 9.43 0.05 -48.53
N VAL A 13 9.63 -1.26 -48.31
CA VAL A 13 9.20 -2.29 -49.25
C VAL A 13 8.22 -3.21 -48.54
N SER A 14 7.09 -3.50 -49.19
CA SER A 14 5.97 -4.15 -48.50
C SER A 14 6.14 -5.65 -48.41
N ASP A 15 6.73 -6.29 -49.42
CA ASP A 15 6.88 -7.75 -49.45
C ASP A 15 8.27 -8.12 -49.99
N PRO A 16 9.32 -7.75 -49.27
CA PRO A 16 10.68 -7.92 -49.82
C PRO A 16 11.11 -9.37 -49.87
N ILE A 17 11.97 -9.67 -50.84
CA ILE A 17 12.57 -10.99 -50.97
CA ILE A 17 12.51 -11.02 -50.93
C ILE A 17 13.44 -11.29 -49.75
N HIS A 18 13.63 -12.58 -49.47
CA HIS A 18 14.43 -13.02 -48.33
C HIS A 18 15.76 -12.27 -48.24
N GLY A 19 15.99 -11.67 -47.08
CA GLY A 19 17.23 -10.97 -46.79
C GLY A 19 17.15 -9.47 -47.03
N VAL A 20 16.46 -9.07 -48.08
CA VAL A 20 16.41 -7.65 -48.48
C VAL A 20 15.63 -6.87 -47.43
N PRO A 21 16.11 -5.72 -46.98
CA PRO A 21 15.48 -5.05 -45.83
C PRO A 21 14.13 -4.44 -46.17
N GLU A 22 13.23 -4.48 -45.19
CA GLU A 22 11.93 -3.83 -45.31
C GLU A 22 12.04 -2.31 -45.27
N PHE A 23 13.10 -1.78 -44.66
CA PHE A 23 13.21 -0.35 -44.44
C PHE A 23 14.67 0.06 -44.50
N ILE A 24 14.95 1.15 -45.23
CA ILE A 24 16.30 1.70 -45.36
C ILE A 24 16.20 3.23 -45.30
N SER A 25 17.12 3.86 -44.57
CA SER A 25 17.18 5.31 -44.46
C SER A 25 18.62 5.77 -44.61
N VAL A 26 18.86 6.68 -45.56
CA VAL A 26 20.21 7.18 -45.86
C VAL A 26 20.14 8.69 -45.99
N GLY A 27 21.10 9.39 -45.38
CA GLY A 27 21.22 10.83 -45.50
C GLY A 27 22.43 11.20 -46.34
N TYR A 28 22.37 12.36 -46.99
CA TYR A 28 23.44 12.84 -47.85
C TYR A 28 23.71 14.31 -47.59
N VAL A 29 24.99 14.68 -47.64
CA VAL A 29 25.42 16.06 -47.86
C VAL A 29 26.03 16.10 -49.25
N ASP A 30 25.43 16.89 -50.15
CA ASP A 30 25.76 16.88 -51.57
C ASP A 30 25.68 15.44 -52.05
N SER A 31 26.71 14.90 -52.70
CA SER A 31 26.72 13.54 -53.18
CA SER A 31 26.68 13.53 -53.18
C SER A 31 27.23 12.53 -52.16
N HIS A 32 27.60 12.98 -50.96
CA HIS A 32 28.23 12.11 -49.99
C HIS A 32 27.20 11.53 -49.03
N PRO A 33 27.07 10.20 -48.93
CA PRO A 33 26.28 9.61 -47.85
C PRO A 33 26.92 9.92 -46.50
N ILE A 34 26.08 10.23 -45.51
CA ILE A 34 26.57 10.63 -44.19
C ILE A 34 26.01 9.69 -43.13
N THR A 35 24.79 9.19 -43.31
CA THR A 35 24.15 8.34 -42.31
C THR A 35 23.43 7.19 -42.98
N THR A 36 23.27 6.09 -42.25
CA THR A 36 22.51 4.96 -42.74
C THR A 36 21.83 4.25 -41.58
N TYR A 37 20.69 3.63 -41.88
CA TYR A 37 19.95 2.78 -40.96
C TYR A 37 19.15 1.81 -41.82
N ASP A 38 18.97 0.58 -41.34
CA ASP A 38 18.02 -0.32 -41.98
C ASP A 38 17.46 -1.30 -40.97
N SER A 39 16.35 -1.92 -41.36
CA SER A 39 15.60 -2.82 -40.49
C SER A 39 16.38 -4.09 -40.13
N VAL A 40 17.50 -4.37 -40.79
CA VAL A 40 18.29 -5.56 -40.51
C VAL A 40 19.28 -5.25 -39.39
N THR A 41 20.06 -4.19 -39.56
CA THR A 41 21.00 -3.82 -38.50
C THR A 41 20.28 -3.19 -37.32
N ARG A 42 19.22 -2.42 -37.59
CA ARG A 42 18.48 -1.67 -36.56
C ARG A 42 19.40 -0.76 -35.76
N GLN A 43 20.47 -0.27 -36.40
CA GLN A 43 21.40 0.68 -35.83
C GLN A 43 21.57 1.82 -36.80
N GLU A 45 24.16 4.41 -38.25
CA GLU A 45 25.61 4.40 -38.37
C GLU A 45 26.07 5.52 -39.29
N PRO A 46 27.24 6.11 -39.01
CA PRO A 46 27.80 7.08 -39.96
C PRO A 46 28.22 6.39 -41.25
N ARG A 47 28.20 7.15 -42.34
CA ARG A 47 28.70 6.68 -43.62
C ARG A 47 29.81 7.57 -44.17
N ALA A 48 30.26 8.54 -43.37
CA ALA A 48 31.40 9.38 -43.69
C ALA A 48 32.29 9.44 -42.47
N PRO A 49 33.61 9.38 -42.64
CA PRO A 49 34.50 9.41 -41.47
C PRO A 49 34.38 10.68 -40.67
N TRP A 50 34.20 11.82 -41.33
CA TRP A 50 34.09 13.09 -40.61
C TRP A 50 32.76 13.22 -39.86
N MET A 51 31.77 12.39 -40.18
CA MET A 51 30.60 12.28 -39.32
C MET A 51 30.89 11.43 -38.10
N ALA A 52 31.58 10.30 -38.29
CA ALA A 52 31.94 9.45 -37.17
C ALA A 52 32.79 10.18 -36.14
N GLU A 53 33.70 11.04 -36.61
CA GLU A 53 34.67 11.67 -35.71
C GLU A 53 34.10 12.87 -34.96
N ASN A 54 32.97 13.43 -35.40
CA ASN A 54 32.43 14.65 -34.81
C ASN A 54 31.12 14.46 -34.08
N LEU A 55 30.47 13.31 -34.17
CA LEU A 55 29.22 13.06 -33.47
C LEU A 55 29.44 11.97 -32.42
N ALA A 56 29.22 12.32 -31.17
CA ALA A 56 29.48 11.41 -30.06
C ALA A 56 28.52 10.21 -30.10
N PRO A 57 28.87 9.12 -29.43
CA PRO A 57 27.99 7.93 -29.46
C PRO A 57 26.58 8.18 -28.96
N ASP A 58 26.37 9.14 -28.06
CA ASP A 58 25.00 9.42 -27.62
C ASP A 58 24.14 9.93 -28.76
N HIS A 59 24.76 10.56 -29.78
CA HIS A 59 24.00 10.99 -30.94
C HIS A 59 23.48 9.80 -31.73
N TRP A 60 24.34 8.82 -31.99
CA TRP A 60 23.91 7.65 -32.75
C TRP A 60 22.98 6.77 -31.94
N GLU A 61 23.16 6.73 -30.62
CA GLU A 61 22.21 6.03 -29.76
C GLU A 61 20.81 6.64 -29.86
N ARG A 62 20.73 7.97 -29.81
CA ARG A 62 19.43 8.64 -29.88
C ARG A 62 18.76 8.39 -31.23
N TYR A 63 19.49 8.58 -32.31
CA TYR A 63 18.85 8.46 -33.62
C TYR A 63 18.58 7.01 -33.98
N THR A 64 19.29 6.07 -33.37
CA THR A 64 18.92 4.67 -33.52
C THR A 64 17.52 4.42 -32.96
N GLN A 65 17.23 4.98 -31.77
CA GLN A 65 15.90 4.88 -31.20
C GLN A 65 14.85 5.52 -32.08
N LEU A 66 15.13 6.72 -32.59
CA LEU A 66 14.19 7.43 -33.44
C LEU A 66 13.90 6.64 -34.73
N LEU A 67 14.94 6.11 -35.36
CA LEU A 67 14.76 5.42 -36.64
C LEU A 67 13.97 4.13 -36.48
N ARG A 68 14.17 3.43 -35.36
CA ARG A 68 13.35 2.25 -35.09
C ARG A 68 11.88 2.62 -34.98
N GLY A 69 11.58 3.77 -34.37
CA GLY A 69 10.21 4.25 -34.33
C GLY A 69 9.71 4.65 -35.70
N TRP A 70 10.52 5.39 -36.46
CA TRP A 70 10.13 5.79 -37.81
C TRP A 70 10.00 4.61 -38.74
N GLN A 71 10.81 3.55 -38.54
CA GLN A 71 10.65 2.33 -39.32
C GLN A 71 9.25 1.74 -39.16
N GLN A 72 8.77 1.64 -37.93
CA GLN A 72 7.42 1.12 -37.70
C GLN A 72 6.37 2.05 -38.29
N MET A 73 6.56 3.37 -38.14
CA MET A 73 5.61 4.33 -38.70
C MET A 73 5.56 4.22 -40.22
N PHE A 74 6.71 4.05 -40.86
CA PHE A 74 6.74 3.93 -42.31
C PHE A 74 6.01 2.67 -42.77
N LYS A 75 6.16 1.58 -42.01
CA LYS A 75 5.47 0.34 -42.35
C LYS A 75 3.96 0.51 -42.25
N VAL A 76 3.48 1.23 -41.24
CA VAL A 76 2.05 1.49 -41.09
C VAL A 76 1.54 2.33 -42.26
N GLU A 77 2.31 3.36 -42.65
CA GLU A 77 1.87 4.22 -43.74
C GLU A 77 1.81 3.47 -45.06
N LEU A 78 2.81 2.62 -45.32
CA LEU A 78 2.80 1.81 -46.53
C LEU A 78 1.64 0.81 -46.52
N LYS A 79 1.36 0.21 -45.36
CA LYS A 79 0.22 -0.70 -45.27
C LYS A 79 -1.08 0.01 -45.63
N ARG A 80 -1.23 1.25 -45.16
CA ARG A 80 -2.44 2.02 -45.46
C ARG A 80 -2.55 2.32 -46.95
N LEU A 81 -1.45 2.78 -47.56
CA LEU A 81 -1.47 3.11 -48.98
C LEU A 81 -1.85 1.91 -49.84
N GLN A 82 -1.17 0.78 -49.62
CA GLN A 82 -1.37 -0.39 -50.48
C GLN A 82 -2.77 -0.97 -50.34
N ARG A 83 -3.35 -0.90 -49.14
CA ARG A 83 -4.74 -1.33 -48.97
C ARG A 83 -5.70 -0.41 -49.69
N HIS A 84 -5.39 0.90 -49.71
CA HIS A 84 -6.27 1.86 -50.36
C HIS A 84 -6.07 1.92 -51.87
N TYR A 85 -4.89 1.55 -52.36
CA TYR A 85 -4.73 1.30 -53.79
C TYR A 85 -5.32 -0.04 -54.21
N ASN A 86 -5.68 -0.90 -53.26
CA ASN A 86 -6.13 -2.26 -53.53
C ASN A 86 -5.09 -3.01 -54.36
N HIS A 87 -3.83 -2.89 -53.94
CA HIS A 87 -2.69 -3.44 -54.65
C HIS A 87 -2.17 -4.70 -53.96
N SER A 88 -1.89 -5.73 -54.75
CA SER A 88 -1.30 -6.96 -54.25
CA SER A 88 -1.29 -6.96 -54.27
C SER A 88 0.20 -6.97 -54.55
N GLY A 89 0.91 -7.86 -53.87
CA GLY A 89 2.33 -8.00 -54.11
C GLY A 89 3.16 -7.00 -53.33
N SER A 90 4.39 -6.79 -53.83
CA SER A 90 5.37 -5.93 -53.19
C SER A 90 5.36 -4.55 -53.83
N HIS A 91 5.30 -3.51 -53.01
CA HIS A 91 5.29 -2.14 -53.48
C HIS A 91 6.19 -1.30 -52.58
N THR A 92 6.60 -0.14 -53.09
CA THR A 92 7.56 0.69 -52.40
C THR A 92 6.95 2.04 -52.00
N TYR A 93 7.49 2.59 -50.92
CA TYR A 93 7.09 3.86 -50.35
C TYR A 93 8.37 4.61 -50.04
N GLN A 94 8.48 5.84 -50.51
CA GLN A 94 9.72 6.59 -50.37
C GLN A 94 9.42 7.99 -49.86
N ARG A 95 10.40 8.56 -49.18
CA ARG A 95 10.31 9.89 -48.62
C ARG A 95 11.64 10.59 -48.85
N MET A 96 11.58 11.88 -49.13
CA MET A 96 12.79 12.69 -49.23
CA MET A 96 12.79 12.70 -49.25
C MET A 96 12.53 14.04 -48.60
N ILE A 97 13.41 14.43 -47.67
CA ILE A 97 13.33 15.70 -46.99
C ILE A 97 14.73 16.31 -47.02
N GLY A 98 14.79 17.63 -47.03
CA GLY A 98 16.07 18.29 -47.00
C GLY A 98 15.98 19.74 -47.45
N CYS A 99 17.15 20.34 -47.61
CA CYS A 99 17.27 21.77 -47.83
C CYS A 99 18.56 22.04 -48.60
N GLU A 100 18.59 23.21 -49.24
CA GLU A 100 19.77 23.71 -49.92
C GLU A 100 20.15 25.08 -49.35
N LEU A 101 21.44 25.26 -49.10
CA LEU A 101 22.00 26.58 -48.80
C LEU A 101 22.70 27.05 -50.07
N LEU A 102 22.09 28.00 -50.77
CA LEU A 102 22.65 28.41 -52.05
C LEU A 102 23.85 29.33 -51.84
N GLU A 103 24.61 29.51 -52.92
CA GLU A 103 25.83 30.31 -52.87
C GLU A 103 25.55 31.72 -52.36
N ASP A 104 24.44 32.31 -52.78
CA ASP A 104 24.13 33.69 -52.46
C ASP A 104 23.47 33.86 -51.10
N GLY A 105 23.42 32.81 -50.28
CA GLY A 105 22.87 32.89 -48.95
C GLY A 105 21.39 32.55 -48.85
N SER A 106 20.67 32.52 -49.96
CA SER A 106 19.28 32.10 -49.91
C SER A 106 19.18 30.60 -49.64
N THR A 107 17.98 30.15 -49.28
CA THR A 107 17.75 28.76 -48.90
C THR A 107 16.50 28.22 -49.58
N THR A 108 16.48 26.89 -49.74
CA THR A 108 15.30 26.18 -50.20
C THR A 108 15.06 24.99 -49.27
N GLY A 109 13.83 24.48 -49.30
CA GLY A 109 13.46 23.33 -48.50
C GLY A 109 12.39 22.54 -49.20
N PHE A 110 12.42 21.22 -48.99
CA PHE A 110 11.52 20.34 -49.72
C PHE A 110 11.19 19.12 -48.87
N LEU A 111 10.01 18.57 -49.10
CA LEU A 111 9.56 17.36 -48.44
C LEU A 111 8.56 16.70 -49.37
N GLN A 112 8.80 15.44 -49.73
CA GLN A 112 7.90 14.78 -50.66
C GLN A 112 7.94 13.28 -50.45
N TYR A 113 6.92 12.61 -50.98
CA TYR A 113 6.76 11.17 -50.85
C TYR A 113 6.50 10.56 -52.22
N ALA A 114 6.81 9.27 -52.35
CA ALA A 114 6.56 8.55 -53.59
C ALA A 114 6.03 7.17 -53.27
N TYR A 115 5.14 6.69 -54.14
CA TYR A 115 4.64 5.32 -54.10
C TYR A 115 5.00 4.65 -55.41
N ASP A 116 5.71 3.52 -55.32
CA ASP A 116 6.22 2.81 -56.49
C ASP A 116 7.08 3.73 -57.36
N GLY A 117 7.86 4.60 -56.72
CA GLY A 117 8.80 5.44 -57.43
C GLY A 117 8.19 6.57 -58.23
N GLN A 118 6.95 6.96 -57.93
CA GLN A 118 6.31 8.10 -58.58
C GLN A 118 5.82 9.07 -57.51
N ASP A 119 5.87 10.36 -57.83
CA ASP A 119 5.41 11.40 -56.91
C ASP A 119 4.05 11.02 -56.33
N PHE A 120 3.90 11.23 -55.03
CA PHE A 120 2.68 10.87 -54.32
C PHE A 120 2.13 12.07 -53.58
N LEU A 121 2.93 12.65 -52.69
CA LEU A 121 2.59 13.88 -51.99
C LEU A 121 3.80 14.81 -51.99
N ILE A 122 3.55 16.09 -52.23
CA ILE A 122 4.60 17.11 -52.27
C ILE A 122 4.17 18.26 -51.37
N PHE A 123 5.06 18.63 -50.44
CA PHE A 123 4.78 19.67 -49.46
C PHE A 123 5.14 21.04 -50.03
N ASN A 124 4.28 22.02 -49.79
CA ASN A 124 4.54 23.41 -50.14
C ASN A 124 4.58 24.19 -48.82
N LYS A 125 5.80 24.52 -48.38
CA LYS A 125 5.96 25.19 -47.10
C LYS A 125 5.65 26.68 -47.17
N ASP A 126 5.30 27.22 -48.33
CA ASP A 126 4.87 28.61 -48.44
C ASP A 126 3.36 28.77 -48.37
N THR A 127 2.62 27.86 -49.00
CA THR A 127 1.17 27.82 -48.86
C THR A 127 0.73 26.91 -47.72
N LEU A 128 1.67 26.21 -47.09
CA LEU A 128 1.39 25.28 -46.00
C LEU A 128 0.32 24.28 -46.40
N SER A 129 0.63 23.50 -47.43
CA SER A 129 -0.34 22.57 -48.01
C SER A 129 0.39 21.46 -48.72
N TRP A 130 -0.33 20.36 -48.93
CA TRP A 130 0.18 19.19 -49.62
C TRP A 130 -0.45 19.08 -51.00
N LEU A 131 0.38 18.76 -51.99
CA LEU A 131 -0.10 18.50 -53.34
C LEU A 131 -0.29 17.00 -53.50
N ALA A 132 -1.50 16.59 -53.87
CA ALA A 132 -1.86 15.18 -54.01
C ALA A 132 -2.00 14.83 -55.49
N VAL A 133 -1.43 13.69 -55.88
CA VAL A 133 -1.41 13.29 -57.28
C VAL A 133 -2.61 12.43 -57.65
N ASP A 134 -3.25 11.77 -56.69
CA ASP A 134 -4.43 10.96 -56.97
C ASP A 134 -5.29 10.96 -55.71
N ASN A 135 -6.34 10.14 -55.72
CA ASN A 135 -7.34 10.19 -54.65
C ASN A 135 -6.91 9.43 -53.40
N VAL A 136 -5.97 8.49 -53.51
CA VAL A 136 -5.38 7.90 -52.31
C VAL A 136 -4.51 8.94 -51.61
N ALA A 137 -3.72 9.69 -52.39
CA ALA A 137 -2.93 10.78 -51.82
C ALA A 137 -3.84 11.88 -51.28
N HIS A 138 -4.94 12.16 -51.97
CA HIS A 138 -5.88 13.19 -51.49
C HIS A 138 -6.40 12.86 -50.10
N THR A 139 -6.71 11.59 -49.85
CA THR A 139 -7.18 11.17 -48.53
C THR A 139 -6.13 11.45 -47.47
N ILE A 140 -4.87 11.09 -47.75
CA ILE A 140 -3.78 11.38 -46.83
C ILE A 140 -3.63 12.88 -46.63
N LYS A 141 -3.73 13.64 -47.73
CA LYS A 141 -3.61 15.09 -47.67
C LYS A 141 -4.61 15.71 -46.70
N GLN A 142 -5.87 15.24 -46.74
CA GLN A 142 -6.87 15.80 -45.84
CA GLN A 142 -6.88 15.79 -45.84
C GLN A 142 -6.49 15.54 -44.38
N ALA A 143 -5.99 14.35 -44.07
CA ALA A 143 -5.60 14.04 -42.70
C ALA A 143 -4.42 14.88 -42.25
N TRP A 144 -3.42 15.05 -43.12
CA TRP A 144 -2.22 15.78 -42.74
C TRP A 144 -2.47 17.28 -42.59
N GLU A 145 -3.40 17.83 -43.37
CA GLU A 145 -3.70 19.25 -43.28
C GLU A 145 -4.69 19.59 -42.18
N ALA A 146 -5.44 18.61 -41.67
CA ALA A 146 -6.28 18.86 -40.51
C ALA A 146 -5.46 19.20 -39.27
N ASN A 147 -4.20 18.78 -39.25
CA ASN A 147 -3.29 19.04 -38.12
C ASN A 147 -2.38 20.19 -38.53
N GLN A 148 -2.90 21.42 -38.38
CA GLN A 148 -2.17 22.60 -38.82
C GLN A 148 -0.82 22.73 -38.12
N HIS A 149 -0.74 22.29 -36.86
CA HIS A 149 0.52 22.38 -36.13
C HIS A 149 1.61 21.55 -36.78
N GLU A 150 1.26 20.40 -37.37
CA GLU A 150 2.27 19.58 -38.03
C GLU A 150 2.82 20.25 -39.28
N LEU A 151 1.97 21.01 -39.99
CA LEU A 151 2.44 21.77 -41.14
C LEU A 151 3.43 22.85 -40.71
N LEU A 152 3.07 23.62 -39.68
CA LEU A 152 3.98 24.63 -39.14
C LEU A 152 5.28 24.00 -38.67
N TYR A 153 5.20 22.83 -38.02
CA TYR A 153 6.41 22.14 -37.57
C TYR A 153 7.34 21.84 -38.74
N GLN A 154 6.80 21.30 -39.83
N GLN A 154 6.80 21.30 -39.83
CA GLN A 154 7.65 20.93 -40.96
CA GLN A 154 7.62 20.92 -40.97
C GLN A 154 8.23 22.17 -41.63
C GLN A 154 8.20 22.14 -41.67
N LYS A 155 7.46 23.25 -41.70
CA LYS A 155 7.99 24.49 -42.26
C LYS A 155 9.18 24.99 -41.44
N ASN A 156 9.05 24.96 -40.11
CA ASN A 156 10.17 25.37 -39.26
C ASN A 156 11.37 24.46 -39.45
N TRP A 157 11.15 23.15 -39.52
CA TRP A 157 12.28 22.22 -39.65
C TRP A 157 13.01 22.45 -40.97
N LEU A 158 12.27 22.65 -42.06
CA LEU A 158 12.90 22.83 -43.36
C LEU A 158 13.70 24.14 -43.40
N GLU A 159 13.14 25.21 -42.84
CA GLU A 159 13.76 26.53 -42.99
C GLU A 159 14.80 26.83 -41.94
N GLU A 160 14.69 26.26 -40.74
CA GLU A 160 15.62 26.55 -39.65
C GLU A 160 16.48 25.34 -39.28
N GLU A 161 15.87 24.23 -38.85
CA GLU A 161 16.64 23.09 -38.36
C GLU A 161 17.50 22.48 -39.47
N CYS A 162 16.91 22.21 -40.63
CA CYS A 162 17.67 21.59 -41.71
C CYS A 162 18.88 22.41 -42.10
N ILE A 163 18.69 23.73 -42.24
CA ILE A 163 19.80 24.61 -42.64
C ILE A 163 20.88 24.61 -41.57
N ALA A 164 20.49 24.53 -40.30
CA ALA A 164 21.48 24.57 -39.23
C ALA A 164 22.26 23.26 -39.14
N TRP A 165 21.59 22.12 -39.35
CA TRP A 165 22.30 20.85 -39.47
C TRP A 165 23.31 20.89 -40.61
N LEU A 166 22.88 21.40 -41.77
CA LEU A 166 23.74 21.44 -42.95
C LEU A 166 25.00 22.26 -42.70
N LYS A 167 24.86 23.43 -42.09
CA LYS A 167 26.02 24.25 -41.75
C LYS A 167 26.95 23.52 -40.81
N ARG A 168 26.38 22.79 -39.83
CA ARG A 168 27.18 22.00 -38.90
C ARG A 168 27.94 20.90 -39.62
N PHE A 169 27.26 20.15 -40.49
CA PHE A 169 27.93 19.08 -41.22
C PHE A 169 28.95 19.64 -42.19
N LEU A 170 28.67 20.80 -42.78
CA LEU A 170 29.62 21.43 -43.70
CA LEU A 170 29.61 21.44 -43.70
C LEU A 170 30.94 21.73 -43.00
N GLU A 171 30.89 22.17 -41.74
CA GLU A 171 32.11 22.43 -40.99
C GLU A 171 32.84 21.13 -40.66
N TYR A 172 32.10 20.12 -40.20
CA TYR A 172 32.69 18.81 -39.92
C TYR A 172 33.49 18.30 -41.10
N GLY A 173 32.88 18.28 -42.29
CA GLY A 173 33.53 17.69 -43.43
C GLY A 173 34.11 18.67 -44.43
N LYS A 174 34.53 19.84 -43.95
CA LYS A 174 34.92 20.91 -44.86
C LYS A 174 36.16 20.54 -45.68
N ASP A 175 37.06 19.73 -45.12
CA ASP A 175 38.21 19.24 -45.88
C ASP A 175 37.77 18.46 -47.11
N THR A 176 36.62 17.80 -47.04
CA THR A 176 36.07 17.06 -48.17
C THR A 176 35.14 17.92 -49.02
N LEU A 177 34.13 18.53 -48.40
CA LEU A 177 33.03 19.16 -49.13
C LEU A 177 33.44 20.47 -49.77
N GLN A 178 34.38 21.20 -49.18
CA GLN A 178 34.72 22.56 -49.62
C GLN A 178 36.01 22.62 -50.40
N ARG A 179 36.58 21.47 -50.78
CA ARG A 179 37.79 21.46 -51.59
C ARG A 179 37.45 21.61 -53.07
N THR A 180 38.48 21.87 -53.85
CA THR A 180 38.36 21.94 -55.31
C THR A 180 39.49 21.14 -55.93
N GLU A 181 39.14 20.14 -56.72
CA GLU A 181 40.11 19.50 -57.60
C GLU A 181 39.70 19.82 -59.04
N PRO A 182 40.46 20.63 -59.77
CA PRO A 182 40.03 21.05 -61.11
C PRO A 182 40.15 19.92 -62.11
N PRO A 183 39.39 19.98 -63.20
CA PRO A 183 39.34 18.86 -64.15
C PRO A 183 40.53 18.83 -65.09
N LEU A 184 40.88 17.62 -65.50
CA LEU A 184 41.82 17.38 -66.59
C LEU A 184 41.00 17.11 -67.84
N VAL A 185 41.14 17.97 -68.84
CA VAL A 185 40.25 17.97 -70.01
C VAL A 185 41.06 17.69 -71.26
N ARG A 186 40.54 16.82 -72.12
CA ARG A 186 41.15 16.49 -73.39
C ARG A 186 40.05 16.36 -74.45
N VAL A 187 40.47 16.37 -75.72
CA VAL A 187 39.58 16.17 -76.85
C VAL A 187 40.19 15.10 -77.76
N ASN A 188 39.35 14.23 -78.30
CA ASN A 188 39.79 13.25 -79.30
C ASN A 188 38.62 12.90 -80.20
N ARG A 189 38.91 12.06 -81.20
CA ARG A 189 37.96 11.71 -82.25
C ARG A 189 37.63 10.23 -82.18
N LYS A 190 36.36 9.90 -82.32
CA LYS A 190 35.92 8.51 -82.29
C LYS A 190 34.95 8.22 -83.45
N VAL A 196 29.66 9.84 -89.23
CA VAL A 196 30.48 8.72 -88.79
C VAL A 196 31.48 9.15 -87.72
N THR A 197 31.88 10.42 -87.76
CA THR A 197 33.01 10.91 -86.97
C THR A 197 32.54 11.97 -85.98
N ALA A 198 32.98 11.86 -84.73
CA ALA A 198 32.54 12.77 -83.67
C ALA A 198 33.72 13.20 -82.79
N LEU A 199 33.67 14.44 -82.33
CA LEU A 199 34.62 14.97 -81.36
C LEU A 199 34.10 14.71 -79.94
N PHE A 200 34.93 14.07 -79.12
CA PHE A 200 34.58 13.84 -77.71
C PHE A 200 35.40 14.77 -76.83
N CYS A 201 34.72 15.49 -75.94
CA CYS A 201 35.39 16.30 -74.95
C CYS A 201 35.26 15.59 -73.60
N LYS A 202 36.38 15.16 -73.04
CA LYS A 202 36.39 14.33 -71.85
C LYS A 202 37.11 15.05 -70.72
N ALA A 203 36.47 15.06 -69.55
CA ALA A 203 37.05 15.62 -68.33
C ALA A 203 37.05 14.55 -67.24
N HIS A 204 38.03 14.62 -66.34
CA HIS A 204 38.14 13.65 -65.26
C HIS A 204 38.98 14.24 -64.13
N GLY A 205 38.91 13.58 -62.98
CA GLY A 205 39.69 13.96 -61.82
C GLY A 205 39.23 15.20 -61.10
N PHE A 206 37.97 15.59 -61.26
CA PHE A 206 37.50 16.85 -60.70
C PHE A 206 36.54 16.63 -59.53
N TYR A 207 36.55 17.60 -58.63
CA TYR A 207 35.62 17.74 -57.51
C TYR A 207 35.43 19.22 -57.28
N PRO A 208 34.21 19.69 -56.99
CA PRO A 208 32.94 18.94 -56.84
C PRO A 208 32.42 18.37 -58.15
N PRO A 209 31.44 17.46 -58.09
CA PRO A 209 30.92 16.86 -59.34
C PRO A 209 30.21 17.86 -60.25
N GLU A 210 29.83 19.03 -59.75
CA GLU A 210 29.10 20.00 -60.58
C GLU A 210 30.02 20.56 -61.65
N ILE A 211 29.69 20.30 -62.91
CA ILE A 211 30.51 20.75 -64.03
C ILE A 211 29.58 20.98 -65.22
N TYR A 212 29.97 21.92 -66.08
CA TYR A 212 29.24 22.25 -67.30
C TYR A 212 30.18 22.11 -68.48
N MET A 213 29.90 21.15 -69.35
CA MET A 213 30.63 20.95 -70.59
C MET A 213 29.69 21.19 -71.76
N THR A 214 30.20 21.82 -72.81
CA THR A 214 29.39 22.07 -74.00
C THR A 214 30.32 22.35 -75.17
N TRP A 215 29.76 22.20 -76.37
CA TRP A 215 30.46 22.48 -77.61
C TRP A 215 29.89 23.72 -78.26
N MET A 216 30.76 24.48 -78.92
CA MET A 216 30.32 25.62 -79.72
C MET A 216 30.90 25.48 -81.12
N LYS A 217 30.10 25.88 -82.10
CA LYS A 217 30.47 25.82 -83.51
C LYS A 217 30.58 27.25 -84.03
N ASN A 218 31.79 27.67 -84.37
CA ASN A 218 32.07 29.00 -84.88
C ASN A 218 31.62 30.11 -83.94
N GLY A 219 31.42 29.80 -82.65
CA GLY A 219 31.01 30.78 -81.67
C GLY A 219 29.58 30.67 -81.20
N GLU A 220 28.76 29.85 -81.86
CA GLU A 220 27.36 29.66 -81.50
C GLU A 220 27.17 28.30 -80.83
N GLU A 221 26.27 28.26 -79.85
CA GLU A 221 26.01 27.00 -79.19
C GLU A 221 25.03 26.15 -80.00
N ILE A 222 25.03 24.86 -79.72
CA ILE A 222 24.45 23.85 -80.61
C ILE A 222 23.63 22.83 -79.82
N VAL A 223 22.93 23.30 -78.79
CA VAL A 223 22.25 22.47 -77.80
C VAL A 223 21.58 21.25 -78.41
N GLN A 224 20.83 21.45 -79.49
CA GLN A 224 20.07 20.35 -80.08
C GLN A 224 20.98 19.32 -80.75
N GLU A 225 22.23 19.67 -81.03
CA GLU A 225 23.12 18.80 -81.77
C GLU A 225 24.14 18.08 -80.88
N ILE A 226 24.19 18.42 -79.60
CA ILE A 226 25.24 17.92 -78.70
C ILE A 226 24.73 16.71 -77.93
N ASP A 227 25.62 15.75 -77.69
CA ASP A 227 25.34 14.58 -76.86
C ASP A 227 26.08 14.75 -75.54
N TYR A 228 25.33 14.73 -74.43
CA TYR A 228 25.89 14.99 -73.11
C TYR A 228 26.05 13.69 -72.34
N GLY A 229 27.28 13.39 -71.92
CA GLY A 229 27.49 12.27 -71.04
C GLY A 229 27.15 12.61 -69.60
N ASP A 230 26.95 11.56 -68.80
CA ASP A 230 26.63 11.75 -67.40
C ASP A 230 27.88 12.04 -66.59
N ILE A 231 27.69 12.71 -65.46
CA ILE A 231 28.78 12.91 -64.50
C ILE A 231 28.87 11.65 -63.66
N LEU A 232 29.99 10.93 -63.77
CA LEU A 232 30.10 9.62 -63.17
C LEU A 232 31.18 9.60 -62.09
N PRO A 233 30.99 8.80 -61.03
CA PRO A 233 32.01 8.67 -59.99
C PRO A 233 33.15 7.78 -60.49
N SER A 234 34.38 8.25 -60.30
CA SER A 234 35.54 7.45 -60.69
C SER A 234 35.92 6.43 -59.63
N GLY A 235 35.41 6.59 -58.41
CA GLY A 235 35.69 5.67 -57.32
C GLY A 235 36.70 6.16 -56.30
N ASP A 236 37.42 7.25 -56.59
CA ASP A 236 38.44 7.76 -55.70
C ASP A 236 38.05 9.09 -55.06
N GLY A 237 36.77 9.44 -55.11
CA GLY A 237 36.30 10.71 -54.61
C GLY A 237 36.22 11.81 -55.65
N THR A 238 36.66 11.54 -56.88
CA THR A 238 36.57 12.47 -57.99
C THR A 238 35.64 11.93 -59.05
N TYR A 239 35.37 12.74 -60.07
CA TYR A 239 34.36 12.45 -61.05
C TYR A 239 34.89 12.66 -62.46
N GLN A 240 34.15 12.14 -63.43
CA GLN A 240 34.48 12.26 -64.85
C GLN A 240 33.20 12.44 -65.64
N ALA A 241 33.33 13.14 -66.76
CA ALA A 241 32.19 13.42 -67.63
C ALA A 241 32.71 13.69 -69.03
N TRP A 242 31.79 13.66 -69.99
CA TRP A 242 32.14 13.92 -71.37
C TRP A 242 30.98 14.58 -72.10
N ALA A 243 31.29 15.05 -73.31
CA ALA A 243 30.29 15.61 -74.21
C ALA A 243 30.84 15.46 -75.62
N SER A 244 30.03 14.93 -76.52
CA SER A 244 30.45 14.70 -77.90
C SER A 244 29.62 15.56 -78.85
N ILE A 245 30.18 15.78 -80.03
CA ILE A 245 29.47 16.48 -81.11
C ILE A 245 29.94 15.89 -82.43
N GLU A 246 29.04 15.83 -83.40
CA GLU A 246 29.31 15.13 -84.66
C GLU A 246 29.83 16.10 -85.71
N LEU A 247 30.76 15.61 -86.53
CA LEU A 247 31.50 16.47 -87.44
C LEU A 247 30.86 16.53 -88.82
N ASP A 248 30.81 17.72 -89.39
CA ASP A 248 30.33 17.91 -90.75
C ASP A 248 31.39 17.44 -91.74
N PRO A 249 31.11 16.42 -92.55
CA PRO A 249 32.13 15.94 -93.49
C PRO A 249 32.28 16.80 -94.73
N GLN A 250 31.39 17.77 -94.96
CA GLN A 250 31.40 18.54 -96.19
C GLN A 250 31.86 19.97 -96.01
N SER A 251 32.07 20.44 -94.78
CA SER A 251 32.45 21.82 -94.55
C SER A 251 33.21 21.91 -93.24
N SER A 252 34.35 22.60 -93.26
CA SER A 252 35.11 22.76 -92.03
C SER A 252 34.41 23.76 -91.11
N ASN A 253 34.63 23.58 -89.81
CA ASN A 253 34.09 24.47 -88.81
C ASN A 253 35.08 24.61 -87.67
N LEU A 254 34.92 25.67 -86.89
CA LEU A 254 35.75 25.92 -85.72
C LEU A 254 34.97 25.44 -84.50
N TYR A 255 35.25 24.21 -84.08
CA TYR A 255 34.64 23.63 -82.89
C TYR A 255 35.54 23.86 -81.68
N SER A 256 34.93 24.25 -80.56
CA SER A 256 35.67 24.44 -79.32
C SER A 256 34.87 23.85 -78.18
N CYS A 257 35.54 23.14 -77.28
CA CYS A 257 34.91 22.62 -76.08
C CYS A 257 35.03 23.65 -74.96
N HIS A 258 33.93 23.86 -74.24
CA HIS A 258 33.87 24.79 -73.12
C HIS A 258 33.54 24.02 -71.85
N VAL A 259 34.32 24.27 -70.79
CA VAL A 259 34.14 23.61 -69.51
C VAL A 259 34.12 24.67 -68.43
N GLU A 260 33.05 24.72 -67.65
CA GLU A 260 32.99 25.55 -66.47
C GLU A 260 33.00 24.65 -65.24
N HIS A 261 33.83 24.99 -64.26
CA HIS A 261 33.91 24.22 -63.02
C HIS A 261 34.40 25.12 -61.91
N SER A 262 33.56 25.30 -60.88
CA SER A 262 33.95 25.96 -59.63
C SER A 262 34.59 27.33 -59.89
N GLY A 263 33.93 28.12 -60.73
CA GLY A 263 34.34 29.49 -60.97
C GLY A 263 35.42 29.70 -62.01
N VAL A 264 35.88 28.64 -62.68
CA VAL A 264 36.91 28.76 -63.71
C VAL A 264 36.34 28.24 -65.02
N HIS A 265 36.51 29.04 -66.08
CA HIS A 265 36.06 28.66 -67.41
CA HIS A 265 36.06 28.67 -67.41
C HIS A 265 37.26 28.27 -68.26
N MET A 266 37.06 27.28 -69.13
CA MET A 266 38.14 26.69 -69.90
C MET A 266 37.65 26.40 -71.32
N VAL A 267 38.52 26.66 -72.30
CA VAL A 267 38.19 26.49 -73.71
C VAL A 267 39.28 25.67 -74.38
N LEU A 268 38.87 24.60 -75.07
CA LEU A 268 39.77 23.80 -75.88
C LEU A 268 39.32 23.94 -77.33
N GLN A 269 40.08 24.74 -78.09
CA GLN A 269 39.80 24.91 -79.51
C GLN A 269 40.45 23.78 -80.30
N VAL A 270 39.64 23.09 -81.09
CA VAL A 270 40.14 22.00 -81.94
C VAL A 270 40.79 22.63 -83.16
N PRO A 271 42.09 22.39 -83.40
CA PRO A 271 42.77 23.02 -84.53
C PRO A 271 42.50 22.32 -85.85
N MET B 1 2.01 0.12 -62.48
CA MET B 1 3.32 0.37 -61.90
C MET B 1 4.34 0.62 -62.99
N ILE B 2 4.98 1.78 -62.94
CA ILE B 2 6.07 2.10 -63.85
C ILE B 2 7.37 1.55 -63.25
N GLN B 3 7.93 0.54 -63.89
CA GLN B 3 9.25 0.03 -63.53
C GLN B 3 10.27 0.59 -64.50
N ARG B 4 11.43 0.97 -63.98
CA ARG B 4 12.44 1.66 -64.75
C ARG B 4 13.71 0.81 -64.87
N THR B 5 14.17 0.62 -66.09
CA THR B 5 15.26 -0.29 -66.37
C THR B 5 16.61 0.38 -66.10
N PRO B 6 17.60 -0.41 -65.69
CA PRO B 6 18.89 0.19 -65.34
C PRO B 6 19.60 0.78 -66.54
N LYS B 7 20.25 1.92 -66.33
CA LYS B 7 21.24 2.43 -67.26
C LYS B 7 22.62 1.95 -66.81
N ILE B 8 23.35 1.34 -67.73
CA ILE B 8 24.62 0.68 -67.41
C ILE B 8 25.73 1.40 -68.14
N GLN B 9 26.79 1.76 -67.42
CA GLN B 9 27.93 2.45 -68.00
C GLN B 9 29.21 1.85 -67.42
N VAL B 10 30.08 1.38 -68.30
CA VAL B 10 31.33 0.73 -67.91
C VAL B 10 32.48 1.64 -68.35
N TYR B 11 33.44 1.85 -67.45
CA TYR B 11 34.51 2.81 -67.69
C TYR B 11 35.61 2.56 -66.68
N SER B 12 36.77 3.12 -66.96
CA SER B 12 37.93 3.02 -66.08
C SER B 12 38.03 4.26 -65.22
N ARG B 13 38.60 4.09 -64.01
CA ARG B 13 38.79 5.24 -63.12
C ARG B 13 39.67 6.29 -63.78
N HIS B 14 40.78 5.88 -64.37
CA HIS B 14 41.68 6.74 -65.09
C HIS B 14 41.64 6.39 -66.58
N PRO B 15 42.09 7.29 -67.46
CA PRO B 15 42.28 6.91 -68.86
C PRO B 15 43.21 5.70 -68.95
N ALA B 16 42.69 4.62 -69.53
CA ALA B 16 43.39 3.34 -69.47
C ALA B 16 44.67 3.35 -70.29
N GLU B 17 45.69 2.69 -69.76
CA GLU B 17 46.96 2.48 -70.45
C GLU B 17 47.38 1.05 -70.17
N ASN B 18 47.70 0.30 -71.23
CA ASN B 18 48.02 -1.11 -71.08
C ASN B 18 49.23 -1.30 -70.17
N GLY B 19 49.15 -2.32 -69.30
CA GLY B 19 50.19 -2.57 -68.33
C GLY B 19 50.16 -1.71 -67.10
N LYS B 20 49.34 -0.66 -67.06
CA LYS B 20 49.26 0.24 -65.92
C LYS B 20 48.04 -0.11 -65.07
N SER B 21 48.25 -0.22 -63.75
CA SER B 21 47.18 -0.61 -62.85
C SER B 21 46.06 0.43 -62.86
N ASN B 22 44.84 -0.04 -62.65
CA ASN B 22 43.67 0.80 -62.82
C ASN B 22 42.48 0.17 -62.09
N PHE B 23 41.31 0.79 -62.22
CA PHE B 23 40.07 0.30 -61.64
C PHE B 23 38.98 0.31 -62.70
N LEU B 24 38.30 -0.82 -62.88
CA LEU B 24 37.20 -0.94 -63.82
C LEU B 24 35.88 -0.70 -63.09
N ASN B 25 35.12 0.28 -63.54
CA ASN B 25 33.89 0.70 -62.90
C ASN B 25 32.68 0.28 -63.72
N CYS B 26 31.63 -0.16 -63.02
CA CYS B 26 30.31 -0.35 -63.62
C CYS B 26 29.31 0.43 -62.78
N TYR B 27 28.81 1.52 -63.34
CA TYR B 27 27.86 2.40 -62.66
C TYR B 27 26.47 2.09 -63.18
N VAL B 28 25.58 1.66 -62.27
CA VAL B 28 24.23 1.25 -62.62
C VAL B 28 23.26 2.21 -61.94
N SER B 29 22.43 2.89 -62.73
CA SER B 29 21.65 4.01 -62.24
C SER B 29 20.26 4.03 -62.86
N GLY B 30 19.38 4.82 -62.24
CA GLY B 30 18.07 5.10 -62.78
C GLY B 30 17.08 3.96 -62.74
N PHE B 31 17.35 2.89 -61.99
CA PHE B 31 16.46 1.75 -61.97
C PHE B 31 15.49 1.83 -60.78
N HIS B 32 14.38 1.11 -60.91
CA HIS B 32 13.35 0.99 -59.89
C HIS B 32 12.48 -0.22 -60.22
N PRO B 33 12.18 -1.10 -59.26
CA PRO B 33 12.56 -1.07 -57.83
C PRO B 33 14.02 -1.43 -57.60
N SER B 34 14.42 -1.70 -56.35
CA SER B 34 15.82 -1.64 -55.96
C SER B 34 16.57 -2.97 -56.03
N ASP B 35 15.87 -4.10 -56.15
CA ASP B 35 16.56 -5.38 -56.27
C ASP B 35 17.31 -5.44 -57.59
N ILE B 36 18.59 -5.80 -57.53
CA ILE B 36 19.43 -5.82 -58.72
C ILE B 36 20.64 -6.70 -58.45
N GLU B 37 21.11 -7.38 -59.49
CA GLU B 37 22.30 -8.22 -59.43
C GLU B 37 23.30 -7.74 -60.49
N VAL B 38 24.55 -7.57 -60.09
CA VAL B 38 25.59 -7.01 -60.96
C VAL B 38 26.83 -7.88 -60.86
N ASP B 39 27.43 -8.16 -62.01
CA ASP B 39 28.68 -8.91 -62.09
C ASP B 39 29.63 -8.23 -63.06
N LEU B 40 30.90 -8.20 -62.69
CA LEU B 40 31.95 -7.81 -63.62
C LEU B 40 32.54 -9.05 -64.28
N LEU B 41 32.84 -8.93 -65.57
CA LEU B 41 33.29 -10.05 -66.37
C LEU B 41 34.66 -9.78 -66.95
N LYS B 42 35.50 -10.81 -66.94
CA LYS B 42 36.78 -10.79 -67.65
C LYS B 42 36.77 -11.97 -68.61
N ASN B 43 36.78 -11.66 -69.91
CA ASN B 43 36.70 -12.68 -70.97
C ASN B 43 35.49 -13.59 -70.78
N GLY B 44 34.40 -13.04 -70.24
CA GLY B 44 33.18 -13.79 -70.04
C GLY B 44 33.03 -14.43 -68.67
N GLU B 45 34.12 -14.62 -67.94
CA GLU B 45 34.07 -15.21 -66.61
C GLU B 45 33.82 -14.14 -65.55
N ARG B 46 33.09 -14.53 -64.50
CA ARG B 46 32.80 -13.61 -63.42
C ARG B 46 34.05 -13.36 -62.57
N ILE B 47 34.27 -12.10 -62.24
CA ILE B 47 35.39 -11.71 -61.39
C ILE B 47 34.99 -11.92 -59.93
N GLU B 48 35.86 -12.56 -59.17
CA GLU B 48 35.55 -12.95 -57.80
C GLU B 48 35.59 -11.77 -56.84
N LYS B 49 36.75 -11.13 -56.72
CA LYS B 49 36.92 -9.99 -55.80
C LYS B 49 36.41 -8.72 -56.47
N VAL B 50 35.14 -8.40 -56.21
CA VAL B 50 34.50 -7.22 -56.76
C VAL B 50 33.86 -6.45 -55.61
N GLU B 51 34.03 -5.13 -55.63
CA GLU B 51 33.47 -4.24 -54.62
C GLU B 51 32.26 -3.49 -55.16
N HIS B 52 31.50 -2.90 -54.26
CA HIS B 52 30.35 -2.10 -54.67
C HIS B 52 29.96 -1.13 -53.56
N SER B 53 29.50 0.04 -53.98
CA SER B 53 28.97 1.03 -53.05
C SER B 53 27.64 0.55 -52.47
N ASP B 54 27.23 1.21 -51.39
CA ASP B 54 25.89 0.98 -50.87
C ASP B 54 24.85 1.50 -51.85
N LEU B 55 23.67 0.89 -51.82
CA LEU B 55 22.55 1.37 -52.61
C LEU B 55 22.31 2.85 -52.34
N SER B 56 22.19 3.62 -53.41
CA SER B 56 22.07 5.07 -53.30
C SER B 56 20.75 5.52 -53.91
N PHE B 57 20.31 6.71 -53.50
CA PHE B 57 18.99 7.24 -53.80
C PHE B 57 19.14 8.53 -54.59
N SER B 58 18.38 8.65 -55.68
CA SER B 58 18.29 9.85 -56.48
C SER B 58 16.99 10.58 -56.15
N LYS B 59 16.97 11.89 -56.42
CA LYS B 59 15.79 12.68 -56.09
C LYS B 59 14.60 12.39 -57.00
N ASP B 60 14.80 11.70 -58.11
CA ASP B 60 13.69 11.25 -58.94
C ASP B 60 13.18 9.87 -58.54
N TRP B 61 13.56 9.39 -57.35
CA TRP B 61 13.13 8.18 -56.65
C TRP B 61 13.79 6.92 -57.19
N SER B 62 14.61 6.99 -58.22
CA SER B 62 15.33 5.82 -58.70
C SER B 62 16.58 5.61 -57.85
N PHE B 63 17.30 4.53 -58.14
CA PHE B 63 18.44 4.10 -57.33
C PHE B 63 19.67 3.97 -58.20
N TYR B 64 20.84 3.94 -57.55
CA TYR B 64 22.08 3.76 -58.30
C TYR B 64 23.14 3.09 -57.44
N LEU B 65 24.09 2.45 -58.13
CA LEU B 65 25.16 1.68 -57.52
C LEU B 65 26.41 1.81 -58.37
N LEU B 66 27.57 1.66 -57.72
CA LEU B 66 28.85 1.59 -58.41
C LEU B 66 29.55 0.30 -58.02
N TYR B 67 29.74 -0.59 -59.00
CA TYR B 67 30.55 -1.79 -58.85
C TYR B 67 31.92 -1.55 -59.46
N TYR B 68 32.96 -2.04 -58.78
CA TYR B 68 34.32 -1.77 -59.24
C TYR B 68 35.25 -2.89 -58.82
N THR B 69 36.34 -3.05 -59.58
CA THR B 69 37.42 -3.95 -59.23
C THR B 69 38.73 -3.39 -59.76
N GLU B 70 39.80 -3.64 -59.02
CA GLU B 70 41.13 -3.29 -59.50
C GLU B 70 41.53 -4.21 -60.64
N PHE B 71 42.28 -3.66 -61.61
CA PHE B 71 42.71 -4.46 -62.74
C PHE B 71 43.84 -3.75 -63.48
N THR B 72 44.53 -4.52 -64.31
CA THR B 72 45.53 -4.00 -65.25
C THR B 72 45.06 -4.34 -66.66
N PRO B 73 44.67 -3.35 -67.47
CA PRO B 73 44.19 -3.66 -68.82
C PRO B 73 45.31 -4.12 -69.73
N THR B 74 45.00 -5.11 -70.57
CA THR B 74 45.91 -5.62 -71.57
C THR B 74 45.22 -5.59 -72.93
N GLU B 75 46.01 -5.80 -73.97
CA GLU B 75 45.47 -5.83 -75.33
C GLU B 75 44.49 -6.99 -75.51
N LYS B 76 44.74 -8.11 -74.81
CA LYS B 76 44.03 -9.34 -75.12
C LYS B 76 42.70 -9.46 -74.38
N ASP B 77 42.57 -8.84 -73.21
CA ASP B 77 41.48 -9.15 -72.30
C ASP B 77 40.29 -8.23 -72.51
N GLU B 78 39.13 -8.82 -72.74
CA GLU B 78 37.86 -8.10 -72.85
C GLU B 78 37.14 -8.10 -71.50
N TYR B 79 36.58 -6.95 -71.14
CA TYR B 79 35.90 -6.76 -69.88
C TYR B 79 34.46 -6.33 -70.12
N ALA B 80 33.58 -6.73 -69.21
CA ALA B 80 32.16 -6.46 -69.37
C ALA B 80 31.49 -6.35 -68.01
N CYS B 81 30.27 -5.80 -68.01
CA CYS B 81 29.40 -5.74 -66.84
C CYS B 81 28.08 -6.39 -67.20
N ARG B 82 27.61 -7.29 -66.34
CA ARG B 82 26.39 -8.04 -66.59
C ARG B 82 25.40 -7.72 -65.47
N VAL B 83 24.22 -7.23 -65.84
CA VAL B 83 23.23 -6.73 -64.91
C VAL B 83 21.91 -7.46 -65.13
N ASN B 84 21.26 -7.82 -64.03
CA ASN B 84 19.90 -8.36 -64.10
C ASN B 84 18.99 -7.56 -63.20
N HIS B 85 17.74 -7.44 -63.63
CA HIS B 85 16.74 -6.60 -62.99
C HIS B 85 15.37 -7.16 -63.36
N VAL B 86 14.34 -6.73 -62.63
CA VAL B 86 13.01 -7.21 -62.93
C VAL B 86 12.56 -6.72 -64.31
N THR B 87 13.10 -5.59 -64.76
CA THR B 87 12.76 -5.04 -66.06
C THR B 87 13.46 -5.75 -67.22
N LEU B 88 14.33 -6.71 -66.95
CA LEU B 88 15.12 -7.37 -67.98
C LEU B 88 14.72 -8.83 -68.06
N SER B 89 14.26 -9.25 -69.25
CA SER B 89 13.85 -10.63 -69.45
C SER B 89 15.02 -11.59 -69.35
N GLN B 90 16.22 -11.12 -69.65
CA GLN B 90 17.45 -11.87 -69.50
C GLN B 90 18.54 -10.87 -69.15
N PRO B 91 19.63 -11.33 -68.51
CA PRO B 91 20.70 -10.38 -68.15
C PRO B 91 21.17 -9.58 -69.35
N LYS B 92 21.53 -8.32 -69.10
CA LYS B 92 22.09 -7.44 -70.12
C LYS B 92 23.58 -7.26 -69.87
N ILE B 93 24.39 -7.65 -70.84
CA ILE B 93 25.84 -7.53 -70.77
C ILE B 93 26.25 -6.28 -71.54
N VAL B 94 27.12 -5.47 -70.92
CA VAL B 94 27.67 -4.27 -71.55
C VAL B 94 29.18 -4.41 -71.54
N LYS B 95 29.80 -4.30 -72.72
CA LYS B 95 31.24 -4.46 -72.83
C LYS B 95 31.95 -3.15 -72.52
N TRP B 96 33.11 -3.26 -71.86
CA TRP B 96 33.97 -2.11 -71.67
C TRP B 96 34.59 -1.71 -73.01
N ASP B 97 34.31 -0.49 -73.45
CA ASP B 97 34.80 0.02 -74.72
C ASP B 97 35.75 1.19 -74.45
N ARG B 98 37.01 1.01 -74.80
CA ARG B 98 38.01 2.07 -74.64
C ARG B 98 38.56 2.50 -76.00
N MET C 1 -25.91 -1.99 1.30
CA MET C 1 -26.43 -2.11 2.66
C MET C 1 -26.34 -0.78 3.38
N ARG C 2 -27.33 -0.49 4.23
CA ARG C 2 -27.33 0.74 4.99
C ARG C 2 -26.30 0.65 6.12
N THR C 3 -26.13 1.76 6.85
CA THR C 3 -25.21 1.79 7.98
CA THR C 3 -25.21 1.79 7.98
C THR C 3 -25.84 1.08 9.18
N HIS C 4 -25.07 0.18 9.80
CA HIS C 4 -25.53 -0.55 10.97
C HIS C 4 -24.51 -0.37 12.10
N SER C 5 -24.96 -0.63 13.32
CA SER C 5 -24.13 -0.41 14.48
C SER C 5 -24.41 -1.47 15.54
N LEU C 6 -23.37 -1.81 16.28
CA LEU C 6 -23.46 -2.67 17.45
C LEU C 6 -22.82 -1.93 18.61
N ARG C 7 -23.50 -1.89 19.75
CA ARG C 7 -22.94 -1.22 20.92
CA ARG C 7 -22.96 -1.21 20.92
C ARG C 7 -23.51 -1.84 22.20
N TYR C 8 -22.66 -1.92 23.21
CA TYR C 8 -23.00 -2.49 24.51
C TYR C 8 -22.83 -1.41 25.57
N PHE C 9 -23.81 -1.27 26.45
CA PHE C 9 -23.73 -0.32 27.54
C PHE C 9 -23.57 -1.05 28.87
N ARG C 10 -22.97 -0.35 29.83
CA ARG C 10 -22.96 -0.81 31.22
C ARG C 10 -23.36 0.36 32.10
N LEU C 11 -24.16 0.07 33.13
CA LEU C 11 -24.55 1.08 34.10
C LEU C 11 -24.29 0.54 35.51
N GLY C 12 -23.48 1.25 36.27
CA GLY C 12 -23.24 0.93 37.67
C GLY C 12 -23.81 2.03 38.55
N VAL C 13 -24.51 1.63 39.60
CA VAL C 13 -25.10 2.57 40.54
C VAL C 13 -24.66 2.17 41.95
N SER C 14 -24.05 3.10 42.67
CA SER C 14 -23.73 2.89 44.07
C SER C 14 -24.91 3.32 44.94
N ASP C 15 -25.10 2.59 46.04
CA ASP C 15 -26.23 2.80 46.94
C ASP C 15 -27.58 2.86 46.19
N PRO C 16 -27.89 1.84 45.39
CA PRO C 16 -29.17 1.87 44.68
C PRO C 16 -30.34 1.76 45.65
N ILE C 17 -31.25 2.71 45.57
CA ILE C 17 -32.49 2.69 46.35
C ILE C 17 -33.54 1.92 45.57
N HIS C 18 -34.71 1.72 46.17
CA HIS C 18 -35.89 1.19 45.47
C HIS C 18 -35.55 -0.19 44.89
N GLY C 19 -35.92 -0.49 43.66
CA GLY C 19 -35.50 -1.70 42.97
C GLY C 19 -34.58 -1.39 41.80
N VAL C 20 -33.78 -0.35 41.95
CA VAL C 20 -32.75 -0.02 40.97
C VAL C 20 -31.64 -1.06 41.12
N PRO C 21 -31.30 -1.79 40.07
CA PRO C 21 -30.19 -2.74 40.17
C PRO C 21 -28.86 -2.01 40.33
N GLU C 22 -27.94 -2.69 41.01
CA GLU C 22 -26.59 -2.16 41.16
C GLU C 22 -25.84 -2.11 39.84
N PHE C 23 -26.20 -3.00 38.90
CA PHE C 23 -25.48 -3.11 37.64
C PHE C 23 -26.44 -3.58 36.55
N ILE C 24 -26.37 -2.94 35.39
CA ILE C 24 -27.15 -3.31 34.21
C ILE C 24 -26.22 -3.32 33.00
N SER C 25 -26.39 -4.30 32.13
CA SER C 25 -25.69 -4.32 30.84
C SER C 25 -26.67 -4.68 29.74
N VAL C 26 -26.68 -3.90 28.66
CA VAL C 26 -27.61 -4.08 27.55
C VAL C 26 -26.86 -3.89 26.23
N GLY C 27 -27.13 -4.76 25.26
CA GLY C 27 -26.56 -4.65 23.93
C GLY C 27 -27.64 -4.26 22.93
N TYR C 28 -27.23 -3.51 21.90
CA TYR C 28 -28.12 -3.09 20.83
C TYR C 28 -27.48 -3.37 19.48
N VAL C 29 -28.31 -3.75 18.50
CA VAL C 29 -27.97 -3.66 17.09
C VAL C 29 -28.90 -2.62 16.48
N ASP C 30 -28.33 -1.52 16.00
CA ASP C 30 -29.10 -0.33 15.62
C ASP C 30 -29.94 0.05 16.85
N SER C 31 -31.24 0.23 16.71
CA SER C 31 -32.09 0.60 17.84
C SER C 31 -32.68 -0.60 18.58
N HIS C 32 -32.32 -1.83 18.19
CA HIS C 32 -32.97 -2.99 18.77
C HIS C 32 -32.15 -3.55 19.92
N PRO C 33 -32.74 -3.78 21.08
CA PRO C 33 -32.01 -4.47 22.16
C PRO C 33 -31.80 -5.93 21.80
N ILE C 34 -30.60 -6.44 22.09
CA ILE C 34 -30.29 -7.82 21.70
C ILE C 34 -29.95 -8.67 22.92
N THR C 35 -29.31 -8.07 23.93
CA THR C 35 -28.89 -8.83 25.11
C THR C 35 -29.14 -7.99 26.36
N THR C 36 -29.28 -8.67 27.49
CA THR C 36 -29.45 -7.98 28.76
C THR C 36 -28.88 -8.81 29.90
N TYR C 37 -28.39 -8.11 30.92
CA TYR C 37 -27.90 -8.69 32.16
C TYR C 37 -28.09 -7.64 33.24
N ASP C 38 -28.43 -8.09 34.46
CA ASP C 38 -28.39 -7.17 35.59
C ASP C 38 -28.04 -7.95 36.86
N SER C 39 -27.72 -7.18 37.91
CA SER C 39 -27.28 -7.71 39.20
C SER C 39 -28.39 -8.42 39.97
N VAL C 40 -29.65 -8.26 39.58
CA VAL C 40 -30.73 -8.97 40.25
C VAL C 40 -30.90 -10.37 39.67
N THR C 41 -30.99 -10.46 38.34
CA THR C 41 -31.13 -11.77 37.71
C THR C 41 -29.80 -12.52 37.69
N ARG C 42 -28.69 -11.80 37.49
CA ARG C 42 -27.36 -12.39 37.39
C ARG C 42 -27.28 -13.38 36.22
N GLN C 43 -28.10 -13.15 35.19
CA GLN C 43 -28.11 -13.99 34.00
C GLN C 43 -28.07 -13.11 32.76
N GLU C 45 -29.26 -12.73 29.09
CA GLU C 45 -30.41 -13.24 28.37
C GLU C 45 -30.55 -12.58 27.01
N PRO C 46 -31.09 -13.27 26.02
CA PRO C 46 -31.42 -12.62 24.75
C PRO C 46 -32.60 -11.69 24.91
N ARG C 47 -32.59 -10.61 24.11
CA ARG C 47 -33.71 -9.67 24.09
C ARG C 47 -34.30 -9.48 22.70
N ALA C 48 -33.98 -10.38 21.76
CA ALA C 48 -34.55 -10.38 20.43
C ALA C 48 -34.78 -11.82 20.02
N PRO C 49 -35.89 -12.12 19.34
CA PRO C 49 -36.15 -13.51 18.94
C PRO C 49 -35.03 -14.12 18.10
N TRP C 50 -34.49 -13.35 17.15
CA TRP C 50 -33.46 -13.87 16.26
C TRP C 50 -32.11 -14.03 16.94
N MET C 51 -31.91 -13.42 18.12
CA MET C 51 -30.74 -13.74 18.93
C MET C 51 -30.94 -15.05 19.67
N ALA C 52 -32.12 -15.22 20.28
CA ALA C 52 -32.39 -16.45 21.02
C ALA C 52 -32.33 -17.67 20.11
N GLU C 53 -32.81 -17.54 18.87
CA GLU C 53 -32.92 -18.69 17.99
C GLU C 53 -31.58 -19.12 17.42
N ASN C 54 -30.58 -18.23 17.40
CA ASN C 54 -29.34 -18.48 16.67
C ASN C 54 -28.11 -18.62 17.57
N LEU C 55 -28.26 -18.44 18.88
CA LEU C 55 -27.14 -18.60 19.80
C LEU C 55 -27.50 -19.67 20.83
N ALA C 56 -26.70 -20.73 20.86
CA ALA C 56 -26.95 -21.86 21.73
C ALA C 56 -26.73 -21.49 23.19
N PRO C 57 -27.29 -22.27 24.12
CA PRO C 57 -27.18 -21.91 25.56
C PRO C 57 -25.75 -21.80 26.07
N ASP C 58 -24.78 -22.45 25.43
CA ASP C 58 -23.39 -22.28 25.84
C ASP C 58 -22.98 -20.82 25.81
N HIS C 59 -23.46 -20.08 24.81
CA HIS C 59 -23.12 -18.66 24.67
C HIS C 59 -23.60 -17.87 25.88
N TRP C 60 -24.89 -17.99 26.22
CA TRP C 60 -25.42 -17.27 27.36
C TRP C 60 -24.78 -17.72 28.67
N GLU C 61 -24.50 -19.03 28.78
CA GLU C 61 -23.80 -19.52 29.97
C GLU C 61 -22.42 -18.90 30.09
N ARG C 62 -21.72 -18.71 28.97
CA ARG C 62 -20.37 -18.16 29.02
C ARG C 62 -20.39 -16.68 29.39
N TYR C 63 -21.22 -15.89 28.70
CA TYR C 63 -21.22 -14.46 28.97
C TYR C 63 -21.94 -14.11 30.26
N THR C 64 -22.74 -15.02 30.82
CA THR C 64 -23.20 -14.84 32.19
C THR C 64 -22.03 -14.80 33.16
N GLN C 65 -21.07 -15.73 32.99
CA GLN C 65 -19.90 -15.73 33.86
C GLN C 65 -19.06 -14.47 33.67
N LEU C 66 -18.85 -14.06 32.42
CA LEU C 66 -18.09 -12.84 32.18
C LEU C 66 -18.76 -11.63 32.80
N LEU C 67 -20.08 -11.51 32.60
CA LEU C 67 -20.79 -10.33 33.09
C LEU C 67 -20.81 -10.26 34.61
N ARG C 68 -20.85 -11.42 35.29
CA ARG C 68 -20.75 -11.42 36.74
C ARG C 68 -19.40 -10.85 37.18
N GLY C 69 -18.33 -11.22 36.47
CA GLY C 69 -17.04 -10.62 36.74
C GLY C 69 -17.01 -9.13 36.44
N TRP C 70 -17.59 -8.73 35.31
CA TRP C 70 -17.60 -7.32 34.96
CA TRP C 70 -17.63 -7.31 34.94
C TRP C 70 -18.48 -6.51 35.91
N GLN C 71 -19.57 -7.10 36.41
CA GLN C 71 -20.34 -6.47 37.46
C GLN C 71 -19.46 -6.16 38.67
N GLN C 72 -18.52 -7.07 38.97
CA GLN C 72 -17.67 -6.89 40.13
C GLN C 72 -16.63 -5.80 39.92
N MET C 73 -16.00 -5.73 38.73
CA MET C 73 -15.03 -4.66 38.52
C MET C 73 -15.70 -3.30 38.49
N PHE C 74 -16.89 -3.22 37.90
CA PHE C 74 -17.60 -1.94 37.85
C PHE C 74 -17.90 -1.44 39.26
N LYS C 75 -18.28 -2.35 40.16
CA LYS C 75 -18.52 -1.98 41.54
C LYS C 75 -17.27 -1.37 42.17
N VAL C 76 -16.10 -1.96 41.92
CA VAL C 76 -14.87 -1.49 42.55
C VAL C 76 -14.40 -0.19 41.91
N GLU C 77 -14.47 -0.10 40.58
CA GLU C 77 -14.02 1.13 39.91
C GLU C 77 -14.86 2.33 40.34
N LEU C 78 -16.17 2.14 40.54
CA LEU C 78 -17.02 3.22 41.01
C LEU C 78 -16.64 3.65 42.42
N LYS C 79 -16.28 2.69 43.28
CA LYS C 79 -15.81 3.02 44.62
C LYS C 79 -14.53 3.86 44.55
N ARG C 80 -13.61 3.49 43.67
CA ARG C 80 -12.36 4.22 43.57
C ARG C 80 -12.59 5.62 43.00
N LEU C 81 -13.52 5.74 42.05
CA LEU C 81 -13.84 7.05 41.49
C LEU C 81 -14.41 7.98 42.55
N GLN C 82 -15.37 7.49 43.35
CA GLN C 82 -15.96 8.31 44.41
C GLN C 82 -14.91 8.75 45.42
N ARG C 83 -13.92 7.90 45.71
CA ARG C 83 -12.83 8.30 46.60
C ARG C 83 -11.99 9.40 45.99
N HIS C 84 -11.70 9.30 44.69
CA HIS C 84 -10.93 10.35 44.01
C HIS C 84 -11.65 11.70 44.10
N TYR C 85 -12.97 11.70 43.97
CA TYR C 85 -13.77 12.92 44.00
C TYR C 85 -14.23 13.29 45.40
N ASN C 86 -13.91 12.47 46.41
CA ASN C 86 -14.43 12.63 47.76
CA ASN C 86 -14.43 12.63 47.76
C ASN C 86 -15.95 12.80 47.72
N HIS C 87 -16.60 11.81 47.09
CA HIS C 87 -18.04 11.80 46.91
C HIS C 87 -18.68 10.76 47.82
N SER C 88 -19.76 11.16 48.48
CA SER C 88 -20.64 10.25 49.19
C SER C 88 -21.99 10.18 48.47
N GLY C 89 -22.79 9.20 48.88
CA GLY C 89 -24.10 8.99 48.28
C GLY C 89 -24.06 8.20 46.99
N SER C 90 -25.17 8.30 46.26
CA SER C 90 -25.39 7.49 45.07
C SER C 90 -24.83 8.20 43.83
N HIS C 91 -23.96 7.50 43.10
CA HIS C 91 -23.40 8.02 41.87
C HIS C 91 -23.41 6.92 40.82
N THR C 92 -23.24 7.32 39.56
CA THR C 92 -23.35 6.39 38.45
C THR C 92 -22.04 6.33 37.66
N TYR C 93 -21.81 5.15 37.08
CA TYR C 93 -20.65 4.88 36.24
C TYR C 93 -21.17 4.16 35.01
N GLN C 94 -20.81 4.67 33.83
CA GLN C 94 -21.37 4.14 32.59
C GLN C 94 -20.25 3.88 31.59
N ARG C 95 -20.51 2.94 30.69
CA ARG C 95 -19.58 2.55 29.64
C ARG C 95 -20.35 2.29 28.37
N MET C 96 -19.81 2.74 27.25
CA MET C 96 -20.35 2.44 25.93
C MET C 96 -19.22 2.02 25.03
N ILE C 97 -19.32 0.81 24.48
CA ILE C 97 -18.37 0.32 23.50
C ILE C 97 -19.17 -0.14 22.30
N GLY C 98 -18.59 0.00 21.11
CA GLY C 98 -19.31 -0.40 19.93
C GLY C 98 -18.59 -0.02 18.65
N CYS C 99 -19.22 -0.40 17.54
CA CYS C 99 -18.64 -0.21 16.22
C CYS C 99 -19.76 0.02 15.22
N GLU C 100 -19.40 0.63 14.09
CA GLU C 100 -20.35 0.85 13.01
C GLU C 100 -19.74 0.36 11.70
N LEU C 101 -20.58 -0.25 10.88
CA LEU C 101 -20.25 -0.65 9.52
C LEU C 101 -20.98 0.30 8.58
N LEU C 102 -20.23 1.16 7.89
CA LEU C 102 -20.85 2.19 7.08
C LEU C 102 -21.36 1.61 5.77
N GLU C 103 -22.15 2.42 5.06
CA GLU C 103 -22.63 2.03 3.74
C GLU C 103 -21.48 1.76 2.79
N ASP C 104 -20.45 2.60 2.81
CA ASP C 104 -19.36 2.46 1.86
C ASP C 104 -18.37 1.36 2.23
N GLY C 105 -18.62 0.62 3.31
CA GLY C 105 -17.78 -0.48 3.72
C GLY C 105 -16.76 -0.15 4.78
N SER C 106 -16.45 1.13 4.99
CA SER C 106 -15.51 1.49 6.03
C SER C 106 -16.16 1.30 7.41
N THR C 107 -15.33 1.36 8.45
CA THR C 107 -15.77 1.06 9.80
C THR C 107 -15.35 2.15 10.77
N THR C 108 -16.03 2.18 11.91
CA THR C 108 -15.66 3.04 13.03
C THR C 108 -15.87 2.25 14.31
N GLY C 109 -15.20 2.70 15.36
CA GLY C 109 -15.30 2.05 16.65
C GLY C 109 -15.12 3.06 17.75
N PHE C 110 -15.69 2.77 18.91
CA PHE C 110 -15.68 3.74 19.99
C PHE C 110 -15.76 3.02 21.34
N LEU C 111 -15.22 3.68 22.36
CA LEU C 111 -15.23 3.14 23.71
C LEU C 111 -15.13 4.33 24.65
N GLN C 112 -16.16 4.56 25.46
CA GLN C 112 -16.25 5.75 26.29
C GLN C 112 -16.78 5.39 27.66
N TYR C 113 -16.39 6.19 28.66
CA TYR C 113 -16.89 6.07 30.01
C TYR C 113 -17.49 7.40 30.45
N ALA C 114 -18.45 7.33 31.36
CA ALA C 114 -19.06 8.51 31.93
C ALA C 114 -19.23 8.32 33.43
N TYR C 115 -19.08 9.42 34.17
CA TYR C 115 -19.29 9.44 35.61
C TYR C 115 -20.39 10.46 35.90
N ASP C 116 -21.46 10.01 36.56
CA ASP C 116 -22.64 10.84 36.80
C ASP C 116 -23.21 11.39 35.49
N GLY C 117 -23.20 10.56 34.45
CA GLY C 117 -23.80 10.92 33.18
C GLY C 117 -23.05 11.94 32.37
N GLN C 118 -21.80 12.23 32.71
CA GLN C 118 -20.97 13.18 31.98
C GLN C 118 -19.72 12.48 31.48
N ASP C 119 -19.26 12.89 30.29
CA ASP C 119 -18.04 12.34 29.71
C ASP C 119 -16.93 12.27 30.74
N PHE C 120 -16.26 11.12 30.80
CA PHE C 120 -15.15 10.91 31.72
C PHE C 120 -13.87 10.51 30.99
N LEU C 121 -13.89 9.43 30.22
CA LEU C 121 -12.73 8.98 29.46
C LEU C 121 -13.16 8.52 28.07
N ILE C 122 -12.41 8.93 27.05
CA ILE C 122 -12.71 8.61 25.65
C ILE C 122 -11.47 7.93 25.07
N PHE C 123 -11.65 6.72 24.56
CA PHE C 123 -10.54 5.97 23.95
C PHE C 123 -10.34 6.44 22.52
N ASN C 124 -9.09 6.69 22.16
CA ASN C 124 -8.70 7.00 20.79
C ASN C 124 -7.89 5.80 20.29
N LYS C 125 -8.53 4.97 19.47
CA LYS C 125 -7.89 3.74 18.99
C LYS C 125 -6.86 4.01 17.91
N ASP C 126 -6.78 5.24 17.40
CA ASP C 126 -5.82 5.57 16.36
C ASP C 126 -4.45 5.97 16.88
N THR C 127 -4.38 6.48 18.12
CA THR C 127 -3.10 6.71 18.79
C THR C 127 -2.94 5.87 20.05
N LEU C 128 -3.89 4.98 20.35
CA LEU C 128 -3.82 4.10 21.51
C LEU C 128 -3.68 4.90 22.81
N SER C 129 -4.56 5.89 22.98
CA SER C 129 -4.51 6.76 24.14
C SER C 129 -5.92 7.03 24.65
N TRP C 130 -5.99 7.55 25.87
CA TRP C 130 -7.24 7.87 26.54
C TRP C 130 -7.32 9.37 26.75
N LEU C 131 -8.44 9.96 26.37
CA LEU C 131 -8.67 11.40 26.55
C LEU C 131 -9.46 11.60 27.85
N ALA C 132 -8.93 12.42 28.74
CA ALA C 132 -9.47 12.61 30.07
C ALA C 132 -10.07 14.00 30.21
N VAL C 133 -11.19 14.09 30.91
CA VAL C 133 -11.86 15.38 31.04
C VAL C 133 -11.32 16.19 32.21
N ASP C 134 -10.80 15.52 33.24
CA ASP C 134 -10.32 16.24 34.42
C ASP C 134 -9.16 15.47 35.04
N ASN C 135 -8.72 15.94 36.20
CA ASN C 135 -7.54 15.36 36.85
C ASN C 135 -7.79 13.95 37.38
N VAL C 136 -9.02 13.67 37.84
CA VAL C 136 -9.34 12.32 38.29
C VAL C 136 -9.31 11.35 37.10
N ALA C 137 -9.90 11.74 35.98
CA ALA C 137 -9.80 10.91 34.78
C ALA C 137 -8.37 10.77 34.32
N HIS C 138 -7.57 11.84 34.43
CA HIS C 138 -6.16 11.76 34.05
C HIS C 138 -5.42 10.72 34.88
N THR C 139 -5.74 10.63 36.17
CA THR C 139 -5.15 9.60 37.01
C THR C 139 -5.48 8.21 36.50
N ILE C 140 -6.74 7.98 36.13
CA ILE C 140 -7.14 6.69 35.59
C ILE C 140 -6.48 6.45 34.24
N LYS C 141 -6.38 7.50 33.42
CA LYS C 141 -5.78 7.38 32.09
C LYS C 141 -4.36 6.81 32.16
N GLN C 142 -3.55 7.33 33.10
CA GLN C 142 -2.14 6.96 33.15
C GLN C 142 -1.96 5.48 33.49
N ALA C 143 -2.82 4.93 34.34
CA ALA C 143 -2.73 3.50 34.63
C ALA C 143 -3.06 2.68 33.40
N TRP C 144 -4.14 3.03 32.70
CA TRP C 144 -4.56 2.25 31.54
C TRP C 144 -3.55 2.36 30.40
N GLU C 145 -3.01 3.55 30.16
CA GLU C 145 -2.03 3.73 29.10
C GLU C 145 -0.70 3.05 29.42
N ALA C 146 -0.47 2.63 30.66
CA ALA C 146 0.75 1.90 31.00
C ALA C 146 0.74 0.48 30.46
N ASN C 147 -0.43 -0.07 30.15
CA ASN C 147 -0.56 -1.46 29.69
C ASN C 147 -0.67 -1.42 28.17
N GLN C 148 0.47 -1.52 27.49
CA GLN C 148 0.48 -1.43 26.04
C GLN C 148 -0.31 -2.57 25.40
N HIS C 149 -0.16 -3.78 25.93
CA HIS C 149 -0.82 -4.94 25.32
C HIS C 149 -2.34 -4.83 25.40
N GLU C 150 -2.87 -4.29 26.50
CA GLU C 150 -4.32 -4.16 26.62
C GLU C 150 -4.84 -3.08 25.68
N LEU C 151 -4.07 -2.02 25.47
CA LEU C 151 -4.44 -1.02 24.47
C LEU C 151 -4.55 -1.65 23.08
N LEU C 152 -3.60 -2.51 22.72
CA LEU C 152 -3.63 -3.18 21.43
C LEU C 152 -4.80 -4.16 21.35
N TYR C 153 -5.04 -4.91 22.42
CA TYR C 153 -6.22 -5.79 22.46
C TYR C 153 -7.50 -4.99 22.22
N GLN C 154 -7.61 -3.81 22.83
CA GLN C 154 -8.83 -3.00 22.68
C GLN C 154 -9.00 -2.54 21.25
N LYS C 155 -7.93 -2.07 20.62
CA LYS C 155 -8.00 -1.66 19.22
C LYS C 155 -8.45 -2.82 18.34
N ASN C 156 -7.90 -4.01 18.57
CA ASN C 156 -8.28 -5.16 17.75
C ASN C 156 -9.75 -5.51 17.94
N TRP C 157 -10.24 -5.46 19.18
CA TRP C 157 -11.64 -5.81 19.41
C TRP C 157 -12.57 -4.85 18.68
N LEU C 158 -12.28 -3.55 18.76
CA LEU C 158 -13.14 -2.57 18.10
C LEU C 158 -13.09 -2.74 16.58
N GLU C 159 -11.91 -2.99 16.05
CA GLU C 159 -11.76 -2.97 14.60
C GLU C 159 -12.08 -4.32 13.95
N GLU C 160 -11.89 -5.42 14.66
CA GLU C 160 -12.08 -6.75 14.07
C GLU C 160 -13.21 -7.53 14.72
N GLU C 161 -13.13 -7.78 16.04
CA GLU C 161 -14.12 -8.62 16.70
C GLU C 161 -15.50 -7.98 16.68
N CYS C 162 -15.60 -6.68 16.99
CA CYS C 162 -16.91 -6.03 17.05
C CYS C 162 -17.57 -6.05 15.68
N ILE C 163 -16.81 -5.76 14.62
CA ILE C 163 -17.36 -5.78 13.27
C ILE C 163 -17.84 -7.19 12.92
N ALA C 164 -17.05 -8.20 13.28
CA ALA C 164 -17.43 -9.59 13.00
C ALA C 164 -18.68 -9.98 13.75
N TRP C 165 -18.80 -9.59 15.02
CA TRP C 165 -20.03 -9.83 15.76
C TRP C 165 -21.22 -9.15 15.07
N LEU C 166 -21.03 -7.89 14.67
CA LEU C 166 -22.11 -7.14 14.05
C LEU C 166 -22.58 -7.80 12.76
N LYS C 167 -21.64 -8.15 11.88
CA LYS C 167 -21.99 -8.86 10.65
C LYS C 167 -22.75 -10.16 10.95
N ARG C 168 -22.36 -10.84 12.03
CA ARG C 168 -23.05 -12.06 12.43
C ARG C 168 -24.48 -11.76 12.85
N PHE C 169 -24.66 -10.79 13.74
CA PHE C 169 -26.01 -10.46 14.21
C PHE C 169 -26.86 -9.89 13.10
N LEU C 170 -26.25 -9.19 12.15
CA LEU C 170 -27.01 -8.64 11.03
CA LEU C 170 -27.01 -8.64 11.03
C LEU C 170 -27.65 -9.75 10.20
N GLU C 171 -26.94 -10.87 10.02
CA GLU C 171 -27.50 -12.00 9.29
C GLU C 171 -28.61 -12.66 10.09
N TYR C 172 -28.38 -12.87 11.39
CA TYR C 172 -29.38 -13.48 12.25
C TYR C 172 -30.72 -12.75 12.15
N GLY C 173 -30.69 -11.42 12.21
CA GLY C 173 -31.91 -10.64 12.23
C GLY C 173 -32.20 -9.89 10.96
N LYS C 174 -31.79 -10.44 9.81
CA LYS C 174 -31.91 -9.71 8.55
C LYS C 174 -33.35 -9.42 8.19
N ASP C 175 -34.27 -10.35 8.47
CA ASP C 175 -35.68 -10.12 8.19
C ASP C 175 -36.23 -8.92 8.96
N THR C 176 -35.60 -8.55 10.06
CA THR C 176 -35.99 -7.35 10.81
C THR C 176 -35.14 -6.15 10.44
N LEU C 177 -33.81 -6.30 10.52
CA LEU C 177 -32.90 -5.17 10.46
C LEU C 177 -32.72 -4.62 9.05
N GLN C 178 -32.84 -5.44 8.02
CA GLN C 178 -32.58 -5.00 6.66
C GLN C 178 -33.84 -4.78 5.86
N ARG C 179 -35.01 -4.80 6.51
CA ARG C 179 -36.27 -4.55 5.84
C ARG C 179 -36.47 -3.05 5.65
N THR C 180 -37.45 -2.70 4.83
CA THR C 180 -37.82 -1.31 4.60
C THR C 180 -39.33 -1.19 4.63
N GLU C 181 -39.84 -0.27 5.44
CA GLU C 181 -41.25 0.10 5.40
C GLU C 181 -41.33 1.58 5.08
N PRO C 182 -41.85 1.98 3.92
CA PRO C 182 -41.79 3.37 3.51
C PRO C 182 -42.73 4.24 4.33
N PRO C 183 -42.44 5.52 4.44
CA PRO C 183 -43.29 6.38 5.28
C PRO C 183 -44.61 6.74 4.61
N LEU C 184 -45.63 6.91 5.44
CA LEU C 184 -46.86 7.59 5.06
C LEU C 184 -46.69 9.05 5.40
N VAL C 185 -46.81 9.94 4.41
CA VAL C 185 -46.51 11.35 4.59
C VAL C 185 -47.70 12.18 4.17
N ARG C 186 -48.10 13.13 5.01
CA ARG C 186 -49.19 14.05 4.72
C ARG C 186 -48.76 15.46 5.11
N VAL C 187 -49.37 16.45 4.46
CA VAL C 187 -49.15 17.85 4.79
C VAL C 187 -50.45 18.43 5.31
N ASN C 188 -50.37 19.12 6.46
CA ASN C 188 -51.52 19.76 7.07
C ASN C 188 -51.34 21.27 7.06
N ARG C 189 -52.42 22.00 6.73
CA ARG C 189 -52.44 23.45 6.69
C ARG C 189 -53.53 23.97 7.63
N LYS C 190 -53.22 25.03 8.37
CA LYS C 190 -54.18 25.59 9.31
C LYS C 190 -53.74 27.00 9.69
N GLU C 191 -54.71 27.92 9.75
CA GLU C 191 -54.46 29.24 10.31
C GLU C 191 -54.54 29.16 11.83
N THR C 192 -53.48 29.60 12.49
CA THR C 192 -53.41 29.52 13.94
C THR C 192 -53.73 30.86 14.58
N PHE C 193 -52.71 31.52 15.10
CA PHE C 193 -52.87 32.92 15.49
C PHE C 193 -53.33 33.71 14.27
N PRO C 194 -54.20 34.71 14.45
CA PRO C 194 -54.70 35.47 13.29
C PRO C 194 -53.59 35.97 12.39
N GLY C 195 -53.67 35.60 11.12
CA GLY C 195 -52.67 35.98 10.14
C GLY C 195 -51.53 35.00 9.99
N VAL C 196 -51.42 34.02 10.88
CA VAL C 196 -50.32 33.05 10.89
C VAL C 196 -50.87 31.70 10.43
N THR C 197 -50.24 31.12 9.42
CA THR C 197 -50.62 29.82 8.87
C THR C 197 -49.49 28.83 9.11
N ALA C 198 -49.81 27.74 9.81
CA ALA C 198 -48.85 26.70 10.14
C ALA C 198 -48.99 25.54 9.15
N LEU C 199 -47.88 25.11 8.58
CA LEU C 199 -47.81 23.94 7.72
C LEU C 199 -47.06 22.84 8.45
N PHE C 200 -47.69 21.68 8.60
CA PHE C 200 -47.06 20.52 9.22
C PHE C 200 -46.88 19.42 8.18
N CYS C 201 -45.66 18.90 8.08
CA CYS C 201 -45.35 17.74 7.26
C CYS C 201 -45.12 16.57 8.19
N LYS C 202 -46.00 15.56 8.12
CA LYS C 202 -46.03 14.49 9.12
C LYS C 202 -45.81 13.15 8.45
N ALA C 203 -44.91 12.35 9.02
CA ALA C 203 -44.57 11.03 8.50
C ALA C 203 -44.72 10.00 9.61
N HIS C 204 -45.23 8.82 9.24
CA HIS C 204 -45.34 7.72 10.19
C HIS C 204 -45.30 6.40 9.45
N GLY C 205 -45.17 5.32 10.22
CA GLY C 205 -45.19 3.98 9.68
C GLY C 205 -43.91 3.53 9.02
N PHE C 206 -42.80 4.25 9.20
CA PHE C 206 -41.59 3.96 8.46
C PHE C 206 -40.56 3.22 9.30
N TYR C 207 -39.75 2.39 8.62
CA TYR C 207 -38.59 1.72 9.17
C TYR C 207 -37.59 1.58 8.04
N PRO C 208 -36.29 1.83 8.28
CA PRO C 208 -35.63 2.18 9.55
C PRO C 208 -35.96 3.59 10.04
N PRO C 209 -35.62 3.94 11.29
CA PRO C 209 -35.99 5.27 11.81
C PRO C 209 -35.28 6.43 11.14
N GLU C 210 -34.18 6.19 10.44
CA GLU C 210 -33.47 7.28 9.78
C GLU C 210 -34.29 7.84 8.64
N ILE C 211 -34.69 9.11 8.76
CA ILE C 211 -35.52 9.78 7.76
C ILE C 211 -35.06 11.23 7.65
N TYR C 212 -35.14 11.79 6.45
CA TYR C 212 -34.80 13.17 6.19
C TYR C 212 -36.05 13.92 5.76
N MET C 213 -36.41 14.97 6.49
CA MET C 213 -37.54 15.82 6.17
C MET C 213 -37.10 17.28 6.18
N THR C 214 -37.55 18.06 5.20
CA THR C 214 -37.30 19.48 5.20
C THR C 214 -38.38 20.18 4.37
N TRP C 215 -38.46 21.49 4.57
CA TRP C 215 -39.38 22.35 3.84
C TRP C 215 -38.60 23.20 2.85
N MET C 216 -39.13 23.33 1.64
CA MET C 216 -38.50 24.10 0.58
C MET C 216 -39.45 25.16 0.07
N LYS C 217 -38.91 26.32 -0.28
CA LYS C 217 -39.67 27.43 -0.84
C LYS C 217 -39.21 27.66 -2.27
N ASN C 218 -40.15 27.57 -3.22
CA ASN C 218 -39.89 27.81 -4.64
C ASN C 218 -38.74 26.96 -5.18
N GLY C 219 -38.45 25.83 -4.53
CA GLY C 219 -37.45 24.90 -5.00
C GLY C 219 -36.09 25.00 -4.34
N GLU C 220 -35.84 26.06 -3.58
CA GLU C 220 -34.61 26.21 -2.83
C GLU C 220 -34.92 26.21 -1.34
N GLU C 221 -33.91 25.84 -0.55
CA GLU C 221 -34.09 25.76 0.90
C GLU C 221 -34.54 27.10 1.47
N ILE C 222 -35.49 27.04 2.39
CA ILE C 222 -35.96 28.26 3.04
C ILE C 222 -34.90 28.73 4.02
N VAL C 223 -35.03 29.97 4.49
CA VAL C 223 -34.23 30.46 5.59
C VAL C 223 -35.11 30.91 6.76
N GLN C 224 -36.34 30.41 6.80
CA GLN C 224 -37.22 30.62 7.95
C GLN C 224 -36.93 29.53 8.98
N GLU C 225 -37.60 29.63 10.13
CA GLU C 225 -37.41 28.65 11.20
C GLU C 225 -38.26 27.41 10.92
N ILE C 226 -37.59 26.27 10.73
CA ILE C 226 -38.28 24.99 10.71
C ILE C 226 -38.27 24.42 12.12
N ASP C 227 -39.42 23.91 12.54
CA ASP C 227 -39.54 23.13 13.77
C ASP C 227 -39.52 21.66 13.41
N TYR C 228 -38.75 20.88 14.17
CA TYR C 228 -38.62 19.45 13.93
C TYR C 228 -39.14 18.66 15.11
N GLY C 229 -39.93 17.63 14.83
CA GLY C 229 -40.33 16.70 15.84
C GLY C 229 -39.35 15.54 15.93
N ASP C 230 -39.27 14.96 17.13
CA ASP C 230 -38.39 13.82 17.32
C ASP C 230 -38.85 12.65 16.46
N ILE C 231 -37.92 11.75 16.15
CA ILE C 231 -38.26 10.47 15.55
C ILE C 231 -38.64 9.54 16.68
N LEU C 232 -39.93 9.25 16.79
CA LEU C 232 -40.51 8.58 17.94
C LEU C 232 -40.95 7.17 17.59
N PRO C 233 -40.77 6.21 18.50
CA PRO C 233 -41.28 4.86 18.26
C PRO C 233 -42.80 4.82 18.36
N SER C 234 -43.44 4.21 17.36
CA SER C 234 -44.89 4.07 17.39
C SER C 234 -45.34 2.87 18.22
N GLY C 235 -44.43 1.97 18.57
CA GLY C 235 -44.74 0.81 19.36
C GLY C 235 -44.90 -0.47 18.57
N ASP C 236 -45.09 -0.38 17.26
CA ASP C 236 -45.28 -1.56 16.41
C ASP C 236 -44.05 -1.85 15.56
N GLY C 237 -42.89 -1.32 15.93
CA GLY C 237 -41.68 -1.50 15.16
C GLY C 237 -41.39 -0.41 14.14
N THR C 238 -42.31 0.51 13.92
CA THR C 238 -42.14 1.61 12.98
C THR C 238 -42.07 2.94 13.73
N TYR C 239 -41.78 4.00 12.99
CA TYR C 239 -41.46 5.29 13.59
C TYR C 239 -42.29 6.40 12.95
N GLN C 240 -42.29 7.56 13.61
CA GLN C 240 -43.02 8.73 13.14
C GLN C 240 -42.24 9.98 13.49
N ALA C 241 -42.43 11.01 12.67
CA ALA C 241 -41.74 12.28 12.83
C ALA C 241 -42.49 13.33 12.02
N TRP C 242 -42.10 14.59 12.22
CA TRP C 242 -42.73 15.70 11.50
C TRP C 242 -41.78 16.88 11.43
N ALA C 243 -42.15 17.84 10.58
CA ALA C 243 -41.47 19.12 10.47
C ALA C 243 -42.50 20.17 10.06
N SER C 244 -42.33 21.40 10.56
CA SER C 244 -43.34 22.43 10.39
C SER C 244 -42.69 23.78 10.19
N ILE C 245 -43.42 24.67 9.50
CA ILE C 245 -43.00 26.05 9.23
C ILE C 245 -44.21 26.95 9.30
N GLU C 246 -43.95 28.26 9.27
CA GLU C 246 -44.98 29.28 9.21
C GLU C 246 -45.09 29.82 7.78
N LEU C 247 -46.30 30.16 7.37
CA LEU C 247 -46.57 30.56 6.00
C LEU C 247 -46.44 32.07 5.82
N ASP C 248 -46.62 32.52 4.58
CA ASP C 248 -46.74 33.94 4.25
C ASP C 248 -45.47 34.74 4.58
N ASN C 253 -43.66 31.83 -1.88
CA ASN C 253 -45.09 31.83 -2.20
C ASN C 253 -45.57 30.42 -2.51
N LEU C 254 -44.64 29.53 -2.83
CA LEU C 254 -44.95 28.13 -3.12
C LEU C 254 -44.05 27.24 -2.27
N TYR C 255 -44.68 26.42 -1.43
CA TYR C 255 -43.97 25.60 -0.44
C TYR C 255 -44.16 24.12 -0.75
N SER C 256 -43.17 23.32 -0.36
CA SER C 256 -43.23 21.87 -0.54
C SER C 256 -42.42 21.19 0.55
N CYS C 257 -42.88 20.03 0.97
CA CYS C 257 -42.16 19.19 1.92
C CYS C 257 -41.37 18.14 1.16
N HIS C 258 -40.11 17.95 1.53
CA HIS C 258 -39.25 16.95 0.92
C HIS C 258 -38.90 15.90 1.95
N VAL C 259 -39.09 14.63 1.60
CA VAL C 259 -38.86 13.50 2.49
C VAL C 259 -37.98 12.49 1.78
N GLU C 260 -36.86 12.13 2.39
CA GLU C 260 -35.97 11.11 1.87
C GLU C 260 -35.92 9.96 2.85
N HIS C 261 -36.25 8.75 2.37
CA HIS C 261 -36.21 7.57 3.23
C HIS C 261 -35.73 6.38 2.43
N SER C 262 -34.64 5.76 2.88
CA SER C 262 -34.10 4.52 2.32
C SER C 262 -33.98 4.61 0.80
N GLY C 263 -33.39 5.71 0.32
CA GLY C 263 -33.12 5.82 -1.09
C GLY C 263 -34.31 6.21 -1.95
N VAL C 264 -35.43 6.62 -1.35
CA VAL C 264 -36.58 7.11 -2.09
C VAL C 264 -36.84 8.54 -1.67
N HIS C 265 -37.00 9.43 -2.66
CA HIS C 265 -37.30 10.84 -2.42
C HIS C 265 -38.77 11.08 -2.71
N MET C 266 -39.41 11.90 -1.86
CA MET C 266 -40.83 12.19 -1.95
C MET C 266 -41.03 13.69 -1.81
N VAL C 267 -41.89 14.26 -2.64
CA VAL C 267 -42.20 15.68 -2.61
C VAL C 267 -43.69 15.85 -2.44
N LEU C 268 -44.08 16.74 -1.52
CA LEU C 268 -45.48 17.07 -1.29
C LEU C 268 -45.64 18.58 -1.43
N GLN C 269 -46.18 19.02 -2.56
CA GLN C 269 -46.44 20.43 -2.78
C GLN C 269 -47.67 20.86 -1.97
N VAL C 270 -47.61 22.06 -1.41
CA VAL C 270 -48.77 22.65 -0.76
C VAL C 270 -49.57 23.38 -1.83
N PRO C 271 -50.87 23.09 -1.97
CA PRO C 271 -51.76 23.65 -3.01
C PRO C 271 -51.72 25.18 -3.07
N GLY D 2 -13.04 -21.07 18.47
CA GLY D 2 -12.07 -21.98 19.04
C GLY D 2 -12.20 -23.40 18.51
N GLN D 3 -11.18 -23.86 17.80
CA GLN D 3 -11.24 -25.20 17.20
C GLN D 3 -9.91 -25.93 17.32
N ASN D 4 -8.86 -25.41 16.71
CA ASN D 4 -7.61 -26.16 16.60
C ASN D 4 -6.40 -25.25 16.72
N ILE D 5 -5.41 -25.72 17.48
CA ILE D 5 -4.10 -25.10 17.59
C ILE D 5 -3.07 -26.17 17.25
N ASP D 6 -2.14 -25.85 16.34
CA ASP D 6 -1.13 -26.80 15.89
C ASP D 6 0.24 -26.17 16.03
N GLN D 7 1.10 -26.84 16.82
CA GLN D 7 2.53 -26.59 16.89
C GLN D 7 3.26 -27.92 16.85
N PRO D 8 4.50 -27.94 16.36
CA PRO D 8 5.22 -29.22 16.26
C PRO D 8 5.39 -29.88 17.62
N THR D 9 5.47 -31.21 17.61
CA THR D 9 5.62 -31.96 18.85
C THR D 9 6.99 -31.71 19.48
N GLU D 10 8.03 -31.65 18.65
CA GLU D 10 9.40 -31.57 19.13
C GLU D 10 10.26 -30.91 18.07
N MET D 11 11.25 -30.15 18.53
CA MET D 11 12.23 -29.51 17.65
C MET D 11 13.61 -29.63 18.29
N THR D 12 14.61 -29.89 17.47
CA THR D 12 15.99 -30.00 17.91
C THR D 12 16.85 -29.00 17.15
N ALA D 13 17.62 -28.21 17.88
CA ALA D 13 18.54 -27.25 17.28
C ALA D 13 19.84 -27.28 18.06
N THR D 14 20.88 -26.67 17.48
CA THR D 14 22.22 -26.70 18.04
C THR D 14 22.45 -25.47 18.89
N GLU D 15 23.21 -25.65 19.98
CA GLU D 15 23.56 -24.56 20.88
C GLU D 15 24.23 -23.42 20.13
N GLY D 16 23.78 -22.19 20.40
CA GLY D 16 24.33 -21.02 19.76
C GLY D 16 23.69 -20.64 18.44
N ALA D 17 22.73 -21.42 17.96
CA ALA D 17 22.05 -21.13 16.71
C ALA D 17 20.66 -20.54 17.00
N ILE D 18 19.77 -20.61 16.02
CA ILE D 18 18.45 -19.99 16.11
CA ILE D 18 18.45 -20.01 16.14
C ILE D 18 17.41 -21.08 15.85
N VAL D 19 16.28 -20.98 16.54
CA VAL D 19 15.15 -21.88 16.29
C VAL D 19 13.87 -21.06 16.28
N GLN D 20 12.96 -21.43 15.37
CA GLN D 20 11.68 -20.77 15.20
C GLN D 20 10.59 -21.81 15.43
N ILE D 21 9.74 -21.57 16.43
CA ILE D 21 8.66 -22.48 16.79
C ILE D 21 7.37 -21.93 16.24
N ASN D 22 6.77 -22.63 15.29
CA ASN D 22 5.54 -22.19 14.64
C ASN D 22 4.30 -22.62 15.42
N CYS D 23 3.27 -21.79 15.36
CA CYS D 23 1.97 -22.10 15.96
C CYS D 23 0.90 -21.57 15.03
N THR D 24 0.14 -22.47 14.41
CA THR D 24 -0.98 -22.07 13.57
C THR D 24 -2.28 -22.32 14.31
N TYR D 25 -3.26 -21.46 14.06
CA TYR D 25 -4.53 -21.54 14.77
C TYR D 25 -5.68 -21.35 13.81
N GLN D 26 -6.74 -22.13 14.03
CA GLN D 26 -8.02 -21.98 13.36
C GLN D 26 -9.07 -21.83 14.47
N THR D 27 -9.51 -20.60 14.71
CA THR D 27 -10.43 -20.32 15.81
C THR D 27 -11.55 -19.41 15.32
N SER D 28 -12.72 -19.54 15.94
CA SER D 28 -13.82 -18.62 15.69
C SER D 28 -13.60 -17.39 16.54
N GLY D 29 -13.07 -16.33 15.93
CA GLY D 29 -12.70 -15.15 16.66
C GLY D 29 -11.28 -15.24 17.23
N PHE D 30 -10.71 -14.07 17.50
CA PHE D 30 -9.33 -13.98 17.94
C PHE D 30 -9.18 -12.78 18.85
N ASN D 31 -8.69 -13.02 20.08
CA ASN D 31 -8.44 -11.94 21.03
C ASN D 31 -7.01 -11.99 21.56
N GLY D 32 -6.11 -12.69 20.87
CA GLY D 32 -4.72 -12.68 21.27
C GLY D 32 -4.07 -14.04 21.26
N LEU D 33 -2.74 -14.07 21.13
CA LEU D 33 -1.97 -15.31 21.14
C LEU D 33 -0.88 -15.21 22.18
N PHE D 34 -0.77 -16.23 23.03
CA PHE D 34 0.22 -16.27 24.10
C PHE D 34 1.24 -17.36 23.84
N TRP D 35 2.47 -17.12 24.31
CA TRP D 35 3.50 -18.14 24.39
C TRP D 35 3.89 -18.32 25.85
N TYR D 36 3.98 -19.57 26.29
CA TYR D 36 4.45 -19.90 27.62
C TYR D 36 5.66 -20.82 27.51
N GLN D 37 6.57 -20.69 28.46
CA GLN D 37 7.69 -21.62 28.61
C GLN D 37 7.43 -22.49 29.83
N GLN D 38 7.70 -23.80 29.70
CA GLN D 38 7.53 -24.73 30.80
C GLN D 38 8.73 -25.66 30.84
N HIS D 39 9.60 -25.47 31.82
CA HIS D 39 10.69 -26.41 32.04
C HIS D 39 10.14 -27.73 32.58
N ALA D 40 10.89 -28.80 32.33
CA ALA D 40 10.46 -30.14 32.74
C ALA D 40 10.18 -30.18 34.23
N GLY D 41 8.99 -30.67 34.59
CA GLY D 41 8.59 -30.72 35.99
C GLY D 41 8.21 -29.39 36.60
N GLU D 42 8.33 -28.29 35.86
CA GLU D 42 7.98 -26.97 36.37
C GLU D 42 6.61 -26.56 35.85
N ALA D 43 6.16 -25.41 36.29
CA ALA D 43 4.92 -24.78 35.87
C ALA D 43 5.17 -23.86 34.67
N PRO D 44 4.19 -23.67 33.79
CA PRO D 44 4.39 -22.75 32.67
C PRO D 44 4.49 -21.32 33.16
N THR D 45 5.27 -20.52 32.44
CA THR D 45 5.40 -19.10 32.73
C THR D 45 5.21 -18.30 31.45
N PHE D 46 4.67 -17.09 31.61
CA PHE D 46 4.30 -16.26 30.47
C PHE D 46 5.54 -15.73 29.74
N LEU D 47 5.55 -15.87 28.42
CA LEU D 47 6.62 -15.34 27.58
C LEU D 47 6.19 -14.12 26.78
N SER D 48 5.05 -14.16 26.10
CA SER D 48 4.72 -13.09 25.18
C SER D 48 3.23 -13.12 24.85
N TYR D 49 2.75 -11.99 24.31
CA TYR D 49 1.38 -11.81 23.86
C TYR D 49 1.40 -10.97 22.59
N ASN D 50 0.74 -11.45 21.54
CA ASN D 50 0.54 -10.71 20.30
C ASN D 50 -0.95 -10.71 19.97
N VAL D 51 -1.44 -9.61 19.41
CA VAL D 51 -2.83 -9.56 18.97
C VAL D 51 -2.93 -8.82 17.65
N LEU D 52 -2.00 -7.91 17.39
CA LEU D 52 -1.91 -7.24 16.09
C LEU D 52 -0.66 -7.73 15.35
N ASP D 53 -0.61 -7.39 14.06
CA ASP D 53 0.48 -7.85 13.22
C ASP D 53 1.80 -7.21 13.63
N GLY D 54 2.86 -8.03 13.65
CA GLY D 54 4.18 -7.51 13.93
C GLY D 54 5.05 -8.44 14.76
N LEU D 55 6.24 -7.96 15.10
CA LEU D 55 7.23 -8.73 15.83
C LEU D 55 7.59 -7.98 17.11
N GLU D 56 7.51 -8.67 18.24
CA GLU D 56 7.88 -8.10 19.53
C GLU D 56 9.06 -8.87 20.10
N GLU D 57 10.06 -8.14 20.56
CA GLU D 57 11.31 -8.72 21.04
C GLU D 57 11.46 -8.49 22.54
N LYS D 58 11.88 -9.55 23.25
CA LYS D 58 12.10 -9.49 24.70
C LYS D 58 13.40 -10.24 24.98
N GLY D 59 14.53 -9.53 24.86
CA GLY D 59 15.82 -10.15 25.03
C GLY D 59 16.18 -11.05 23.87
N ARG D 60 16.47 -12.33 24.15
CA ARG D 60 16.76 -13.29 23.11
C ARG D 60 15.51 -13.86 22.46
N PHE D 61 14.32 -13.57 23.00
CA PHE D 61 13.08 -14.15 22.52
C PHE D 61 12.29 -13.08 21.77
N SER D 62 11.78 -13.46 20.60
CA SER D 62 10.91 -12.61 19.80
C SER D 62 9.68 -13.41 19.41
N SER D 63 8.50 -12.78 19.45
CA SER D 63 7.27 -13.43 19.06
C SER D 63 6.60 -12.65 17.93
N PHE D 64 6.17 -13.36 16.89
CA PHE D 64 5.64 -12.76 15.68
C PHE D 64 4.20 -13.21 15.49
N LEU D 65 3.36 -12.34 14.93
CA LEU D 65 1.98 -12.70 14.64
C LEU D 65 1.61 -12.21 13.24
N SER D 66 1.01 -13.10 12.45
CA SER D 66 0.37 -12.74 11.19
C SER D 66 -1.10 -13.10 11.30
N ARG D 67 -1.97 -12.09 11.27
CA ARG D 67 -3.40 -12.31 11.40
CA ARG D 67 -3.39 -12.34 11.41
C ARG D 67 -3.98 -12.90 10.12
N SER D 68 -3.55 -12.40 8.96
CA SER D 68 -4.10 -12.89 7.71
C SER D 68 -3.72 -14.34 7.45
N LYS D 69 -2.49 -14.72 7.80
CA LYS D 69 -2.04 -16.09 7.63
C LYS D 69 -2.38 -16.99 8.81
N GLY D 70 -2.83 -16.43 9.92
CA GLY D 70 -3.29 -17.24 11.02
C GLY D 70 -2.20 -18.08 11.67
N TYR D 71 -1.01 -17.51 11.84
CA TYR D 71 0.02 -18.22 12.56
C TYR D 71 0.91 -17.24 13.32
N SER D 72 1.59 -17.78 14.32
CA SER D 72 2.61 -17.08 15.07
C SER D 72 3.85 -17.96 15.10
N TYR D 73 5.00 -17.34 15.41
CA TYR D 73 6.16 -18.12 15.76
C TYR D 73 6.88 -17.47 16.94
N LEU D 74 7.49 -18.32 17.75
CA LEU D 74 8.39 -17.92 18.81
C LEU D 74 9.82 -18.14 18.34
N LEU D 75 10.63 -17.11 18.43
CA LEU D 75 11.97 -17.10 17.85
C LEU D 75 12.99 -16.92 18.96
N LEU D 76 13.88 -17.89 19.10
CA LEU D 76 14.93 -17.89 20.11
C LEU D 76 16.28 -17.75 19.41
N LYS D 77 17.02 -16.70 19.73
CA LYS D 77 18.35 -16.47 19.21
C LYS D 77 19.40 -16.90 20.23
N GLU D 78 20.59 -17.23 19.72
CA GLU D 78 21.74 -17.60 20.54
C GLU D 78 21.36 -18.66 21.57
N LEU D 79 20.96 -19.82 21.06
CA LEU D 79 20.40 -20.86 21.90
C LEU D 79 21.39 -21.34 22.96
N GLN D 80 20.92 -21.40 24.21
CA GLN D 80 21.67 -21.96 25.32
C GLN D 80 21.02 -23.27 25.76
N MET D 81 21.80 -24.08 26.47
CA MET D 81 21.28 -25.33 27.00
C MET D 81 20.03 -25.09 27.86
N LYS D 82 20.05 -24.02 28.67
CA LYS D 82 18.93 -23.74 29.56
C LYS D 82 17.64 -23.41 28.81
N ASP D 83 17.70 -23.23 27.49
CA ASP D 83 16.50 -23.07 26.69
C ASP D 83 15.76 -24.37 26.47
N SER D 84 16.35 -25.51 26.85
CA SER D 84 15.64 -26.79 26.78
C SER D 84 14.40 -26.73 27.66
N ALA D 85 13.23 -26.86 27.03
CA ALA D 85 11.95 -26.77 27.72
C ALA D 85 10.84 -27.02 26.70
N SER D 86 9.61 -27.06 27.21
CA SER D 86 8.44 -27.06 26.35
C SER D 86 7.93 -25.64 26.17
N TYR D 87 7.43 -25.35 24.98
CA TYR D 87 6.88 -24.04 24.66
C TYR D 87 5.44 -24.21 24.23
N LEU D 88 4.53 -23.60 24.98
CA LEU D 88 3.10 -23.75 24.77
C LEU D 88 2.55 -22.48 24.14
N CYS D 89 1.79 -22.65 23.06
CA CYS D 89 1.08 -21.57 22.40
CA CYS D 89 1.09 -21.54 22.44
C CYS D 89 -0.40 -21.68 22.72
N ALA D 90 -1.04 -20.54 23.00
CA ALA D 90 -2.45 -20.53 23.38
C ALA D 90 -3.12 -19.30 22.78
N VAL D 91 -4.36 -19.49 22.32
CA VAL D 91 -5.12 -18.45 21.64
C VAL D 91 -6.42 -18.22 22.40
N LYS D 92 -6.77 -16.96 22.62
CA LYS D 92 -8.06 -16.59 23.19
C LYS D 92 -9.05 -16.38 22.05
N ASP D 93 -10.19 -17.08 22.11
CA ASP D 93 -11.13 -17.03 21.01
C ASP D 93 -12.11 -15.87 21.20
N SER D 94 -13.20 -15.88 20.42
CA SER D 94 -14.16 -14.79 20.47
CA SER D 94 -14.16 -14.79 20.47
C SER D 94 -14.82 -14.67 21.83
N ASN D 95 -14.87 -15.75 22.61
CA ASN D 95 -15.49 -15.75 23.94
C ASN D 95 -14.44 -15.79 25.06
N TYR D 96 -13.19 -15.46 24.73
CA TYR D 96 -12.11 -15.31 25.70
C TYR D 96 -11.71 -16.64 26.35
N GLN D 97 -12.12 -17.75 25.74
CA GLN D 97 -11.63 -19.05 26.18
C GLN D 97 -10.23 -19.28 25.61
N LEU D 98 -9.36 -19.88 26.42
CA LEU D 98 -8.02 -20.20 25.96
C LEU D 98 -8.03 -21.56 25.27
N ILE D 99 -7.54 -21.60 24.05
CA ILE D 99 -7.32 -22.84 23.31
C ILE D 99 -5.82 -23.12 23.35
N TRP D 100 -5.44 -24.26 23.92
CA TRP D 100 -4.04 -24.59 24.17
C TRP D 100 -3.50 -25.55 23.12
N GLY D 101 -2.36 -25.20 22.55
CA GLY D 101 -1.59 -26.17 21.80
C GLY D 101 -0.98 -27.22 22.70
N ALA D 102 -0.64 -28.35 22.09
CA ALA D 102 -0.08 -29.45 22.87
C ALA D 102 1.37 -29.19 23.29
N GLY D 103 1.98 -28.12 22.82
CA GLY D 103 3.34 -27.81 23.24
C GLY D 103 4.39 -28.36 22.31
N THR D 104 5.52 -27.66 22.24
CA THR D 104 6.68 -28.10 21.48
C THR D 104 7.84 -28.31 22.46
N LYS D 105 8.34 -29.54 22.52
CA LYS D 105 9.52 -29.82 23.33
C LYS D 105 10.76 -29.44 22.52
N LEU D 106 11.54 -28.49 23.04
CA LEU D 106 12.73 -28.00 22.37
C LEU D 106 13.95 -28.70 22.95
N ILE D 107 14.71 -29.38 22.09
CA ILE D 107 15.92 -30.09 22.49
C ILE D 107 17.12 -29.36 21.90
N ILE D 108 18.11 -29.06 22.74
CA ILE D 108 19.30 -28.32 22.34
C ILE D 108 20.47 -29.29 22.32
N LYS D 109 21.13 -29.39 21.16
CA LYS D 109 22.33 -30.21 21.04
C LYS D 109 23.55 -29.37 21.39
N PRO D 110 24.37 -29.78 22.34
CA PRO D 110 25.56 -28.99 22.68
C PRO D 110 26.64 -29.15 21.62
N ASP D 111 27.45 -28.10 21.49
CA ASP D 111 28.54 -28.06 20.51
C ASP D 111 29.75 -28.73 21.13
N ILE D 112 29.86 -30.04 20.94
CA ILE D 112 30.91 -30.82 21.56
C ILE D 112 32.24 -30.51 20.88
N GLN D 113 33.18 -29.95 21.64
CA GLN D 113 34.41 -29.42 21.06
C GLN D 113 35.40 -30.53 20.72
N ASN D 114 35.71 -31.39 21.67
CA ASN D 114 36.70 -32.46 21.50
C ASN D 114 36.04 -33.80 21.80
N PRO D 115 35.27 -34.35 20.86
CA PRO D 115 34.67 -35.66 21.08
C PRO D 115 35.72 -36.72 21.36
N ASP D 116 35.40 -37.60 22.31
CA ASP D 116 36.27 -38.68 22.73
C ASP D 116 35.40 -39.88 23.07
N PRO D 117 34.66 -40.43 22.09
CA PRO D 117 33.66 -41.45 22.42
C PRO D 117 34.30 -42.66 23.10
N ALA D 118 33.60 -43.19 24.10
CA ALA D 118 34.15 -44.25 24.94
C ALA D 118 33.03 -44.90 25.73
N VAL D 119 33.24 -46.17 26.08
CA VAL D 119 32.32 -46.95 26.89
C VAL D 119 33.12 -47.53 28.04
N TYR D 120 32.95 -46.97 29.23
CA TYR D 120 33.59 -47.47 30.43
C TYR D 120 32.64 -48.35 31.22
N GLN D 121 33.21 -49.19 32.08
CA GLN D 121 32.44 -50.01 33.01
C GLN D 121 32.71 -49.51 34.43
N LEU D 122 31.64 -49.29 35.18
CA LEU D 122 31.72 -48.84 36.56
C LEU D 122 31.28 -49.95 37.49
N ARG D 123 31.84 -49.94 38.70
CA ARG D 123 31.56 -50.96 39.70
C ARG D 123 30.76 -50.37 40.85
N ASP D 124 29.96 -51.22 41.48
CA ASP D 124 29.18 -50.82 42.63
C ASP D 124 30.05 -50.81 43.87
N SER D 125 29.79 -49.86 44.77
CA SER D 125 30.48 -49.83 46.06
C SER D 125 29.62 -50.53 47.12
N LYS D 126 29.33 -51.80 46.83
CA LYS D 126 28.58 -52.64 47.76
C LYS D 126 28.80 -54.12 47.40
N VAL D 132 27.32 -51.10 35.75
CA VAL D 132 26.66 -50.34 34.70
C VAL D 132 27.71 -49.92 33.69
N CYS D 133 27.28 -49.68 32.45
CA CYS D 133 28.16 -49.26 31.37
C CYS D 133 27.81 -47.82 31.00
N LEU D 134 28.83 -46.99 30.80
CA LEU D 134 28.66 -45.56 30.53
C LEU D 134 29.22 -45.22 29.16
N PHE D 135 28.32 -44.95 28.22
CA PHE D 135 28.69 -44.35 26.93
C PHE D 135 28.80 -42.85 27.13
N THR D 136 29.95 -42.27 26.81
CA THR D 136 30.17 -40.87 27.15
C THR D 136 31.15 -40.23 26.17
N ASP D 137 31.15 -38.90 26.19
CA ASP D 137 32.11 -38.06 25.46
C ASP D 137 31.99 -38.21 23.95
N PHE D 138 30.78 -38.46 23.45
CA PHE D 138 30.57 -38.58 22.01
C PHE D 138 29.98 -37.30 21.43
N ASP D 139 30.11 -37.16 20.11
CA ASP D 139 29.59 -36.00 19.41
C ASP D 139 28.07 -35.98 19.46
N SER D 140 27.50 -34.77 19.42
CA SER D 140 26.06 -34.60 19.52
C SER D 140 25.30 -35.15 18.30
N GLN D 141 26.00 -35.53 17.22
CA GLN D 141 25.32 -36.17 16.11
C GLN D 141 24.86 -37.58 16.47
N THR D 142 25.56 -38.23 17.39
CA THR D 142 25.25 -39.61 17.75
C THR D 142 23.88 -39.71 18.43
N ASN D 143 23.12 -40.72 18.05
CA ASN D 143 21.83 -41.03 18.66
C ASN D 143 21.91 -42.38 19.36
N VAL D 144 21.31 -42.47 20.55
CA VAL D 144 21.34 -43.67 21.36
C VAL D 144 19.99 -44.38 21.23
N SER D 145 19.98 -45.50 20.53
CA SER D 145 18.75 -46.28 20.40
C SER D 145 18.45 -47.02 21.70
N GLN D 146 17.16 -47.12 22.03
CA GLN D 146 16.76 -47.85 23.22
C GLN D 146 17.14 -49.32 23.11
N SER D 147 17.24 -49.98 24.26
CA SER D 147 17.58 -51.39 24.29
C SER D 147 16.42 -52.21 23.75
N LYS D 148 16.72 -53.10 22.80
CA LYS D 148 15.67 -53.97 22.26
C LYS D 148 15.23 -55.00 23.30
N ASP D 149 16.19 -55.58 24.01
CA ASP D 149 15.87 -56.58 25.02
C ASP D 149 15.23 -55.92 26.23
N SER D 150 14.10 -56.48 26.67
CA SER D 150 13.33 -55.88 27.75
C SER D 150 14.03 -55.98 29.11
N ASP D 151 15.02 -56.86 29.24
CA ASP D 151 15.74 -57.01 30.50
C ASP D 151 17.03 -56.20 30.55
N VAL D 152 17.30 -55.39 29.52
CA VAL D 152 18.46 -54.51 29.49
C VAL D 152 17.94 -53.09 29.39
N TYR D 153 18.47 -52.20 30.23
CA TYR D 153 17.94 -50.86 30.40
C TYR D 153 18.94 -49.85 29.83
N ILE D 154 18.48 -49.00 28.92
CA ILE D 154 19.29 -47.95 28.31
C ILE D 154 18.53 -46.64 28.41
N THR D 155 19.20 -45.60 28.92
CA THR D 155 18.57 -44.32 29.12
C THR D 155 18.82 -43.38 27.94
N ASP D 156 18.00 -42.33 27.87
CA ASP D 156 18.25 -41.26 26.91
C ASP D 156 19.57 -40.58 27.21
N LYS D 157 20.13 -39.92 26.20
CA LYS D 157 21.40 -39.24 26.40
C LYS D 157 21.20 -37.95 27.19
N CYS D 158 22.20 -37.64 28.00
CA CYS D 158 22.13 -36.56 28.98
C CYS D 158 23.33 -35.65 28.79
N VAL D 159 23.11 -34.33 28.83
CA VAL D 159 24.17 -33.36 28.61
C VAL D 159 24.67 -32.86 29.95
N LEU D 160 25.98 -32.99 30.15
CA LEU D 160 26.67 -32.62 31.37
C LEU D 160 27.30 -31.24 31.21
N ASP D 161 27.36 -30.48 32.30
CA ASP D 161 28.02 -29.18 32.29
C ASP D 161 28.83 -29.01 33.57
N MET D 162 30.14 -28.94 33.42
CA MET D 162 31.06 -28.56 34.48
C MET D 162 31.43 -27.10 34.25
N ARG D 163 30.75 -26.19 34.96
CA ARG D 163 30.91 -24.77 34.68
C ARG D 163 32.31 -24.26 35.00
N SER D 164 32.99 -24.89 35.97
CA SER D 164 34.28 -24.38 36.38
C SER D 164 35.35 -24.61 35.31
N MET D 165 35.18 -25.64 34.48
CA MET D 165 36.12 -25.95 33.42
C MET D 165 35.58 -25.64 32.03
N ASP D 166 34.38 -25.07 31.95
CA ASP D 166 33.72 -24.75 30.68
C ASP D 166 33.76 -25.94 29.72
N PHE D 167 33.27 -27.08 30.21
CA PHE D 167 33.31 -28.33 29.48
C PHE D 167 31.92 -28.96 29.53
N LYS D 168 31.43 -29.37 28.36
CA LYS D 168 30.17 -30.10 28.25
C LYS D 168 30.44 -31.47 27.66
N SER D 169 29.59 -32.43 27.99
CA SER D 169 29.73 -33.78 27.46
C SER D 169 28.38 -34.49 27.48
N ASN D 170 28.13 -35.28 26.43
CA ASN D 170 26.99 -36.16 26.40
C ASN D 170 27.32 -37.45 27.15
N SER D 171 26.26 -38.15 27.59
CA SER D 171 26.43 -39.44 28.23
C SER D 171 25.13 -40.21 28.18
N ALA D 172 25.24 -41.53 28.21
CA ALA D 172 24.10 -42.42 28.34
C ALA D 172 24.53 -43.65 29.12
N VAL D 173 23.61 -44.17 29.92
CA VAL D 173 23.89 -45.27 30.84
C VAL D 173 23.11 -46.49 30.41
N ALA D 174 23.73 -47.66 30.54
CA ALA D 174 23.07 -48.94 30.31
C ALA D 174 23.43 -49.90 31.43
N TRP D 175 22.47 -50.73 31.83
CA TRP D 175 22.71 -51.73 32.87
C TRP D 175 21.74 -52.89 32.68
N SER D 176 22.09 -54.03 33.28
CA SER D 176 21.28 -55.24 33.13
C SER D 176 21.60 -56.21 34.25
N ASN D 177 20.56 -56.90 34.73
CA ASN D 177 20.70 -57.97 35.70
C ASN D 177 21.03 -59.30 35.06
N LYS D 178 21.00 -59.39 33.73
CA LYS D 178 21.22 -60.66 33.04
C LYS D 178 22.60 -61.22 33.33
N SER D 179 22.69 -62.54 33.40
CA SER D 179 23.97 -63.20 33.66
C SER D 179 25.00 -62.79 32.62
N ASP D 180 24.61 -62.73 31.35
CA ASP D 180 25.46 -62.22 30.29
C ASP D 180 25.10 -60.75 30.05
N PHE D 181 26.04 -59.87 30.36
CA PHE D 181 25.91 -58.47 29.95
C PHE D 181 27.31 -57.89 29.86
N ALA D 182 27.77 -57.66 28.63
CA ALA D 182 29.08 -57.06 28.39
C ALA D 182 28.90 -55.61 27.98
N CYS D 183 29.77 -54.74 28.49
CA CYS D 183 29.79 -53.37 28.01
C CYS D 183 30.20 -53.30 26.54
N ALA D 184 30.89 -54.34 26.04
CA ALA D 184 31.29 -54.36 24.65
C ALA D 184 30.09 -54.39 23.70
N ASN D 185 28.98 -55.00 24.11
CA ASN D 185 27.79 -55.11 23.29
C ASN D 185 26.59 -54.37 23.87
N ALA D 186 26.80 -53.53 24.88
CA ALA D 186 25.68 -52.87 25.55
C ALA D 186 24.93 -51.94 24.60
N PHE D 187 25.66 -51.16 23.81
CA PHE D 187 25.06 -50.21 22.86
C PHE D 187 25.12 -50.75 21.44
N ASN D 188 24.71 -52.01 21.26
CA ASN D 188 24.80 -52.65 19.96
C ASN D 188 23.75 -52.14 18.99
N ASN D 189 22.61 -51.67 19.49
CA ASN D 189 21.56 -51.19 18.58
C ASN D 189 21.79 -49.75 18.15
N SER D 190 22.39 -48.93 19.00
CA SER D 190 22.71 -47.57 18.61
C SER D 190 23.88 -47.57 17.61
N ILE D 191 23.89 -46.55 16.75
CA ILE D 191 24.95 -46.39 15.76
C ILE D 191 26.01 -45.50 16.38
N ILE D 192 27.12 -46.10 16.78
CA ILE D 192 28.13 -45.42 17.60
C ILE D 192 29.35 -45.10 16.73
N PRO D 193 30.20 -44.17 17.14
CA PRO D 193 31.39 -43.85 16.35
C PRO D 193 32.31 -45.06 16.21
N GLU D 194 32.98 -45.13 15.06
CA GLU D 194 33.90 -46.24 14.80
C GLU D 194 35.10 -46.20 15.73
N ASP D 195 35.57 -45.00 16.09
CA ASP D 195 36.75 -44.85 16.94
C ASP D 195 36.40 -44.83 18.42
N THR D 196 35.36 -45.55 18.83
CA THR D 196 34.92 -45.53 20.21
C THR D 196 35.84 -46.40 21.06
N PHE D 197 36.33 -45.84 22.16
CA PHE D 197 37.26 -46.52 23.05
C PHE D 197 36.54 -47.59 23.85
N PHE D 198 37.08 -48.81 23.86
CA PHE D 198 36.58 -49.92 24.66
C PHE D 198 37.72 -50.48 25.49
N PRO D 199 37.88 -50.01 26.73
CA PRO D 199 38.98 -50.49 27.57
C PRO D 199 38.75 -51.91 28.06
N SER D 200 39.84 -52.60 28.33
CA SER D 200 39.81 -53.98 28.77
C SER D 200 39.21 -54.09 30.17
N GLY E 4 3.67 -16.22 44.34
CA GLY E 4 2.47 -15.82 43.63
C GLY E 4 1.29 -16.73 43.90
N VAL E 5 1.22 -17.84 43.17
CA VAL E 5 0.17 -18.84 43.32
C VAL E 5 0.72 -20.01 44.12
N THR E 6 -0.02 -20.43 45.14
CA THR E 6 0.40 -21.51 46.04
C THR E 6 -0.64 -22.61 46.01
N GLN E 7 -0.24 -23.80 45.56
CA GLN E 7 -1.13 -24.97 45.57
C GLN E 7 -0.45 -26.12 46.30
N THR E 8 -1.27 -26.98 46.89
CA THR E 8 -0.83 -28.12 47.68
C THR E 8 -1.83 -29.26 47.47
N PRO E 9 -1.39 -30.52 47.59
CA PRO E 9 -0.03 -31.00 47.83
C PRO E 9 0.74 -31.11 46.53
N LYS E 10 2.07 -31.14 46.59
CA LYS E 10 2.85 -31.30 45.36
C LYS E 10 2.79 -32.74 44.86
N PHE E 11 2.65 -33.71 45.77
CA PHE E 11 2.52 -35.11 45.41
C PHE E 11 1.43 -35.74 46.27
N GLN E 12 0.71 -36.69 45.67
CA GLN E 12 -0.31 -37.44 46.40
C GLN E 12 -0.53 -38.78 45.71
N VAL E 13 -0.62 -39.84 46.51
CA VAL E 13 -1.05 -41.15 46.05
C VAL E 13 -2.47 -41.39 46.56
N LEU E 14 -3.32 -41.96 45.71
CA LEU E 14 -4.71 -42.21 46.07
C LEU E 14 -5.13 -43.60 45.63
N LYS E 15 -5.94 -44.24 46.48
CA LYS E 15 -6.62 -45.48 46.10
C LYS E 15 -7.95 -45.11 45.46
N THR E 16 -8.34 -45.88 44.45
CA THR E 16 -9.60 -45.62 43.74
C THR E 16 -10.75 -45.51 44.73
N GLY E 17 -11.60 -44.52 44.50
CA GLY E 17 -12.72 -44.27 45.38
C GLY E 17 -12.45 -43.31 46.52
N GLN E 18 -11.18 -43.01 46.80
CA GLN E 18 -10.86 -42.04 47.83
C GLN E 18 -11.31 -40.64 47.40
N SER E 19 -11.59 -39.81 48.40
CA SER E 19 -11.82 -38.39 48.17
C SER E 19 -10.51 -37.63 48.36
N MET E 20 -10.46 -36.43 47.80
CA MET E 20 -9.26 -35.61 47.90
C MET E 20 -9.60 -34.18 47.50
N THR E 21 -8.98 -33.22 48.19
CA THR E 21 -9.16 -31.81 47.89
C THR E 21 -7.79 -31.19 47.62
N LEU E 22 -7.68 -30.48 46.50
CA LEU E 22 -6.48 -29.74 46.16
CA LEU E 22 -6.47 -29.74 46.17
C LEU E 22 -6.69 -28.27 46.52
N GLN E 23 -5.71 -27.69 47.21
CA GLN E 23 -5.79 -26.31 47.67
C GLN E 23 -5.04 -25.39 46.71
N CYS E 24 -5.54 -24.16 46.60
CA CYS E 24 -4.86 -23.15 45.81
C CYS E 24 -5.23 -21.77 46.32
N ALA E 25 -4.21 -20.95 46.57
CA ALA E 25 -4.39 -19.58 47.01
C ALA E 25 -3.43 -18.68 46.24
N GLN E 26 -3.88 -17.45 45.98
CA GLN E 26 -3.04 -16.44 45.35
C GLN E 26 -3.13 -15.15 46.15
N ASP E 27 -1.98 -14.52 46.37
CA ASP E 27 -1.90 -13.26 47.09
C ASP E 27 -1.61 -12.09 46.15
N MET E 28 -2.15 -12.14 44.93
CA MET E 28 -1.93 -11.12 43.93
C MET E 28 -3.17 -10.26 43.68
N ASN E 29 -4.22 -10.42 44.50
CA ASN E 29 -5.47 -9.68 44.34
C ASN E 29 -6.08 -9.92 42.96
N HIS E 30 -5.93 -11.16 42.48
CA HIS E 30 -6.53 -11.54 41.21
C HIS E 30 -7.98 -11.96 41.42
N ASN E 31 -8.80 -11.75 40.39
CA ASN E 31 -10.22 -12.06 40.45
C ASN E 31 -10.56 -13.40 39.83
N SER E 32 -9.80 -13.86 38.83
CA SER E 32 -10.10 -15.08 38.09
C SER E 32 -9.15 -16.18 38.48
N MET E 33 -9.67 -17.39 38.67
CA MET E 33 -8.86 -18.54 39.02
C MET E 33 -9.31 -19.75 38.22
N TYR E 34 -8.40 -20.70 38.05
CA TYR E 34 -8.56 -21.78 37.08
C TYR E 34 -7.96 -23.07 37.64
N TRP E 35 -8.54 -24.20 37.26
CA TRP E 35 -7.96 -25.50 37.53
C TRP E 35 -7.77 -26.24 36.22
N TYR E 36 -6.53 -26.57 35.90
CA TYR E 36 -6.16 -27.30 34.70
C TYR E 36 -5.59 -28.65 35.08
N ARG E 37 -5.70 -29.62 34.18
CA ARG E 37 -4.92 -30.84 34.26
C ARG E 37 -4.08 -30.95 33.00
N GLN E 38 -2.85 -31.42 33.15
CA GLN E 38 -1.92 -31.60 32.04
C GLN E 38 -1.63 -33.08 31.88
N ASP E 39 -1.90 -33.60 30.69
CA ASP E 39 -1.62 -34.99 30.36
C ASP E 39 -0.72 -35.03 29.12
N PRO E 40 0.11 -36.07 28.99
CA PRO E 40 1.07 -36.12 27.87
C PRO E 40 0.36 -36.09 26.52
N GLY E 41 0.92 -35.29 25.61
CA GLY E 41 0.47 -35.29 24.23
C GLY E 41 -0.80 -34.52 23.93
N MET E 42 -1.22 -33.63 24.82
CA MET E 42 -2.38 -32.80 24.51
C MET E 42 -2.25 -31.48 25.27
N GLY E 43 -2.96 -30.47 24.81
CA GLY E 43 -2.95 -29.19 25.47
C GLY E 43 -3.61 -29.25 26.84
N LEU E 44 -3.26 -28.27 27.67
CA LEU E 44 -3.93 -28.10 28.95
C LEU E 44 -5.43 -28.14 28.79
N ARG E 45 -6.11 -28.79 29.73
CA ARG E 45 -7.56 -28.90 29.69
C ARG E 45 -8.15 -28.29 30.95
N LEU E 46 -9.07 -27.35 30.76
CA LEU E 46 -9.69 -26.66 31.87
C LEU E 46 -10.74 -27.56 32.52
N ILE E 47 -10.67 -27.69 33.84
CA ILE E 47 -11.61 -28.51 34.59
C ILE E 47 -12.75 -27.62 35.05
N TYR E 48 -12.44 -26.65 35.90
CA TYR E 48 -13.38 -25.62 36.33
C TYR E 48 -12.65 -24.30 36.37
N TYR E 49 -13.42 -23.21 36.31
CA TYR E 49 -12.86 -21.88 36.47
C TYR E 49 -13.81 -21.02 37.29
N SER E 50 -13.29 -19.89 37.75
CA SER E 50 -14.05 -18.94 38.56
C SER E 50 -13.68 -17.55 38.06
N ALA E 51 -14.57 -16.97 37.24
CA ALA E 51 -14.27 -15.68 36.62
C ALA E 51 -14.12 -14.57 37.66
N SER E 52 -14.81 -14.69 38.79
CA SER E 52 -14.75 -13.68 39.84
C SER E 52 -15.17 -14.36 41.14
N GLU E 53 -14.83 -13.72 42.26
CA GLU E 53 -15.31 -14.18 43.56
C GLU E 53 -16.83 -14.30 43.53
N GLY E 54 -17.33 -15.43 44.00
CA GLY E 54 -18.76 -15.68 44.05
C GLY E 54 -19.38 -16.21 42.79
N THR E 55 -18.58 -16.72 41.84
CA THR E 55 -19.13 -17.45 40.71
C THR E 55 -18.08 -18.43 40.20
N THR E 56 -18.54 -19.61 39.80
CA THR E 56 -17.72 -20.64 39.19
C THR E 56 -18.49 -21.24 38.04
N ASP E 57 -17.79 -21.92 37.13
CA ASP E 57 -18.47 -22.64 36.06
C ASP E 57 -17.57 -23.75 35.57
N LYS E 58 -18.20 -24.73 34.91
CA LYS E 58 -17.47 -25.87 34.38
C LYS E 58 -16.55 -25.45 33.24
N GLY E 59 -15.42 -26.14 33.15
CA GLY E 59 -14.51 -26.02 32.03
C GLY E 59 -14.77 -27.11 31.01
N GLU E 60 -13.68 -27.60 30.40
CA GLU E 60 -13.81 -28.60 29.35
C GLU E 60 -14.01 -30.01 29.90
N VAL E 61 -13.36 -30.34 31.01
CA VAL E 61 -13.40 -31.71 31.52
C VAL E 61 -13.87 -31.74 32.98
N PRO E 62 -15.13 -31.39 33.27
CA PRO E 62 -15.54 -31.24 34.67
C PRO E 62 -15.95 -32.54 35.37
N ASN E 63 -16.26 -33.60 34.63
CA ASN E 63 -16.83 -34.79 35.25
C ASN E 63 -15.83 -35.47 36.18
N GLY E 64 -16.30 -35.84 37.37
CA GLY E 64 -15.45 -36.34 38.43
C GLY E 64 -14.91 -35.29 39.37
N TYR E 65 -15.15 -34.00 39.10
CA TYR E 65 -14.57 -32.92 39.87
C TYR E 65 -15.65 -31.95 40.33
N ASN E 66 -15.30 -31.16 41.34
N ASN E 66 -15.29 -31.17 41.36
CA ASN E 66 -16.08 -29.96 41.68
CA ASN E 66 -16.07 -30.04 41.85
C ASN E 66 -15.17 -29.00 42.41
C ASN E 66 -15.10 -28.99 42.35
N VAL E 67 -15.56 -27.73 42.42
CA VAL E 67 -14.72 -26.65 42.92
C VAL E 67 -15.50 -25.76 43.88
N SER E 68 -14.76 -25.04 44.71
CA SER E 68 -15.31 -24.03 45.60
C SER E 68 -14.40 -22.80 45.54
N ARG E 69 -14.97 -21.67 45.13
CA ARG E 69 -14.31 -20.37 45.28
C ARG E 69 -14.65 -19.87 46.67
N LEU E 70 -13.78 -20.21 47.63
CA LEU E 70 -14.06 -19.94 49.03
C LEU E 70 -14.05 -18.45 49.35
N ASN E 71 -13.19 -17.70 48.68
CA ASN E 71 -13.05 -16.25 48.83
C ASN E 71 -12.25 -15.77 47.63
N LYS E 72 -11.84 -14.50 47.65
CA LYS E 72 -11.11 -13.97 46.51
C LYS E 72 -9.77 -14.66 46.33
N ARG E 73 -9.15 -15.11 47.42
CA ARG E 73 -7.81 -15.68 47.35
C ARG E 73 -7.78 -17.17 47.00
N GLU E 74 -8.82 -17.92 47.35
CA GLU E 74 -8.71 -19.37 47.36
C GLU E 74 -9.72 -20.04 46.43
N PHE E 75 -9.30 -21.17 45.86
CA PHE E 75 -10.07 -21.89 44.86
C PHE E 75 -9.69 -23.36 44.99
N SER E 76 -10.52 -24.13 45.69
N SER E 76 -10.52 -24.13 45.68
CA SER E 76 -10.25 -25.53 45.95
CA SER E 76 -10.25 -25.53 45.96
C SER E 76 -10.78 -26.40 44.83
C SER E 76 -10.82 -26.42 44.87
N LEU E 77 -10.13 -27.54 44.63
CA LEU E 77 -10.54 -28.55 43.65
C LEU E 77 -10.78 -29.86 44.36
N ARG E 78 -11.92 -30.48 44.08
CA ARG E 78 -12.38 -31.66 44.81
C ARG E 78 -12.52 -32.84 43.86
N LEU E 79 -11.89 -33.95 44.22
CA LEU E 79 -12.13 -35.23 43.56
C LEU E 79 -13.09 -36.03 44.43
N GLU E 80 -14.29 -36.29 43.91
CA GLU E 80 -15.34 -36.89 44.71
C GLU E 80 -15.06 -38.38 44.97
N SER E 81 -14.87 -39.16 43.91
CA SER E 81 -14.54 -40.58 44.01
C SER E 81 -13.42 -40.84 43.00
N ALA E 82 -12.18 -40.80 43.48
CA ALA E 82 -11.02 -40.79 42.60
C ALA E 82 -11.01 -42.00 41.68
N ALA E 83 -10.67 -41.76 40.41
CA ALA E 83 -10.58 -42.79 39.39
C ALA E 83 -9.16 -42.81 38.83
N PRO E 84 -8.68 -43.98 38.37
CA PRO E 84 -7.33 -44.03 37.78
C PRO E 84 -7.14 -43.10 36.59
N SER E 85 -8.21 -42.77 35.86
CA SER E 85 -8.09 -41.82 34.75
C SER E 85 -7.85 -40.40 35.24
N GLN E 86 -7.97 -40.14 36.54
CA GLN E 86 -7.67 -38.83 37.09
C GLN E 86 -6.21 -38.70 37.53
N THR E 87 -5.42 -39.75 37.34
CA THR E 87 -3.97 -39.65 37.46
C THR E 87 -3.45 -38.65 36.44
N SER E 88 -2.89 -37.54 36.92
CA SER E 88 -2.55 -36.42 36.06
C SER E 88 -1.70 -35.44 36.87
N VAL E 89 -1.31 -34.35 36.20
CA VAL E 89 -0.67 -33.21 36.84
C VAL E 89 -1.66 -32.06 36.81
N TYR E 90 -1.97 -31.52 37.98
CA TYR E 90 -2.99 -30.49 38.13
C TYR E 90 -2.31 -29.15 38.37
N PHE E 91 -2.76 -28.12 37.64
CA PHE E 91 -2.23 -26.78 37.79
C PHE E 91 -3.36 -25.83 38.14
N CYS E 92 -3.16 -25.07 39.21
CA CYS E 92 -4.01 -23.94 39.50
C CYS E 92 -3.41 -22.69 38.89
N ALA E 93 -4.26 -21.81 38.39
CA ALA E 93 -3.79 -20.59 37.76
C ALA E 93 -4.76 -19.46 38.08
N SER E 94 -4.25 -18.23 38.00
CA SER E 94 -5.06 -17.05 38.24
C SER E 94 -4.61 -15.94 37.30
N SER E 95 -5.53 -15.01 37.05
CA SER E 95 -5.28 -13.82 36.25
C SER E 95 -6.08 -12.67 36.84
N VAL E 96 -5.74 -11.45 36.42
CA VAL E 96 -6.39 -10.26 36.97
C VAL E 96 -7.89 -10.30 36.69
N TRP E 97 -8.26 -10.31 35.42
CA TRP E 97 -9.64 -10.59 35.03
C TRP E 97 -9.65 -11.45 33.78
N THR E 98 -10.59 -12.39 33.72
CA THR E 98 -10.98 -12.93 32.42
C THR E 98 -11.79 -11.87 31.68
N GLY E 99 -11.80 -11.97 30.35
CA GLY E 99 -12.40 -10.93 29.56
C GLY E 99 -11.54 -9.71 29.36
N GLU E 100 -10.40 -9.64 30.05
CA GLU E 100 -9.32 -8.73 29.71
C GLU E 100 -8.41 -9.46 28.73
N GLY E 101 -8.39 -9.00 27.47
CA GLY E 101 -7.85 -9.82 26.39
C GLY E 101 -6.39 -10.19 26.56
N SER E 102 -5.59 -9.26 27.06
CA SER E 102 -4.14 -9.42 27.12
C SER E 102 -3.65 -10.01 28.44
N GLY E 103 -4.54 -10.20 29.41
CA GLY E 103 -4.11 -10.66 30.72
C GLY E 103 -3.60 -12.10 30.67
N GLU E 104 -2.42 -12.34 31.22
CA GLU E 104 -1.80 -13.65 31.16
C GLU E 104 -2.12 -14.44 32.42
N LEU E 105 -1.79 -15.73 32.39
CA LEU E 105 -2.03 -16.63 33.51
C LEU E 105 -0.77 -16.75 34.37
N PHE E 106 -0.99 -16.93 35.67
CA PHE E 106 0.06 -17.22 36.63
C PHE E 106 -0.22 -18.58 37.24
N PHE E 107 0.73 -19.51 37.10
CA PHE E 107 0.51 -20.90 37.48
C PHE E 107 1.14 -21.21 38.83
N GLY E 108 0.47 -22.09 39.58
CA GLY E 108 1.08 -22.72 40.73
C GLY E 108 2.04 -23.82 40.32
N GLU E 109 2.73 -24.39 41.31
CA GLU E 109 3.79 -25.33 41.04
C GLU E 109 3.30 -26.68 40.54
N GLY E 110 2.01 -26.96 40.64
CA GLY E 110 1.49 -28.22 40.11
C GLY E 110 1.38 -29.28 41.19
N SER E 111 0.42 -30.18 40.98
CA SER E 111 0.13 -31.28 41.92
C SER E 111 0.11 -32.59 41.15
N ARG E 112 1.02 -33.49 41.50
CA ARG E 112 1.14 -34.80 40.85
C ARG E 112 0.26 -35.80 41.60
N LEU E 113 -0.83 -36.22 40.96
CA LEU E 113 -1.79 -37.14 41.54
C LEU E 113 -1.72 -38.48 40.81
N THR E 114 -1.55 -39.55 41.57
CA THR E 114 -1.58 -40.91 41.04
C THR E 114 -2.67 -41.70 41.75
N VAL E 115 -3.59 -42.26 40.99
CA VAL E 115 -4.70 -43.04 41.51
C VAL E 115 -4.46 -44.50 41.16
N LEU E 116 -4.59 -45.38 42.13
CA LEU E 116 -4.29 -46.79 41.97
C LEU E 116 -5.47 -47.63 42.45
N GLU E 117 -5.61 -48.83 41.87
CA GLU E 117 -6.65 -49.74 42.32
C GLU E 117 -6.40 -50.18 43.76
N ASP E 118 -5.15 -50.45 44.09
CA ASP E 118 -4.73 -50.69 45.47
C ASP E 118 -3.36 -50.07 45.66
N LEU E 119 -2.87 -50.09 46.90
CA LEU E 119 -1.60 -49.49 47.23
C LEU E 119 -0.46 -50.51 47.33
N LYS E 120 -0.69 -51.76 46.91
CA LYS E 120 0.27 -52.82 47.15
C LYS E 120 1.42 -52.83 46.14
N ASN E 121 1.35 -52.05 45.06
CA ASN E 121 2.46 -51.92 44.14
C ASN E 121 3.32 -50.70 44.42
N VAL E 122 2.98 -49.91 45.44
CA VAL E 122 3.79 -48.74 45.77
C VAL E 122 5.10 -49.21 46.40
N PHE E 123 6.22 -48.81 45.81
CA PHE E 123 7.54 -49.23 46.24
C PHE E 123 8.49 -48.05 46.28
N PRO E 124 9.31 -47.95 47.32
CA PRO E 124 10.38 -46.95 47.32
C PRO E 124 11.52 -47.42 46.42
N PRO E 125 12.44 -46.53 46.08
CA PRO E 125 13.57 -46.94 45.24
C PRO E 125 14.74 -47.53 46.02
N GLU E 126 15.44 -48.44 45.36
CA GLU E 126 16.78 -48.85 45.77
C GLU E 126 17.78 -47.94 45.08
N VAL E 127 18.70 -47.36 45.86
CA VAL E 127 19.65 -46.39 45.37
C VAL E 127 21.05 -46.98 45.45
N ALA E 128 21.85 -46.78 44.41
CA ALA E 128 23.21 -47.27 44.36
C ALA E 128 24.08 -46.28 43.60
N VAL E 129 25.27 -46.02 44.13
CA VAL E 129 26.27 -45.16 43.50
C VAL E 129 27.34 -46.06 42.90
N PHE E 130 27.84 -45.68 41.73
CA PHE E 130 28.83 -46.46 41.01
C PHE E 130 30.08 -45.61 40.84
N GLU E 131 31.18 -46.06 41.44
CA GLU E 131 32.41 -45.30 41.45
C GLU E 131 33.01 -45.19 40.05
N PRO E 132 33.76 -44.14 39.78
CA PRO E 132 34.28 -43.93 38.43
C PRO E 132 35.23 -45.02 37.98
N SER E 133 35.26 -45.24 36.67
CA SER E 133 36.14 -46.22 36.07
C SER E 133 37.57 -45.72 36.04
N GLU E 134 38.51 -46.58 36.41
CA GLU E 134 39.92 -46.21 36.36
C GLU E 134 40.36 -45.88 34.94
N ALA E 135 39.73 -46.51 33.94
CA ALA E 135 40.04 -46.19 32.55
C ALA E 135 39.61 -44.78 32.19
N GLU E 136 38.50 -44.29 32.77
CA GLU E 136 38.08 -42.92 32.47
C GLU E 136 39.01 -41.90 33.08
N ILE E 137 39.46 -42.14 34.33
CA ILE E 137 40.40 -41.22 34.97
C ILE E 137 41.69 -41.14 34.17
N SER E 138 42.14 -42.27 33.63
CA SER E 138 43.38 -42.29 32.88
C SER E 138 43.22 -41.72 31.48
N HIS E 139 42.06 -41.90 30.85
CA HIS E 139 41.86 -41.51 29.47
C HIS E 139 41.42 -40.06 29.31
N THR E 140 40.72 -39.50 30.30
CA THR E 140 40.17 -38.16 30.17
C THR E 140 40.54 -37.22 31.30
N GLN E 141 41.16 -37.70 32.38
CA GLN E 141 41.41 -36.94 33.61
C GLN E 141 40.13 -36.49 34.29
N LYS E 142 38.99 -37.06 33.91
CA LYS E 142 37.70 -36.76 34.51
C LYS E 142 37.10 -38.04 35.05
N ALA E 143 36.31 -37.91 36.12
CA ALA E 143 35.75 -39.06 36.83
C ALA E 143 34.24 -38.90 36.91
N THR E 144 33.52 -39.92 36.46
CA THR E 144 32.06 -39.89 36.41
C THR E 144 31.50 -40.87 37.42
N LEU E 145 30.71 -40.36 38.38
CA LEU E 145 29.94 -41.18 39.28
C LEU E 145 28.51 -41.27 38.77
N VAL E 146 27.92 -42.46 38.85
CA VAL E 146 26.58 -42.72 38.33
C VAL E 146 25.69 -43.19 39.48
N CYS E 147 24.47 -42.68 39.54
CA CYS E 147 23.49 -43.05 40.55
C CYS E 147 22.30 -43.70 39.87
N LEU E 148 21.88 -44.86 40.38
CA LEU E 148 20.73 -45.60 39.89
C LEU E 148 19.70 -45.68 41.00
N ALA E 149 18.50 -45.18 40.74
CA ALA E 149 17.34 -45.38 41.60
C ALA E 149 16.39 -46.30 40.84
N THR E 150 16.18 -47.50 41.35
CA THR E 150 15.51 -48.55 40.60
C THR E 150 14.31 -49.11 41.37
N GLY E 151 13.38 -49.69 40.60
CA GLY E 151 12.28 -50.44 41.14
C GLY E 151 11.27 -49.67 41.97
N PHE E 152 11.12 -48.37 41.74
CA PHE E 152 10.19 -47.57 42.51
C PHE E 152 8.88 -47.37 41.76
N TYR E 153 7.82 -47.08 42.52
CA TYR E 153 6.48 -46.89 42.01
C TYR E 153 5.65 -46.15 43.06
N PRO E 154 4.89 -45.10 42.69
CA PRO E 154 4.78 -44.49 41.36
C PRO E 154 5.99 -43.63 41.02
N ASP E 155 6.03 -42.95 39.87
CA ASP E 155 7.15 -42.07 39.54
CA ASP E 155 7.19 -42.10 39.57
C ASP E 155 6.98 -40.76 40.30
N HIS E 156 7.47 -40.74 41.54
CA HIS E 156 7.35 -39.58 42.43
C HIS E 156 8.71 -39.32 43.09
N VAL E 157 9.74 -39.02 42.30
CA VAL E 157 11.08 -38.93 42.85
C VAL E 157 11.73 -37.60 42.47
N GLU E 158 12.65 -37.16 43.33
CA GLU E 158 13.53 -36.03 43.07
C GLU E 158 14.93 -36.44 43.48
N LEU E 159 15.86 -36.42 42.54
CA LEU E 159 17.24 -36.84 42.76
C LEU E 159 18.15 -35.63 42.88
N SER E 160 19.15 -35.74 43.74
CA SER E 160 20.12 -34.67 43.94
C SER E 160 21.45 -35.27 44.39
N TRP E 161 22.53 -34.56 44.08
CA TRP E 161 23.87 -34.94 44.49
C TRP E 161 24.36 -34.03 45.61
N TRP E 162 25.13 -34.62 46.52
CA TRP E 162 25.63 -33.92 47.70
C TRP E 162 27.10 -34.27 47.90
N VAL E 163 27.95 -33.26 47.86
CA VAL E 163 29.39 -33.45 48.06
C VAL E 163 29.78 -32.70 49.34
N ASN E 164 30.23 -33.44 50.35
CA ASN E 164 30.68 -32.87 51.61
C ASN E 164 29.57 -32.08 52.30
N GLY E 165 28.38 -32.67 52.35
CA GLY E 165 27.26 -32.08 53.02
C GLY E 165 26.55 -30.97 52.28
N LYS E 166 27.11 -30.48 51.18
CA LYS E 166 26.52 -29.42 50.38
C LYS E 166 26.05 -29.98 49.04
N GLU E 167 24.86 -29.58 48.62
CA GLU E 167 24.30 -30.06 47.36
C GLU E 167 24.93 -29.34 46.18
N VAL E 168 25.27 -30.10 45.15
CA VAL E 168 25.98 -29.56 43.99
C VAL E 168 25.10 -29.68 42.75
N HIS E 169 25.32 -28.77 41.82
CA HIS E 169 24.64 -28.76 40.53
C HIS E 169 25.59 -28.79 39.33
N SER E 170 26.79 -28.23 39.46
CA SER E 170 27.76 -28.29 38.37
C SER E 170 28.24 -29.73 38.18
N GLY E 171 28.36 -30.14 36.92
CA GLY E 171 28.78 -31.50 36.64
C GLY E 171 27.72 -32.55 36.88
N VAL E 172 26.43 -32.19 36.86
CA VAL E 172 25.34 -33.12 37.12
C VAL E 172 24.42 -33.16 35.91
N CYS E 173 23.97 -34.36 35.53
CA CYS E 173 22.86 -34.54 34.60
C CYS E 173 22.00 -35.68 35.12
N THR E 174 20.72 -35.40 35.37
CA THR E 174 19.75 -36.41 35.80
C THR E 174 18.74 -36.62 34.69
N ASP E 175 18.44 -37.89 34.41
CA ASP E 175 17.47 -38.23 33.38
C ASP E 175 16.18 -37.42 33.58
N PRO E 176 15.65 -36.80 32.54
CA PRO E 176 14.40 -36.02 32.73
C PRO E 176 13.21 -36.89 33.09
N GLN E 177 13.02 -38.02 32.42
CA GLN E 177 11.92 -38.91 32.73
C GLN E 177 12.45 -40.31 33.05
N PRO E 178 11.90 -40.97 34.06
CA PRO E 178 12.31 -42.36 34.34
C PRO E 178 11.87 -43.30 33.23
N LEU E 179 12.47 -44.48 33.22
CA LEU E 179 12.11 -45.52 32.28
C LEU E 179 11.42 -46.66 33.01
N LYS E 180 10.63 -47.42 32.25
CA LYS E 180 9.86 -48.53 32.80
C LYS E 180 10.69 -49.79 32.82
N GLU E 181 10.79 -50.42 34.00
CA GLU E 181 11.51 -51.69 34.11
C GLU E 181 10.76 -52.83 33.44
N GLN E 182 9.43 -52.72 33.34
CA GLN E 182 8.61 -53.72 32.67
C GLN E 182 7.71 -52.99 31.68
N PRO E 183 8.26 -52.59 30.53
CA PRO E 183 7.50 -51.69 29.62
C PRO E 183 6.18 -52.27 29.14
N ALA E 184 5.96 -53.57 29.28
CA ALA E 184 4.73 -54.19 28.78
C ALA E 184 3.61 -54.20 29.81
N LEU E 185 3.91 -53.98 31.08
CA LEU E 185 2.90 -54.01 32.13
C LEU E 185 2.29 -52.63 32.33
N ASN E 186 1.01 -52.62 32.69
CA ASN E 186 0.32 -51.35 32.92
C ASN E 186 0.87 -50.63 34.15
N ASP E 187 1.31 -51.38 35.16
CA ASP E 187 1.80 -50.80 36.41
C ASP E 187 3.28 -51.09 36.60
N SER E 188 4.07 -50.91 35.55
CA SER E 188 5.50 -51.14 35.62
C SER E 188 6.15 -50.24 36.68
N ARG E 189 7.23 -50.75 37.27
CA ARG E 189 8.02 -49.92 38.17
C ARG E 189 9.05 -49.13 37.35
N TYR E 190 9.75 -48.24 38.03
CA TYR E 190 10.55 -47.24 37.35
C TYR E 190 12.01 -47.30 37.78
N ALA E 191 12.86 -46.81 36.88
CA ALA E 191 14.29 -46.66 37.13
C ALA E 191 14.71 -45.27 36.69
N LEU E 192 15.67 -44.70 37.41
CA LEU E 192 16.17 -43.36 37.12
C LEU E 192 17.67 -43.31 37.36
N SER E 193 18.39 -42.67 36.44
CA SER E 193 19.83 -42.56 36.52
C SER E 193 20.26 -41.10 36.50
N SER E 194 21.43 -40.84 37.08
CA SER E 194 22.01 -39.51 37.10
C SER E 194 23.52 -39.65 37.15
N ARG E 195 24.21 -38.68 36.56
CA ARG E 195 25.66 -38.67 36.56
C ARG E 195 26.17 -37.42 37.27
N LEU E 196 27.25 -37.59 38.03
CA LEU E 196 28.02 -36.49 38.59
C LEU E 196 29.45 -36.68 38.13
N ARG E 197 30.02 -35.67 37.48
CA ARG E 197 31.37 -35.74 36.95
C ARG E 197 32.23 -34.68 37.61
N VAL E 198 33.37 -35.12 38.14
CA VAL E 198 34.33 -34.24 38.77
C VAL E 198 35.67 -34.43 38.08
N SER E 199 36.64 -33.59 38.44
CA SER E 199 38.01 -33.82 38.03
C SER E 199 38.59 -35.02 38.77
N ALA E 200 39.46 -35.75 38.08
CA ALA E 200 40.08 -36.92 38.68
C ALA E 200 40.84 -36.56 39.94
N THR E 201 41.42 -35.36 40.00
CA THR E 201 42.11 -34.92 41.20
C THR E 201 41.13 -34.75 42.37
N PHE E 202 39.91 -34.32 42.06
CA PHE E 202 38.90 -34.18 43.11
C PHE E 202 38.44 -35.54 43.61
N TRP E 203 38.32 -36.51 42.70
CA TRP E 203 37.87 -37.84 43.11
C TRP E 203 38.95 -38.59 43.87
N GLN E 204 40.22 -38.40 43.51
CA GLN E 204 41.29 -39.12 44.20
C GLN E 204 41.54 -38.61 45.61
N ASN E 205 40.98 -37.46 45.98
CA ASN E 205 41.07 -36.96 47.35
C ASN E 205 40.04 -37.68 48.22
N PRO E 206 40.47 -38.54 49.14
CA PRO E 206 39.51 -39.26 49.98
C PRO E 206 38.85 -38.40 51.04
N ARG E 207 39.29 -37.16 51.23
CA ARG E 207 38.60 -36.24 52.12
C ARG E 207 37.29 -35.75 51.52
N ASN E 208 36.92 -36.22 50.34
CA ASN E 208 35.70 -35.81 49.66
C ASN E 208 34.68 -36.95 49.74
N HIS E 209 33.46 -36.60 50.15
CA HIS E 209 32.38 -37.56 50.35
C HIS E 209 31.27 -37.26 49.35
N PHE E 210 30.88 -38.28 48.58
CA PHE E 210 29.87 -38.14 47.54
C PHE E 210 28.64 -38.95 47.93
N ARG E 211 27.52 -38.27 48.13
CA ARG E 211 26.26 -38.91 48.48
C ARG E 211 25.24 -38.59 47.40
N CYS E 212 24.58 -39.63 46.88
CA CYS E 212 23.44 -39.49 46.00
C CYS E 212 22.17 -39.65 46.83
N GLN E 213 21.22 -38.75 46.64
CA GLN E 213 20.02 -38.68 47.46
C GLN E 213 18.79 -38.69 46.57
N VAL E 214 17.81 -39.52 46.92
CA VAL E 214 16.57 -39.62 46.18
C VAL E 214 15.42 -39.43 47.17
N GLN E 215 14.70 -38.33 47.03
CA GLN E 215 13.44 -38.17 47.75
C GLN E 215 12.35 -38.95 47.02
N PHE E 216 11.61 -39.76 47.77
CA PHE E 216 10.51 -40.55 47.25
C PHE E 216 9.21 -40.08 47.90
N TYR E 217 8.17 -39.95 47.09
CA TYR E 217 6.85 -39.49 47.55
C TYR E 217 5.89 -40.66 47.42
N GLY E 218 5.59 -41.30 48.54
CA GLY E 218 4.72 -42.46 48.53
C GLY E 218 3.51 -42.30 49.41
N LEU E 219 3.30 -43.25 50.33
CA LEU E 219 2.12 -43.26 51.15
C LEU E 219 2.20 -42.21 52.26
N SER E 220 1.04 -41.67 52.61
CA SER E 220 0.93 -40.72 53.72
C SER E 220 0.73 -41.51 55.02
N GLU E 221 0.20 -40.88 56.05
CA GLU E 221 0.12 -41.61 57.32
C GLU E 221 -1.22 -42.32 57.51
N ASN E 222 -2.33 -41.72 57.08
CA ASN E 222 -3.61 -42.39 57.26
C ASN E 222 -3.75 -43.65 56.41
N ASP E 223 -2.85 -43.87 55.46
CA ASP E 223 -2.91 -45.07 54.63
C ASP E 223 -2.74 -46.32 55.48
N GLU E 224 -3.72 -47.21 55.38
CA GLU E 224 -3.66 -48.48 56.09
C GLU E 224 -2.72 -49.43 55.37
N TRP E 225 -1.70 -49.92 56.09
CA TRP E 225 -0.73 -50.85 55.53
C TRP E 225 -0.71 -52.11 56.37
N THR E 226 -0.94 -53.25 55.73
CA THR E 226 -0.99 -54.55 56.41
C THR E 226 0.02 -55.56 55.88
N GLN E 227 0.81 -55.20 54.88
CA GLN E 227 1.76 -56.13 54.31
C GLN E 227 2.93 -56.36 55.26
N ASP E 228 3.62 -57.49 55.07
CA ASP E 228 4.75 -57.81 55.93
C ASP E 228 5.96 -56.95 55.60
N ARG E 229 6.11 -56.54 54.34
CA ARG E 229 7.16 -55.61 53.99
C ARG E 229 6.82 -54.21 54.54
N ALA E 230 7.87 -53.40 54.69
CA ALA E 230 7.72 -52.11 55.33
C ALA E 230 6.83 -51.18 54.51
N LYS E 231 6.08 -50.33 55.21
CA LYS E 231 5.11 -49.45 54.58
C LYS E 231 5.82 -48.46 53.67
N PRO E 232 5.51 -48.42 52.37
CA PRO E 232 6.27 -47.56 51.46
C PRO E 232 5.94 -46.09 51.63
N VAL E 233 6.32 -45.53 52.78
CA VAL E 233 5.97 -44.15 53.10
C VAL E 233 6.93 -43.20 52.38
N THR E 234 6.51 -41.93 52.29
CA THR E 234 7.39 -40.88 51.78
C THR E 234 8.69 -40.84 52.59
N GLN E 235 9.81 -40.79 51.88
CA GLN E 235 11.10 -41.02 52.52
C GLN E 235 12.23 -40.62 51.58
N ILE E 236 13.43 -40.57 52.13
CA ILE E 236 14.66 -40.33 51.38
C ILE E 236 15.51 -41.59 51.45
N VAL E 237 16.06 -41.98 50.30
CA VAL E 237 16.97 -43.12 50.21
C VAL E 237 18.27 -42.64 49.59
N SER E 238 19.39 -43.03 50.17
CA SER E 238 20.69 -42.55 49.74
C SER E 238 21.66 -43.71 49.54
N ALA E 239 22.62 -43.48 48.65
CA ALA E 239 23.84 -44.27 48.57
C ALA E 239 25.02 -43.31 48.53
N GLU E 240 26.19 -43.81 48.88
CA GLU E 240 27.34 -42.91 49.03
C GLU E 240 28.62 -43.62 48.62
N ALA E 241 29.64 -42.82 48.35
CA ALA E 241 30.96 -43.32 47.99
C ALA E 241 31.99 -42.28 48.37
N TRP E 242 33.14 -42.73 48.86
CA TRP E 242 34.24 -41.86 49.22
C TRP E 242 35.26 -41.82 48.09
N GLY E 243 36.02 -40.73 48.03
CA GLY E 243 37.12 -40.67 47.09
C GLY E 243 38.20 -41.67 47.47
N ARG E 244 38.84 -42.25 46.45
CA ARG E 244 39.93 -43.17 46.66
C ARG E 244 40.96 -43.01 45.55
N ALA E 245 42.11 -43.64 45.72
CA ALA E 245 43.21 -43.50 44.78
C ALA E 245 43.76 -44.86 44.36
N MET F 1 -22.68 17.53 40.20
CA MET F 1 -23.59 16.53 39.68
C MET F 1 -24.74 17.17 38.93
N ILE F 2 -24.82 16.88 37.64
CA ILE F 2 -25.84 17.42 36.76
C ILE F 2 -26.92 16.36 36.57
N GLN F 3 -28.14 16.69 36.98
CA GLN F 3 -29.30 15.85 36.74
C GLN F 3 -30.12 16.43 35.61
N ARG F 4 -30.73 15.55 34.81
CA ARG F 4 -31.51 15.94 33.65
C ARG F 4 -32.93 15.44 33.79
N THR F 5 -33.87 16.36 33.67
CA THR F 5 -35.27 16.01 33.88
C THR F 5 -35.85 15.40 32.61
N PRO F 6 -36.76 14.42 32.77
CA PRO F 6 -37.25 13.67 31.60
C PRO F 6 -38.08 14.52 30.65
N LYS F 7 -37.83 14.34 29.36
CA LYS F 7 -38.75 14.76 28.32
C LYS F 7 -39.86 13.73 28.20
N ILE F 8 -41.10 14.21 28.10
CA ILE F 8 -42.30 13.37 28.14
C ILE F 8 -43.15 13.71 26.93
N GLN F 9 -43.32 12.75 26.02
CA GLN F 9 -44.09 12.96 24.81
C GLN F 9 -45.20 11.90 24.74
N VAL F 10 -46.43 12.36 24.49
CA VAL F 10 -47.62 11.52 24.50
C VAL F 10 -48.26 11.62 23.13
N TYR F 11 -48.48 10.48 22.50
CA TYR F 11 -48.90 10.47 21.10
C TYR F 11 -49.47 9.10 20.77
N SER F 12 -50.31 9.06 19.75
CA SER F 12 -50.93 7.82 19.33
C SER F 12 -50.08 7.12 18.27
N ARG F 13 -50.20 5.79 18.23
CA ARG F 13 -49.45 5.02 17.24
C ARG F 13 -49.83 5.42 15.82
N HIS F 14 -51.12 5.57 15.57
CA HIS F 14 -51.66 5.97 14.28
C HIS F 14 -52.34 7.33 14.40
N PRO F 15 -52.56 8.02 13.28
CA PRO F 15 -53.39 9.22 13.32
C PRO F 15 -54.74 8.93 13.97
N ALA F 16 -55.06 9.70 15.00
CA ALA F 16 -56.20 9.39 15.85
C ALA F 16 -57.50 9.83 15.21
N GLU F 17 -58.54 9.02 15.40
CA GLU F 17 -59.91 9.35 15.05
C GLU F 17 -60.83 8.77 16.10
N ASN F 18 -61.74 9.58 16.61
CA ASN F 18 -62.59 9.16 17.72
C ASN F 18 -63.39 7.93 17.34
N GLY F 19 -63.41 6.94 18.23
CA GLY F 19 -64.16 5.73 18.02
C GLY F 19 -63.41 4.60 17.36
N LYS F 20 -62.17 4.83 16.91
CA LYS F 20 -61.39 3.82 16.23
C LYS F 20 -60.23 3.37 17.12
N SER F 21 -60.00 2.05 17.13
CA SER F 21 -59.00 1.47 18.02
C SER F 21 -57.60 1.93 17.65
N ASN F 22 -56.77 2.14 18.66
CA ASN F 22 -55.46 2.76 18.49
C ASN F 22 -54.57 2.33 19.64
N PHE F 23 -53.35 2.86 19.67
CA PHE F 23 -52.43 2.65 20.78
C PHE F 23 -51.91 4.00 21.26
N LEU F 24 -51.94 4.22 22.57
CA LEU F 24 -51.45 5.45 23.17
C LEU F 24 -50.04 5.24 23.70
N ASN F 25 -49.09 6.03 23.21
CA ASN F 25 -47.70 5.92 23.61
C ASN F 25 -47.32 7.05 24.56
N CYS F 26 -46.44 6.73 25.50
CA CYS F 26 -45.75 7.73 26.30
C CYS F 26 -44.25 7.45 26.21
N TYR F 27 -43.53 8.33 25.53
CA TYR F 27 -42.09 8.20 25.36
C TYR F 27 -41.40 9.13 26.35
N VAL F 28 -40.61 8.56 27.27
CA VAL F 28 -39.93 9.31 28.33
C VAL F 28 -38.44 9.16 28.09
N SER F 29 -37.75 10.29 27.87
CA SER F 29 -36.38 10.24 27.38
C SER F 29 -35.55 11.36 27.99
N GLY F 30 -34.23 11.23 27.82
CA GLY F 30 -33.30 12.29 28.17
C GLY F 30 -33.10 12.54 29.65
N PHE F 31 -33.50 11.61 30.51
CA PHE F 31 -33.40 11.82 31.94
C PHE F 31 -32.17 11.12 32.50
N HIS F 32 -31.65 11.67 33.60
CA HIS F 32 -30.55 11.12 34.36
C HIS F 32 -30.66 11.64 35.80
N PRO F 33 -30.55 10.78 36.82
CA PRO F 33 -30.25 9.34 36.78
C PRO F 33 -31.43 8.46 36.32
N SER F 34 -31.32 7.15 36.54
CA SER F 34 -32.18 6.18 35.84
C SER F 34 -33.47 5.87 36.57
N ASP F 35 -33.53 6.03 37.89
CA ASP F 35 -34.74 5.70 38.61
C ASP F 35 -35.89 6.58 38.14
N ILE F 36 -36.99 5.97 37.72
CA ILE F 36 -38.11 6.70 37.17
C ILE F 36 -39.38 5.88 37.36
N GLU F 37 -40.51 6.57 37.37
CA GLU F 37 -41.82 5.95 37.54
C GLU F 37 -42.80 6.57 36.55
N VAL F 38 -43.45 5.73 35.75
CA VAL F 38 -44.34 6.18 34.70
C VAL F 38 -45.65 5.42 34.81
N ASP F 39 -46.76 6.14 34.70
CA ASP F 39 -48.09 5.58 34.63
C ASP F 39 -48.87 6.28 33.54
N LEU F 40 -49.77 5.54 32.89
CA LEU F 40 -50.71 6.11 31.95
C LEU F 40 -52.06 6.27 32.63
N LEU F 41 -52.72 7.38 32.37
CA LEU F 41 -53.96 7.75 33.05
C LEU F 41 -55.10 7.92 32.04
N LYS F 42 -56.29 7.47 32.44
CA LYS F 42 -57.53 7.74 31.72
C LYS F 42 -58.46 8.46 32.69
N ASN F 43 -58.76 9.72 32.38
CA ASN F 43 -59.61 10.56 33.22
C ASN F 43 -59.07 10.62 34.65
N GLY F 44 -57.75 10.73 34.76
CA GLY F 44 -57.09 10.83 36.04
C GLY F 44 -56.75 9.52 36.71
N GLU F 45 -57.41 8.43 36.31
CA GLU F 45 -57.20 7.13 36.96
C GLU F 45 -56.17 6.30 36.22
N ARG F 46 -55.37 5.58 36.99
CA ARG F 46 -54.27 4.80 36.43
C ARG F 46 -54.79 3.61 35.61
N ILE F 47 -54.19 3.41 34.44
CA ILE F 47 -54.58 2.32 33.53
C ILE F 47 -53.81 1.06 33.93
N GLU F 48 -54.51 -0.08 33.87
CA GLU F 48 -54.00 -1.34 34.41
C GLU F 48 -53.12 -2.10 33.43
N LYS F 49 -53.66 -2.44 32.25
CA LYS F 49 -52.93 -3.17 31.22
C LYS F 49 -52.08 -2.18 30.43
N VAL F 50 -50.83 -2.02 30.87
CA VAL F 50 -49.90 -1.09 30.25
C VAL F 50 -48.60 -1.84 29.97
N GLU F 51 -48.16 -1.81 28.71
CA GLU F 51 -46.89 -2.39 28.29
C GLU F 51 -45.80 -1.32 28.35
N HIS F 52 -44.57 -1.77 28.59
CA HIS F 52 -43.45 -0.84 28.59
C HIS F 52 -42.16 -1.58 28.23
N SER F 53 -41.30 -0.88 27.50
CA SER F 53 -39.98 -1.39 27.20
C SER F 53 -39.11 -1.39 28.45
N ASP F 54 -37.98 -2.09 28.36
CA ASP F 54 -36.99 -1.98 29.40
C ASP F 54 -36.30 -0.62 29.33
N LEU F 55 -35.60 -0.28 30.41
CA LEU F 55 -34.80 0.94 30.41
C LEU F 55 -33.77 0.86 29.29
N SER F 56 -33.63 1.96 28.55
CA SER F 56 -32.78 2.00 27.37
C SER F 56 -31.74 3.11 27.49
N PHE F 57 -30.69 2.99 26.70
CA PHE F 57 -29.49 3.79 26.86
C PHE F 57 -29.21 4.61 25.61
N SER F 58 -28.91 5.89 25.81
CA SER F 58 -28.56 6.80 24.74
C SER F 58 -27.08 7.10 24.78
N LYS F 59 -26.54 7.53 23.63
CA LYS F 59 -25.11 7.80 23.53
C LYS F 59 -24.68 9.02 24.32
N ASP F 60 -25.63 9.84 24.78
CA ASP F 60 -25.30 10.99 25.62
C ASP F 60 -25.43 10.68 27.10
N TRP F 61 -25.55 9.40 27.46
CA TRP F 61 -25.57 8.83 28.81
C TRP F 61 -26.91 8.99 29.51
N SER F 62 -27.93 9.57 28.86
CA SER F 62 -29.27 9.62 29.43
C SER F 62 -30.01 8.32 29.10
N PHE F 63 -31.26 8.23 29.56
CA PHE F 63 -32.04 7.02 29.40
C PHE F 63 -33.39 7.34 28.78
N TYR F 64 -34.03 6.30 28.25
CA TYR F 64 -35.36 6.49 27.67
C TYR F 64 -36.19 5.22 27.83
N LEU F 65 -37.51 5.42 27.83
CA LEU F 65 -38.50 4.38 28.06
C LEU F 65 -39.70 4.64 27.17
N LEU F 66 -40.38 3.57 26.76
CA LEU F 66 -41.66 3.67 26.05
C LEU F 66 -42.71 2.90 26.83
N TYR F 67 -43.78 3.61 27.20
CA TYR F 67 -44.97 3.00 27.77
C TYR F 67 -46.11 3.14 26.78
N TYR F 68 -46.93 2.10 26.66
CA TYR F 68 -48.04 2.17 25.73
C TYR F 68 -49.18 1.29 26.22
N THR F 69 -50.38 1.62 25.75
CA THR F 69 -51.59 0.86 26.05
C THR F 69 -52.54 0.98 24.88
N GLU F 70 -53.35 -0.07 24.70
CA GLU F 70 -54.41 -0.05 23.71
C GLU F 70 -55.57 0.81 24.18
N PHE F 71 -56.16 1.57 23.26
CA PHE F 71 -57.28 2.43 23.63
C PHE F 71 -58.07 2.80 22.39
N THR F 72 -59.28 3.28 22.64
CA THR F 72 -60.14 3.84 21.60
C THR F 72 -60.49 5.26 21.99
N PRO F 73 -59.90 6.27 21.33
CA PRO F 73 -60.16 7.65 21.75
C PRO F 73 -61.62 8.05 21.58
N THR F 74 -62.13 8.79 22.56
CA THR F 74 -63.46 9.37 22.51
C THR F 74 -63.34 10.86 22.83
N GLU F 75 -64.34 11.62 22.41
CA GLU F 75 -64.35 13.06 22.67
C GLU F 75 -64.41 13.35 24.17
N LYS F 76 -64.96 12.44 24.96
CA LYS F 76 -65.14 12.68 26.38
C LYS F 76 -63.91 12.32 27.20
N ASP F 77 -63.16 11.29 26.79
CA ASP F 77 -62.08 10.76 27.59
C ASP F 77 -60.81 11.60 27.45
N GLU F 78 -60.18 11.88 28.58
CA GLU F 78 -58.94 12.65 28.65
C GLU F 78 -57.83 11.71 29.12
N TYR F 79 -56.77 11.62 28.31
CA TYR F 79 -55.65 10.73 28.60
C TYR F 79 -54.41 11.53 28.96
N ALA F 80 -53.56 10.94 29.79
CA ALA F 80 -52.36 11.62 30.24
C ALA F 80 -51.29 10.60 30.61
N CYS F 81 -50.07 11.09 30.76
CA CYS F 81 -48.93 10.31 31.21
C CYS F 81 -48.35 10.98 32.45
N ARG F 82 -48.24 10.24 33.53
CA ARG F 82 -47.75 10.76 34.81
C ARG F 82 -46.38 10.16 35.10
N VAL F 83 -45.39 11.03 35.35
CA VAL F 83 -44.00 10.64 35.48
C VAL F 83 -43.43 11.25 36.75
N ASN F 84 -42.66 10.46 37.49
CA ASN F 84 -41.91 10.96 38.63
C ASN F 84 -40.43 10.62 38.49
N HIS F 85 -39.61 11.54 38.98
CA HIS F 85 -38.16 11.49 38.81
C HIS F 85 -37.56 12.39 39.89
N VAL F 86 -36.30 12.13 40.23
CA VAL F 86 -35.66 12.87 41.32
C VAL F 86 -35.62 14.36 41.00
N THR F 87 -35.62 14.73 39.73
CA THR F 87 -35.61 16.14 39.36
C THR F 87 -36.94 16.84 39.62
N LEU F 88 -37.99 16.09 39.93
CA LEU F 88 -39.34 16.63 40.08
C LEU F 88 -39.74 16.66 41.54
N SER F 89 -40.33 17.78 41.96
CA SER F 89 -40.83 17.89 43.33
C SER F 89 -42.04 16.98 43.55
N GLN F 90 -42.89 16.86 42.54
CA GLN F 90 -44.09 16.05 42.58
C GLN F 90 -44.28 15.43 41.21
N PRO F 91 -45.07 14.35 41.11
CA PRO F 91 -45.30 13.73 39.79
C PRO F 91 -45.86 14.72 38.78
N LYS F 92 -45.34 14.64 37.56
CA LYS F 92 -45.76 15.52 36.47
C LYS F 92 -46.75 14.79 35.59
N ILE F 93 -47.92 15.40 35.36
CA ILE F 93 -48.98 14.80 34.57
C ILE F 93 -49.04 15.52 33.24
N VAL F 94 -48.75 14.81 32.15
CA VAL F 94 -48.67 15.39 30.82
C VAL F 94 -49.86 14.89 30.01
N LYS F 95 -50.72 15.82 29.58
CA LYS F 95 -51.93 15.45 28.87
C LYS F 95 -51.65 15.18 27.40
N TRP F 96 -52.35 14.20 26.84
CA TRP F 96 -52.30 13.94 25.40
C TRP F 96 -53.01 15.06 24.65
N ASP F 97 -52.39 15.55 23.59
CA ASP F 97 -52.96 16.68 22.85
C ASP F 97 -54.00 16.24 21.81
N ARG F 98 -54.43 14.97 21.85
CA ARG F 98 -55.47 14.46 20.98
C ARG F 98 -55.05 14.51 19.51
N ASP F 99 -53.76 14.30 19.26
CA ASP F 99 -53.20 14.35 17.90
C ASP F 99 -53.43 15.71 17.25
N MET F 100 -53.37 16.76 18.05
CA MET F 100 -53.51 18.12 17.54
C MET F 100 -52.24 18.53 16.79
N GLY G 2 24.04 24.15 -20.17
CA GLY G 2 24.02 24.09 -21.62
C GLY G 2 22.66 24.41 -22.21
N GLN G 3 21.72 23.47 -22.06
CA GLN G 3 20.34 23.69 -22.45
C GLN G 3 19.53 24.07 -21.23
N ASN G 4 18.76 25.15 -21.35
CA ASN G 4 18.23 25.85 -20.19
C ASN G 4 16.89 26.46 -20.54
N ILE G 5 15.92 26.29 -19.64
CA ILE G 5 14.59 26.90 -19.73
CA ILE G 5 14.67 27.01 -19.76
C ILE G 5 14.30 27.54 -18.39
N ASP G 6 13.72 28.75 -18.40
CA ASP G 6 13.43 29.46 -17.17
C ASP G 6 12.03 30.07 -17.21
N GLN G 7 11.29 29.91 -16.12
CA GLN G 7 10.00 30.56 -15.92
C GLN G 7 9.87 30.93 -14.45
N PRO G 8 9.11 31.97 -14.13
CA PRO G 8 8.97 32.37 -12.72
C PRO G 8 8.43 31.24 -11.86
N THR G 9 8.85 31.24 -10.59
CA THR G 9 8.41 30.20 -9.67
C THR G 9 6.91 30.32 -9.38
N GLU G 10 6.43 31.54 -9.19
CA GLU G 10 5.08 31.76 -8.69
C GLU G 10 4.58 33.13 -9.16
N MET G 11 3.28 33.19 -9.45
CA MET G 11 2.63 34.45 -9.82
C MET G 11 1.28 34.51 -9.14
N THR G 12 0.90 35.72 -8.72
CA THR G 12 -0.37 35.96 -8.04
C THR G 12 -1.11 37.06 -8.78
N ALA G 13 -2.36 36.78 -9.15
CA ALA G 13 -3.21 37.76 -9.80
C ALA G 13 -4.62 37.67 -9.23
N THR G 14 -5.45 38.65 -9.56
CA THR G 14 -6.80 38.76 -9.04
C THR G 14 -7.79 38.14 -10.02
N GLU G 15 -8.86 37.56 -9.45
CA GLU G 15 -9.94 37.01 -10.26
C GLU G 15 -10.45 38.02 -11.27
N GLY G 16 -10.63 37.57 -12.50
CA GLY G 16 -11.12 38.42 -13.57
C GLY G 16 -10.07 39.25 -14.29
N ALA G 17 -8.83 39.28 -13.79
CA ALA G 17 -7.78 40.06 -14.42
C ALA G 17 -7.09 39.24 -15.51
N ILE G 18 -5.98 39.79 -16.02
CA ILE G 18 -5.19 39.14 -17.06
C ILE G 18 -3.81 38.86 -16.49
N VAL G 19 -3.26 37.69 -16.82
CA VAL G 19 -1.93 37.31 -16.36
C VAL G 19 -1.15 36.71 -17.54
N GLN G 20 0.13 37.04 -17.62
CA GLN G 20 1.02 36.60 -18.69
C GLN G 20 2.19 35.84 -18.07
N ILE G 21 2.30 34.55 -18.36
CA ILE G 21 3.33 33.69 -17.79
C ILE G 21 4.46 33.57 -18.80
N ASN G 22 5.67 33.92 -18.39
CA ASN G 22 6.82 33.99 -19.30
C ASN G 22 7.64 32.71 -19.25
N CYS G 23 8.24 32.39 -20.41
CA CYS G 23 9.11 31.23 -20.59
C CYS G 23 10.22 31.65 -21.55
N THR G 24 11.46 31.68 -21.06
CA THR G 24 12.62 31.87 -21.91
C THR G 24 13.42 30.57 -21.96
N TYR G 25 14.01 30.29 -23.12
CA TYR G 25 14.73 29.05 -23.33
C TYR G 25 16.01 29.32 -24.10
N GLN G 26 17.07 28.61 -23.71
CA GLN G 26 18.32 28.54 -24.47
C GLN G 26 18.54 27.08 -24.79
N THR G 27 18.45 26.72 -26.07
CA THR G 27 18.57 25.33 -26.47
C THR G 27 19.41 25.22 -27.73
N SER G 28 19.95 24.02 -27.96
CA SER G 28 20.61 23.70 -29.21
C SER G 28 19.54 23.18 -30.16
N GLY G 29 19.07 24.05 -31.04
CA GLY G 29 17.98 23.71 -31.93
C GLY G 29 16.62 23.93 -31.30
N PHE G 30 15.60 23.97 -32.15
CA PHE G 30 14.24 24.27 -31.71
C PHE G 30 13.25 23.56 -32.62
N ASN G 31 12.40 22.71 -32.03
CA ASN G 31 11.36 22.00 -32.76
C ASN G 31 9.98 22.22 -32.15
N GLY G 32 9.80 23.27 -31.36
CA GLY G 32 8.49 23.63 -30.83
C GLY G 32 8.52 23.86 -29.33
N LEU G 33 7.55 24.63 -28.84
CA LEU G 33 7.40 24.91 -27.43
C LEU G 33 5.99 24.55 -26.99
N PHE G 34 5.90 23.80 -25.89
CA PHE G 34 4.61 23.36 -25.37
C PHE G 34 4.31 24.06 -24.06
N TRP G 35 3.02 24.31 -23.80
CA TRP G 35 2.54 24.70 -22.49
C TRP G 35 1.64 23.59 -21.96
N TYR G 36 1.85 23.21 -20.70
CA TYR G 36 1.02 22.24 -20.03
C TYR G 36 0.45 22.85 -18.75
N GLN G 37 -0.77 22.45 -18.43
CA GLN G 37 -1.40 22.83 -17.18
C GLN G 37 -1.38 21.63 -16.23
N GLN G 38 -1.04 21.88 -14.97
CA GLN G 38 -1.00 20.83 -13.97
C GLN G 38 -1.66 21.34 -12.69
N HIS G 39 -2.88 20.87 -12.44
CA HIS G 39 -3.52 21.16 -11.17
C HIS G 39 -2.82 20.38 -10.05
N ALA G 40 -2.85 20.95 -8.85
CA ALA G 40 -2.19 20.34 -7.71
C ALA G 40 -2.67 18.91 -7.50
N GLY G 41 -1.72 17.98 -7.44
CA GLY G 41 -2.02 16.58 -7.25
C GLY G 41 -2.45 15.82 -8.48
N GLU G 42 -2.56 16.47 -9.62
CA GLU G 42 -3.08 15.85 -10.83
C GLU G 42 -1.99 15.82 -11.91
N ALA G 43 -2.35 15.24 -13.06
CA ALA G 43 -1.42 15.07 -14.16
C ALA G 43 -1.32 16.34 -15.00
N PRO G 44 -0.16 16.60 -15.59
CA PRO G 44 -0.07 17.67 -16.59
C PRO G 44 -0.96 17.35 -17.78
N THR G 45 -1.63 18.38 -18.30
CA THR G 45 -2.41 18.25 -19.51
C THR G 45 -1.98 19.31 -20.51
N PHE G 46 -2.05 18.96 -21.79
CA PHE G 46 -1.55 19.80 -22.86
C PHE G 46 -2.43 21.03 -23.04
N LEU G 47 -1.80 22.19 -23.16
CA LEU G 47 -2.50 23.45 -23.39
C LEU G 47 -2.29 23.99 -24.79
N SER G 48 -1.04 24.14 -25.23
CA SER G 48 -0.78 24.84 -26.49
C SER G 48 0.57 24.41 -27.05
N TYR G 49 0.75 24.71 -28.34
CA TYR G 49 1.99 24.44 -29.06
C TYR G 49 2.26 25.61 -30.00
N ASN G 50 3.52 26.07 -30.03
CA ASN G 50 3.98 27.12 -30.93
C ASN G 50 5.31 26.68 -31.52
N VAL G 51 5.50 26.93 -32.81
CA VAL G 51 6.78 26.58 -33.44
C VAL G 51 7.21 27.71 -34.38
N LEU G 52 6.25 28.46 -34.91
CA LEU G 52 6.56 29.66 -35.67
C LEU G 52 6.26 30.89 -34.82
N ASP G 53 6.71 32.05 -35.31
CA ASP G 53 6.55 33.28 -34.56
C ASP G 53 5.10 33.75 -34.59
N GLY G 54 4.62 34.27 -33.46
CA GLY G 54 3.34 34.92 -33.45
C GLY G 54 2.49 34.46 -32.29
N LEU G 55 1.19 34.73 -32.40
CA LEU G 55 0.24 34.60 -31.32
C LEU G 55 -0.89 33.69 -31.76
N GLU G 56 -1.11 32.61 -31.01
CA GLU G 56 -2.21 31.68 -31.24
C GLU G 56 -3.22 31.78 -30.10
N GLU G 57 -4.50 31.83 -30.46
CA GLU G 57 -5.59 31.96 -29.52
C GLU G 57 -6.35 30.65 -29.39
N LYS G 58 -6.91 30.41 -28.20
CA LYS G 58 -7.58 29.16 -27.90
C LYS G 58 -8.46 29.31 -26.65
N GLY G 59 -9.65 29.86 -26.83
CA GLY G 59 -10.50 30.12 -25.67
C GLY G 59 -9.98 31.32 -24.90
N ARG G 60 -9.93 31.19 -23.58
CA ARG G 60 -9.38 32.25 -22.72
C ARG G 60 -7.87 32.30 -22.75
N PHE G 61 -7.21 31.29 -23.32
CA PHE G 61 -5.75 31.20 -23.29
C PHE G 61 -5.20 31.54 -24.68
N SER G 62 -4.11 32.30 -24.69
CA SER G 62 -3.35 32.55 -25.90
CA SER G 62 -3.35 32.56 -25.90
C SER G 62 -1.87 32.36 -25.60
N SER G 63 -1.15 31.82 -26.58
CA SER G 63 0.28 31.57 -26.41
C SER G 63 1.05 32.27 -27.52
N PHE G 64 2.17 32.87 -27.14
CA PHE G 64 2.98 33.67 -28.03
C PHE G 64 4.37 33.08 -28.11
N LEU G 65 5.01 33.21 -29.27
CA LEU G 65 6.37 32.71 -29.45
C LEU G 65 7.17 33.69 -30.30
N SER G 66 8.39 33.97 -29.86
CA SER G 66 9.40 34.66 -30.65
C SER G 66 10.62 33.77 -30.70
N ARG G 67 10.90 33.19 -31.88
CA ARG G 67 12.03 32.27 -32.00
C ARG G 67 13.36 32.99 -31.86
N SER G 68 13.45 34.23 -32.37
CA SER G 68 14.72 34.96 -32.33
C SER G 68 15.07 35.36 -30.90
N LYS G 69 14.07 35.76 -30.12
CA LYS G 69 14.31 36.14 -28.73
C LYS G 69 14.37 34.95 -27.79
N GLY G 70 14.02 33.75 -28.25
CA GLY G 70 13.95 32.60 -27.36
C GLY G 70 13.00 32.83 -26.22
N TYR G 71 11.76 33.18 -26.55
CA TYR G 71 10.82 33.68 -25.57
C TYR G 71 9.39 33.29 -25.95
N SER G 72 8.63 32.85 -24.96
CA SER G 72 7.21 32.57 -25.12
C SER G 72 6.48 33.05 -23.88
N TYR G 73 5.19 33.33 -24.05
CA TYR G 73 4.35 33.57 -22.91
C TYR G 73 2.99 32.91 -23.09
N LEU G 74 2.40 32.51 -21.98
CA LEU G 74 1.03 32.01 -21.93
C LEU G 74 0.16 33.10 -21.31
N LEU G 75 -0.85 33.54 -22.05
CA LEU G 75 -1.68 34.66 -21.65
C LEU G 75 -3.04 34.14 -21.22
N LEU G 76 -3.40 34.37 -19.96
CA LEU G 76 -4.68 33.93 -19.42
C LEU G 76 -5.54 35.16 -19.16
N LYS G 77 -6.70 35.22 -19.81
CA LYS G 77 -7.62 36.34 -19.68
C LYS G 77 -8.82 35.95 -18.83
N GLU G 78 -9.42 36.96 -18.19
CA GLU G 78 -10.62 36.77 -17.37
C GLU G 78 -10.44 35.61 -16.38
N LEU G 79 -9.45 35.78 -15.51
CA LEU G 79 -9.04 34.71 -14.62
C LEU G 79 -10.19 34.24 -13.75
N GLN G 80 -10.29 32.92 -13.59
CA GLN G 80 -11.24 32.27 -12.70
C GLN G 80 -10.45 31.45 -11.69
N MET G 81 -11.11 31.11 -10.57
CA MET G 81 -10.44 30.35 -9.52
C MET G 81 -9.89 29.03 -10.06
N LYS G 82 -10.61 28.42 -11.01
CA LYS G 82 -10.18 27.13 -11.54
C LYS G 82 -8.89 27.23 -12.36
N ASP G 83 -8.43 28.43 -12.68
CA ASP G 83 -7.13 28.59 -13.34
C ASP G 83 -5.97 28.46 -12.37
N SER G 84 -6.24 28.31 -11.07
CA SER G 84 -5.20 28.05 -10.08
C SER G 84 -4.57 26.70 -10.38
N ALA G 85 -3.31 26.72 -10.81
CA ALA G 85 -2.58 25.52 -11.19
C ALA G 85 -1.14 25.91 -11.43
N SER G 86 -0.31 24.90 -11.71
CA SER G 86 1.04 25.13 -12.20
C SER G 86 1.03 25.05 -13.72
N TYR G 87 1.82 25.91 -14.35
CA TYR G 87 1.87 25.96 -15.81
C TYR G 87 3.30 25.65 -16.22
N LEU G 88 3.46 24.55 -16.96
CA LEU G 88 4.77 24.03 -17.34
C LEU G 88 5.01 24.33 -18.80
N CYS G 89 6.18 24.88 -19.09
CA CYS G 89 6.66 25.14 -20.44
CA CYS G 89 6.61 25.08 -20.46
C CYS G 89 7.76 24.13 -20.76
N ALA G 90 7.73 23.60 -21.98
CA ALA G 90 8.68 22.58 -22.43
C ALA G 90 9.04 22.83 -23.87
N VAL G 91 10.32 22.67 -24.20
CA VAL G 91 10.86 22.94 -25.52
C VAL G 91 11.46 21.66 -26.08
N LYS G 92 11.14 21.37 -27.33
CA LYS G 92 11.70 20.22 -28.05
C LYS G 92 12.97 20.69 -28.75
N ASP G 93 14.10 20.03 -28.46
CA ASP G 93 15.37 20.49 -28.99
C ASP G 93 15.64 19.87 -30.37
N SER G 94 16.88 19.99 -30.84
CA SER G 94 17.22 19.54 -32.18
CA SER G 94 17.21 19.54 -32.19
C SER G 94 17.09 18.03 -32.34
N ASN G 95 17.25 17.28 -31.26
CA ASN G 95 17.08 15.83 -31.32
C ASN G 95 15.71 15.41 -30.77
N TYR G 96 14.74 16.33 -30.80
CA TYR G 96 13.34 16.04 -30.48
C TYR G 96 13.17 15.59 -29.04
N GLN G 97 14.05 16.05 -28.16
CA GLN G 97 13.99 15.72 -26.74
C GLN G 97 13.43 16.92 -25.98
N LEU G 98 12.53 16.63 -25.04
CA LEU G 98 11.84 17.68 -24.30
C LEU G 98 12.69 18.17 -23.15
N ILE G 99 12.87 19.49 -23.08
CA ILE G 99 13.47 20.13 -21.92
C ILE G 99 12.35 20.88 -21.21
N TRP G 100 12.20 20.62 -19.91
CA TRP G 100 11.05 21.05 -19.14
C TRP G 100 11.42 22.21 -18.22
N GLY G 101 10.56 23.21 -18.16
CA GLY G 101 10.68 24.21 -17.12
C GLY G 101 10.23 23.69 -15.77
N ALA G 102 10.71 24.36 -14.73
CA ALA G 102 10.34 23.98 -13.38
C ALA G 102 8.87 24.26 -13.09
N GLY G 103 8.23 25.09 -13.88
CA GLY G 103 6.82 25.37 -13.73
C GLY G 103 6.57 26.68 -12.98
N THR G 104 5.41 27.28 -13.26
CA THR G 104 4.97 28.49 -12.59
C THR G 104 3.66 28.19 -11.88
N LYS G 105 3.63 28.40 -10.57
CA LYS G 105 2.41 28.23 -9.79
C LYS G 105 1.60 29.52 -9.84
N LEU G 106 0.40 29.44 -10.41
CA LEU G 106 -0.48 30.60 -10.53
C LEU G 106 -1.48 30.61 -9.37
N ILE G 107 -1.41 31.65 -8.55
CA ILE G 107 -2.31 31.84 -7.42
C ILE G 107 -3.33 32.91 -7.79
N ILE G 108 -4.61 32.61 -7.59
CA ILE G 108 -5.71 33.51 -7.95
C ILE G 108 -6.37 33.98 -6.66
N LYS G 109 -6.42 35.30 -6.47
CA LYS G 109 -7.11 35.89 -5.33
CA LYS G 109 -7.11 35.88 -5.33
C LYS G 109 -8.57 36.11 -5.68
N PRO G 110 -9.51 35.52 -4.95
CA PRO G 110 -10.93 35.73 -5.27
C PRO G 110 -11.35 37.17 -4.99
N ASP G 111 -12.34 37.63 -5.75
CA ASP G 111 -12.94 38.94 -5.53
C ASP G 111 -14.04 38.78 -4.49
N ILE G 112 -13.76 39.23 -3.26
CA ILE G 112 -14.71 39.12 -2.16
C ILE G 112 -15.64 40.32 -2.22
N GLN G 113 -16.92 40.05 -2.49
CA GLN G 113 -17.92 41.11 -2.64
C GLN G 113 -18.09 41.89 -1.34
N ASN G 114 -18.37 41.18 -0.25
CA ASN G 114 -18.74 41.78 1.03
C ASN G 114 -17.87 41.18 2.12
N PRO G 115 -16.67 41.74 2.35
CA PRO G 115 -15.80 41.20 3.39
C PRO G 115 -16.44 41.34 4.75
N ASP G 116 -16.28 40.31 5.59
CA ASP G 116 -16.86 40.29 6.93
C ASP G 116 -15.88 39.58 7.86
N PRO G 117 -14.66 40.11 7.97
CA PRO G 117 -13.60 39.37 8.66
C PRO G 117 -13.98 39.07 10.10
N ALA G 118 -13.74 37.83 10.51
CA ALA G 118 -14.11 37.39 11.84
C ALA G 118 -13.24 36.20 12.23
N VAL G 119 -13.06 36.03 13.54
CA VAL G 119 -12.35 34.89 14.12
C VAL G 119 -13.33 34.17 15.04
N TYR G 120 -13.67 32.93 14.69
CA TYR G 120 -14.65 32.14 15.42
C TYR G 120 -13.98 31.00 16.16
N GLN G 121 -14.51 30.69 17.34
CA GLN G 121 -14.13 29.51 18.10
C GLN G 121 -15.10 28.38 17.75
N LEU G 122 -14.57 27.32 17.15
CA LEU G 122 -15.40 26.16 16.89
C LEU G 122 -15.62 25.38 18.18
N ARG G 123 -16.65 24.54 18.16
CA ARG G 123 -16.98 23.75 19.35
C ARG G 123 -15.95 22.64 19.53
N ASP G 124 -15.59 22.39 20.78
CA ASP G 124 -14.72 21.27 21.09
C ASP G 124 -15.35 19.97 20.62
N SER G 125 -14.50 19.01 20.26
CA SER G 125 -14.91 17.63 20.02
C SER G 125 -14.57 16.81 21.25
N LYS G 126 -15.48 15.92 21.64
CA LYS G 126 -15.22 15.09 22.81
C LYS G 126 -14.07 14.11 22.58
N SER G 127 -13.63 13.92 21.34
CA SER G 127 -12.57 12.97 21.02
C SER G 127 -11.22 13.64 20.78
N SER G 128 -11.10 14.94 21.07
CA SER G 128 -9.85 15.66 20.81
C SER G 128 -9.58 16.65 21.94
N ASP G 129 -8.30 16.81 22.27
CA ASP G 129 -7.85 17.79 23.25
C ASP G 129 -7.55 19.14 22.61
N LYS G 130 -7.85 19.31 21.33
CA LYS G 130 -7.51 20.54 20.61
C LYS G 130 -8.62 21.58 20.73
N SER G 131 -8.21 22.84 20.81
CA SER G 131 -9.09 23.99 20.60
C SER G 131 -8.83 24.52 19.21
N VAL G 132 -9.90 24.87 18.49
CA VAL G 132 -9.80 25.17 17.06
C VAL G 132 -10.44 26.52 16.78
N CYS G 133 -9.72 27.37 16.05
CA CYS G 133 -10.18 28.71 15.70
C CYS G 133 -10.21 28.86 14.19
N LEU G 134 -11.19 29.60 13.69
CA LEU G 134 -11.37 29.82 12.26
C LEU G 134 -11.35 31.32 11.96
N PHE G 135 -10.34 31.76 11.21
CA PHE G 135 -10.28 33.11 10.67
C PHE G 135 -10.91 33.07 9.27
N THR G 136 -12.00 33.80 9.08
CA THR G 136 -12.78 33.60 7.87
C THR G 136 -13.38 34.90 7.36
N ASP G 137 -13.74 34.89 6.08
CA ASP G 137 -14.52 35.92 5.40
C ASP G 137 -13.76 37.23 5.19
N PHE G 138 -12.43 37.20 5.23
CA PHE G 138 -11.63 38.40 5.01
C PHE G 138 -11.37 38.60 3.53
N ASP G 139 -10.99 39.83 3.19
CA ASP G 139 -10.67 40.17 1.81
CA ASP G 139 -10.69 40.14 1.80
C ASP G 139 -9.36 39.50 1.39
N SER G 140 -9.19 39.33 0.08
CA SER G 140 -8.05 38.59 -0.45
C SER G 140 -6.70 39.29 -0.28
N GLN G 141 -6.68 40.57 0.10
CA GLN G 141 -5.39 41.22 0.34
C GLN G 141 -4.76 40.81 1.66
N THR G 142 -5.52 40.15 2.54
CA THR G 142 -5.00 39.74 3.84
C THR G 142 -4.15 38.48 3.70
N ASN G 143 -2.99 38.50 4.34
CA ASN G 143 -2.09 37.35 4.40
C ASN G 143 -2.09 36.76 5.80
N VAL G 144 -1.97 35.44 5.88
CA VAL G 144 -1.97 34.71 7.15
C VAL G 144 -0.56 34.21 7.41
N SER G 145 0.04 34.67 8.49
CA SER G 145 1.39 34.26 8.85
C SER G 145 1.36 32.93 9.60
N GLN G 146 2.39 32.12 9.37
CA GLN G 146 2.57 30.92 10.17
C GLN G 146 2.71 31.29 11.64
N SER G 147 2.36 30.34 12.50
CA SER G 147 2.51 30.57 13.93
C SER G 147 3.98 30.73 14.29
N LYS G 148 4.25 31.50 15.33
CA LYS G 148 5.58 31.61 15.90
C LYS G 148 5.70 30.87 17.23
N ASP G 149 4.62 30.25 17.69
CA ASP G 149 4.63 29.37 18.85
C ASP G 149 4.65 27.92 18.37
N SER G 150 5.53 27.10 18.96
CA SER G 150 5.76 25.76 18.43
C SER G 150 4.61 24.80 18.71
N ASP G 151 3.77 25.08 19.70
CA ASP G 151 2.62 24.24 20.00
C ASP G 151 1.32 24.82 19.45
N VAL G 152 1.41 25.81 18.56
CA VAL G 152 0.25 26.35 17.86
C VAL G 152 0.45 26.10 16.37
N TYR G 153 -0.61 25.63 15.71
CA TYR G 153 -0.55 25.28 14.29
C TYR G 153 -1.54 26.14 13.53
N ILE G 154 -1.07 26.76 12.44
CA ILE G 154 -1.87 27.70 11.66
C ILE G 154 -1.70 27.34 10.19
N THR G 155 -2.80 27.00 9.53
CA THR G 155 -2.77 26.70 8.11
C THR G 155 -2.87 27.96 7.28
N ASP G 156 -2.38 27.89 6.04
CA ASP G 156 -2.50 28.99 5.12
C ASP G 156 -3.95 29.16 4.67
N LYS G 157 -4.24 30.32 4.09
CA LYS G 157 -5.62 30.59 3.68
C LYS G 157 -6.00 29.74 2.48
N CYS G 158 -7.31 29.52 2.35
CA CYS G 158 -7.91 28.54 1.45
C CYS G 158 -9.24 29.13 0.99
N VAL G 159 -9.54 29.01 -0.30
CA VAL G 159 -10.74 29.62 -0.88
C VAL G 159 -11.80 28.55 -1.07
N LEU G 160 -12.94 28.73 -0.41
CA LEU G 160 -14.05 27.80 -0.56
CA LEU G 160 -14.08 27.83 -0.48
C LEU G 160 -15.18 28.46 -1.31
N ASP G 161 -15.87 27.65 -2.11
CA ASP G 161 -16.91 28.11 -3.03
C ASP G 161 -18.21 27.37 -2.73
N MET G 162 -19.21 28.12 -2.26
CA MET G 162 -20.55 27.57 -2.03
C MET G 162 -21.33 27.75 -3.33
N ARG G 163 -21.34 26.70 -4.16
CA ARG G 163 -21.87 26.81 -5.51
C ARG G 163 -23.32 27.27 -5.51
N SER G 164 -24.14 26.73 -4.62
CA SER G 164 -25.56 27.02 -4.63
C SER G 164 -25.83 28.52 -4.42
N MET G 165 -25.08 29.13 -3.52
CA MET G 165 -25.26 30.55 -3.19
C MET G 165 -24.30 31.45 -3.96
N ASP G 166 -23.50 30.89 -4.86
CA ASP G 166 -22.57 31.67 -5.68
C ASP G 166 -21.70 32.59 -4.80
N PHE G 167 -21.09 31.98 -3.80
CA PHE G 167 -20.43 32.71 -2.72
C PHE G 167 -19.05 32.13 -2.47
N LYS G 168 -18.06 33.00 -2.34
CA LYS G 168 -16.67 32.61 -2.09
C LYS G 168 -16.19 33.27 -0.80
N SER G 169 -15.35 32.55 -0.06
CA SER G 169 -14.79 33.11 1.16
C SER G 169 -13.41 32.52 1.42
N ASN G 170 -12.51 33.36 1.92
CA ASN G 170 -11.21 32.90 2.40
C ASN G 170 -11.35 32.42 3.84
N SER G 171 -10.51 31.46 4.23
CA SER G 171 -10.45 31.05 5.62
C SER G 171 -9.09 30.45 5.93
N ALA G 172 -8.70 30.57 7.19
CA ALA G 172 -7.52 29.91 7.73
C ALA G 172 -7.89 29.34 9.08
N VAL G 173 -7.21 28.26 9.48
CA VAL G 173 -7.51 27.55 10.71
C VAL G 173 -6.28 27.56 11.61
N ALA G 174 -6.51 27.73 12.91
CA ALA G 174 -5.47 27.65 13.93
C ALA G 174 -5.96 26.73 15.03
N TRP G 175 -5.05 25.93 15.60
CA TRP G 175 -5.42 25.05 16.68
C TRP G 175 -4.21 24.81 17.58
N SER G 176 -4.51 24.37 18.80
CA SER G 176 -3.52 24.01 19.81
C SER G 176 -4.23 23.27 20.92
N ASN G 177 -3.44 22.52 21.70
CA ASN G 177 -3.93 21.90 22.92
C ASN G 177 -3.35 22.56 24.16
N LYS G 178 -2.71 23.71 24.02
CA LYS G 178 -2.17 24.43 25.16
C LYS G 178 -3.31 25.09 25.94
N SER G 179 -3.14 25.14 27.26
CA SER G 179 -4.19 25.66 28.12
C SER G 179 -4.41 27.16 27.90
N ASP G 180 -3.35 27.90 27.57
CA ASP G 180 -3.45 29.34 27.36
C ASP G 180 -3.72 29.71 25.91
N PHE G 181 -4.35 28.83 25.14
CA PHE G 181 -4.69 29.12 23.75
C PHE G 181 -6.07 29.75 23.69
N ALA G 182 -6.18 30.85 22.96
CA ALA G 182 -7.42 31.58 22.84
C ALA G 182 -7.55 32.11 21.42
N CYS G 183 -8.77 32.09 20.89
CA CYS G 183 -8.95 32.59 19.53
CA CYS G 183 -9.02 32.61 19.54
C CYS G 183 -8.73 34.10 19.46
N ALA G 184 -8.89 34.81 20.57
CA ALA G 184 -8.60 36.24 20.61
C ALA G 184 -7.14 36.51 20.24
N ASN G 185 -6.25 35.55 20.47
CA ASN G 185 -4.84 35.73 20.23
C ASN G 185 -4.23 34.72 19.26
N ALA G 186 -5.04 33.86 18.64
CA ALA G 186 -4.49 32.80 17.80
C ALA G 186 -3.74 33.35 16.60
N PHE G 187 -4.28 34.38 15.95
CA PHE G 187 -3.69 34.96 14.75
C PHE G 187 -2.94 36.26 15.04
N ASN G 188 -2.33 36.37 16.24
CA ASN G 188 -1.69 37.63 16.61
C ASN G 188 -0.46 37.93 15.75
N ASN G 189 0.20 36.90 15.24
CA ASN G 189 1.37 37.15 14.40
CA ASN G 189 1.37 37.08 14.38
C ASN G 189 1.00 37.53 12.97
N SER G 190 -0.28 37.60 12.64
CA SER G 190 -0.74 38.04 11.33
C SER G 190 -1.20 39.48 11.39
N ILE G 191 -1.17 40.14 10.23
CA ILE G 191 -1.74 41.47 10.07
C ILE G 191 -3.18 41.27 9.59
N ILE G 192 -4.13 41.44 10.50
CA ILE G 192 -5.54 41.15 10.22
C ILE G 192 -6.31 42.45 10.12
N PRO G 193 -7.48 42.46 9.46
CA PRO G 193 -8.20 43.73 9.26
C PRO G 193 -8.58 44.38 10.58
N GLU G 194 -8.63 45.71 10.56
CA GLU G 194 -8.96 46.48 11.77
C GLU G 194 -10.33 46.11 12.30
N ASP G 195 -11.28 45.83 11.42
CA ASP G 195 -12.66 45.60 11.81
C ASP G 195 -12.97 44.12 12.03
N THR G 196 -11.95 43.29 12.26
CA THR G 196 -12.19 41.86 12.44
C THR G 196 -13.09 41.63 13.65
N PHE G 197 -14.14 40.83 13.45
CA PHE G 197 -15.12 40.55 14.50
C PHE G 197 -14.60 39.45 15.40
N PHE G 198 -14.49 39.73 16.70
CA PHE G 198 -14.13 38.73 17.70
C PHE G 198 -15.29 38.54 18.65
N PRO G 199 -16.14 37.54 18.43
CA PRO G 199 -17.30 37.36 19.31
C PRO G 199 -16.88 37.01 20.73
N SER G 200 -17.76 37.33 21.67
CA SER G 200 -17.43 37.19 23.08
C SER G 200 -17.21 35.72 23.44
N PRO G 201 -16.24 35.42 24.32
CA PRO G 201 -15.91 34.07 24.80
C PRO G 201 -17.07 33.38 25.52
N ASN H 2 -12.25 5.98 -23.95
CA ASN H 2 -11.71 5.00 -23.02
C ASN H 2 -10.87 5.68 -21.95
N ALA H 3 -9.89 4.95 -21.40
CA ALA H 3 -9.28 5.32 -20.13
C ALA H 3 -8.06 6.22 -20.27
N GLY H 4 -7.37 6.20 -21.40
CA GLY H 4 -6.15 7.00 -21.54
C GLY H 4 -4.97 6.27 -20.97
N VAL H 5 -4.26 6.92 -20.03
CA VAL H 5 -3.06 6.37 -19.42
C VAL H 5 -3.40 5.96 -18.00
N THR H 6 -3.16 4.68 -17.67
CA THR H 6 -3.47 4.11 -16.36
C THR H 6 -2.18 3.63 -15.72
N GLN H 7 -1.76 4.27 -14.62
CA GLN H 7 -0.59 3.85 -13.88
C GLN H 7 -0.96 3.57 -12.43
N THR H 8 -0.24 2.62 -11.84
CA THR H 8 -0.45 2.14 -10.48
C THR H 8 0.92 1.83 -9.89
N PRO H 9 1.07 1.90 -8.55
CA PRO H 9 0.10 2.30 -7.54
C PRO H 9 0.02 3.82 -7.41
N LYS H 10 -1.01 4.36 -6.76
CA LYS H 10 -1.09 5.80 -6.56
C LYS H 10 -0.13 6.28 -5.48
N PHE H 11 0.04 5.48 -4.43
CA PHE H 11 0.96 5.79 -3.33
C PHE H 11 1.73 4.53 -2.96
N GLN H 12 2.95 4.72 -2.46
CA GLN H 12 3.74 3.60 -1.99
C GLN H 12 4.80 4.08 -1.01
N VAL H 13 4.85 3.44 0.16
CA VAL H 13 5.95 3.59 1.10
C VAL H 13 6.93 2.46 0.86
N LEU H 14 8.22 2.77 0.89
CA LEU H 14 9.26 1.79 0.64
C LEU H 14 10.36 1.91 1.68
N LYS H 15 10.90 0.77 2.09
CA LYS H 15 12.09 0.72 2.91
C LYS H 15 13.31 0.73 1.99
N THR H 16 14.38 1.39 2.42
CA THR H 16 15.63 1.39 1.66
C THR H 16 16.05 -0.04 1.36
N GLY H 17 16.33 -0.31 0.08
CA GLY H 17 16.73 -1.63 -0.37
C GLY H 17 15.60 -2.48 -0.92
N GLN H 18 14.36 -2.04 -0.78
CA GLN H 18 13.20 -2.80 -1.23
C GLN H 18 12.97 -2.60 -2.72
N SER H 19 12.37 -3.61 -3.35
CA SER H 19 12.07 -3.57 -4.77
C SER H 19 10.63 -3.07 -4.99
N MET H 20 10.40 -2.54 -6.20
CA MET H 20 9.08 -2.03 -6.54
CA MET H 20 9.10 -1.96 -6.53
C MET H 20 8.96 -1.91 -8.05
N THR H 21 7.75 -2.21 -8.54
CA THR H 21 7.42 -2.10 -9.95
C THR H 21 6.20 -1.19 -10.08
N LEU H 22 6.34 -0.13 -10.87
CA LEU H 22 5.23 0.75 -11.23
C LEU H 22 4.70 0.31 -12.59
N GLN H 23 3.39 0.14 -12.68
CA GLN H 23 2.75 -0.30 -13.90
C GLN H 23 2.22 0.90 -14.66
N CYS H 24 2.17 0.78 -16.00
CA CYS H 24 1.58 1.81 -16.84
C CYS H 24 1.05 1.17 -18.10
N ALA H 25 -0.23 1.42 -18.38
CA ALA H 25 -0.86 0.98 -19.60
C ALA H 25 -1.56 2.15 -20.26
N GLN H 26 -1.57 2.16 -21.59
CA GLN H 26 -2.32 3.12 -22.37
C GLN H 26 -3.15 2.37 -23.40
N ASP H 27 -4.40 2.80 -23.57
CA ASP H 27 -5.34 2.19 -24.50
C ASP H 27 -5.66 3.11 -25.67
N MET H 28 -4.76 4.03 -25.99
CA MET H 28 -4.95 4.98 -27.09
C MET H 28 -4.22 4.56 -28.36
N ASN H 29 -3.66 3.35 -28.38
CA ASN H 29 -2.93 2.82 -29.54
C ASN H 29 -1.70 3.68 -29.85
N HIS H 30 -1.07 4.20 -28.80
CA HIS H 30 0.14 5.00 -28.96
C HIS H 30 1.35 4.08 -29.12
N ASN H 31 2.41 4.65 -29.68
CA ASN H 31 3.65 3.90 -29.89
C ASN H 31 4.75 4.28 -28.91
N SER H 32 4.78 5.53 -28.44
CA SER H 32 5.85 6.02 -27.59
C SER H 32 5.37 6.14 -26.15
N MET H 33 6.18 5.69 -25.20
CA MET H 33 5.83 5.73 -23.79
C MET H 33 7.04 6.19 -22.98
N TYR H 34 6.78 6.90 -21.89
CA TYR H 34 7.82 7.58 -21.14
C TYR H 34 7.60 7.38 -19.64
N TRP H 35 8.68 7.42 -18.87
CA TRP H 35 8.60 7.47 -17.42
C TRP H 35 9.36 8.69 -16.94
N TYR H 36 8.65 9.58 -16.24
CA TYR H 36 9.21 10.80 -15.69
C TYR H 36 9.18 10.76 -14.17
N ARG H 37 10.07 11.52 -13.55
CA ARG H 37 9.96 11.82 -12.13
C ARG H 37 9.88 13.34 -11.95
N GLN H 38 9.03 13.77 -11.02
CA GLN H 38 8.81 15.18 -10.76
C GLN H 38 9.24 15.48 -9.33
N ASP H 39 10.14 16.43 -9.17
CA ASP H 39 10.67 16.81 -7.86
C ASP H 39 10.52 18.31 -7.68
N PRO H 40 10.37 18.77 -6.43
CA PRO H 40 10.17 20.20 -6.19
C PRO H 40 11.35 21.02 -6.69
N GLY H 41 11.05 22.15 -7.34
CA GLY H 41 12.06 23.11 -7.74
C GLY H 41 12.78 22.81 -9.03
N MET H 42 12.35 21.81 -9.79
CA MET H 42 13.01 21.50 -11.06
C MET H 42 11.99 20.93 -12.01
N GLY H 43 12.33 20.94 -13.30
CA GLY H 43 11.43 20.40 -14.30
C GLY H 43 11.42 18.89 -14.30
N LEU H 44 10.38 18.34 -14.94
CA LEU H 44 10.28 16.91 -15.18
C LEU H 44 11.57 16.38 -15.78
N ARG H 45 12.01 15.23 -15.27
CA ARG H 45 13.22 14.58 -15.78
C ARG H 45 12.87 13.19 -16.29
N LEU H 46 13.33 12.89 -17.49
CA LEU H 46 13.03 11.59 -18.11
C LEU H 46 13.93 10.52 -17.51
N ILE H 47 13.33 9.37 -17.18
CA ILE H 47 14.07 8.25 -16.61
C ILE H 47 14.41 7.27 -17.72
N TYR H 48 13.38 6.72 -18.35
CA TYR H 48 13.53 5.86 -19.52
C TYR H 48 12.38 6.17 -20.48
N TYR H 49 12.56 5.79 -21.74
CA TYR H 49 11.50 5.98 -22.72
C TYR H 49 11.52 4.82 -23.71
N SER H 50 10.45 4.74 -24.51
CA SER H 50 10.24 3.64 -25.45
C SER H 50 9.62 4.25 -26.70
N ALA H 51 10.45 4.47 -27.73
CA ALA H 51 10.00 5.17 -28.93
C ALA H 51 8.92 4.39 -29.68
N SER H 52 9.00 3.06 -29.65
CA SER H 52 7.98 2.20 -30.21
C SER H 52 8.09 0.85 -29.52
N GLU H 53 7.09 0.00 -29.76
CA GLU H 53 7.13 -1.35 -29.22
C GLU H 53 8.42 -2.05 -29.64
N GLY H 54 9.06 -2.71 -28.68
CA GLY H 54 10.26 -3.47 -28.95
C GLY H 54 11.57 -2.71 -28.88
N THR H 55 11.56 -1.47 -28.39
CA THR H 55 12.79 -0.73 -28.17
C THR H 55 12.62 0.20 -26.98
N THR H 56 13.68 0.32 -26.18
CA THR H 56 13.72 1.21 -25.02
C THR H 56 15.11 1.80 -24.92
N ASP H 57 15.21 2.94 -24.25
CA ASP H 57 16.52 3.55 -24.01
C ASP H 57 16.45 4.46 -22.78
N LYS H 58 17.63 4.74 -22.24
CA LYS H 58 17.76 5.56 -21.05
C LYS H 58 17.39 7.01 -21.34
N GLY H 59 16.94 7.70 -20.30
CA GLY H 59 16.67 9.12 -20.35
C GLY H 59 17.76 9.93 -19.68
N GLU H 60 17.34 10.94 -18.92
CA GLU H 60 18.30 11.81 -18.25
C GLU H 60 18.79 11.19 -16.94
N VAL H 61 17.94 10.45 -16.24
CA VAL H 61 18.29 9.95 -14.92
C VAL H 61 17.97 8.46 -14.82
N PRO H 62 18.67 7.58 -15.55
CA PRO H 62 18.31 6.16 -15.52
C PRO H 62 18.87 5.36 -14.34
N ASN H 63 19.85 5.89 -13.62
CA ASN H 63 20.55 5.08 -12.62
C ASN H 63 19.63 4.77 -11.43
N GLY H 64 19.60 3.49 -11.05
CA GLY H 64 18.70 3.01 -10.03
C GLY H 64 17.38 2.49 -10.54
N TYR H 65 17.14 2.55 -11.85
CA TYR H 65 15.88 2.12 -12.45
C TYR H 65 16.14 1.20 -13.64
N ASN H 66 15.11 0.45 -13.99
CA ASN H 66 15.05 -0.34 -15.22
CA ASN H 66 15.06 -0.22 -15.29
C ASN H 66 13.61 -0.33 -15.70
N VAL H 67 13.40 -0.58 -17.00
CA VAL H 67 12.07 -0.58 -17.58
C VAL H 67 11.88 -1.81 -18.45
N SER H 68 10.62 -2.04 -18.82
CA SER H 68 10.24 -3.13 -19.72
CA SER H 68 10.25 -3.12 -19.72
C SER H 68 9.04 -2.69 -20.53
N ARG H 69 9.20 -2.63 -21.85
CA ARG H 69 8.09 -2.39 -22.77
C ARG H 69 7.48 -3.75 -23.06
N LEU H 70 6.54 -4.18 -22.22
CA LEU H 70 6.00 -5.53 -22.31
C LEU H 70 5.32 -5.76 -23.66
N ASN H 71 4.65 -4.74 -24.16
CA ASN H 71 3.89 -4.81 -25.40
C ASN H 71 3.59 -3.38 -25.82
N LYS H 72 2.71 -3.22 -26.82
CA LYS H 72 2.38 -1.88 -27.28
C LYS H 72 1.68 -1.07 -26.20
N ARG H 73 0.92 -1.73 -25.31
N ARG H 73 0.96 -1.73 -25.30
CA ARG H 73 0.13 -1.01 -24.31
CA ARG H 73 0.12 -1.01 -24.34
C ARG H 73 0.95 -0.66 -23.08
C ARG H 73 0.80 -0.77 -23.00
N GLU H 74 1.80 -1.57 -22.62
CA GLU H 74 2.35 -1.54 -21.27
C GLU H 74 3.83 -1.19 -21.24
N PHE H 75 4.20 -0.42 -20.22
CA PHE H 75 5.57 0.08 -20.03
C PHE H 75 5.77 0.20 -18.52
N SER H 76 6.47 -0.77 -17.92
CA SER H 76 6.64 -0.81 -16.48
CA SER H 76 6.65 -0.83 -16.48
C SER H 76 7.99 -0.22 -16.07
N LEU H 77 8.02 0.37 -14.88
CA LEU H 77 9.21 0.96 -14.31
C LEU H 77 9.61 0.16 -13.08
N ARG H 78 10.88 -0.24 -13.01
CA ARG H 78 11.36 -1.13 -11.96
C ARG H 78 12.40 -0.41 -11.12
N LEU H 79 12.14 -0.32 -9.81
CA LEU H 79 13.15 0.06 -8.82
C LEU H 79 13.63 -1.22 -8.15
N GLU H 80 14.88 -1.60 -8.41
CA GLU H 80 15.34 -2.86 -7.85
C GLU H 80 15.76 -2.75 -6.40
N SER H 81 16.39 -1.63 -6.02
CA SER H 81 16.89 -1.44 -4.65
C SER H 81 16.62 0.03 -4.28
N ALA H 82 15.46 0.26 -3.66
CA ALA H 82 14.99 1.62 -3.42
C ALA H 82 15.98 2.41 -2.59
N ALA H 83 16.22 3.65 -2.98
CA ALA H 83 17.06 4.60 -2.27
C ALA H 83 16.25 5.83 -1.90
N PRO H 84 16.55 6.46 -0.75
CA PRO H 84 15.83 7.68 -0.36
C PRO H 84 15.76 8.76 -1.45
N SER H 85 16.79 8.87 -2.29
CA SER H 85 16.77 9.87 -3.35
C SER H 85 15.68 9.58 -4.39
N GLN H 86 15.15 8.36 -4.40
CA GLN H 86 14.09 8.01 -5.33
C GLN H 86 12.70 8.36 -4.80
N THR H 87 12.62 8.93 -3.59
CA THR H 87 11.37 9.53 -3.14
C THR H 87 10.99 10.66 -4.09
N SER H 88 9.84 10.51 -4.73
CA SER H 88 9.44 11.40 -5.82
C SER H 88 8.02 11.08 -6.27
N VAL H 89 7.50 11.86 -7.20
CA VAL H 89 6.24 11.56 -7.87
C VAL H 89 6.59 11.13 -9.29
N TYR H 90 6.17 9.93 -9.66
CA TYR H 90 6.53 9.34 -10.95
C TYR H 90 5.34 9.42 -11.90
N PHE H 91 5.58 9.90 -13.11
CA PHE H 91 4.56 10.05 -14.12
C PHE H 91 4.93 9.24 -15.36
N CYS H 92 3.99 8.43 -15.82
CA CYS H 92 4.09 7.76 -17.11
CA CYS H 92 4.14 7.79 -17.12
C CYS H 92 3.31 8.55 -18.14
N ALA H 93 3.86 8.64 -19.35
CA ALA H 93 3.22 9.40 -20.40
C ALA H 93 3.34 8.64 -21.71
N SER H 94 2.51 9.02 -22.68
CA SER H 94 2.58 8.40 -23.99
C SER H 94 2.27 9.45 -25.05
N SER H 95 2.76 9.18 -26.26
CA SER H 95 2.45 9.98 -27.43
C SER H 95 2.28 9.05 -28.63
N VAL H 96 1.60 9.56 -29.67
CA VAL H 96 1.32 8.75 -30.85
C VAL H 96 2.63 8.23 -31.44
N TRP H 97 3.54 9.13 -31.75
CA TRP H 97 4.89 8.80 -32.14
C TRP H 97 5.85 9.67 -31.35
N THR H 98 7.15 9.51 -31.61
CA THR H 98 8.17 10.41 -31.08
C THR H 98 9.04 10.86 -32.23
N GLY H 99 9.32 12.16 -32.29
CA GLY H 99 9.94 12.75 -33.46
C GLY H 99 8.96 13.18 -34.54
N GLU H 100 7.73 12.68 -34.51
CA GLU H 100 6.66 13.35 -35.23
C GLU H 100 6.36 14.65 -34.51
N GLY H 101 6.56 15.78 -35.21
CA GLY H 101 7.01 16.99 -34.57
C GLY H 101 6.14 17.53 -33.45
N SER H 102 4.87 17.82 -33.74
CA SER H 102 4.05 18.62 -32.82
C SER H 102 3.22 17.77 -31.87
N GLY H 103 3.42 16.46 -31.83
CA GLY H 103 2.60 15.61 -31.00
C GLY H 103 2.86 15.86 -29.51
N GLU H 104 1.78 15.93 -28.75
CA GLU H 104 1.87 16.21 -27.32
C GLU H 104 1.91 14.91 -26.51
N LEU H 105 2.18 15.06 -25.22
CA LEU H 105 2.23 13.94 -24.29
C LEU H 105 0.90 13.80 -23.56
N PHE H 106 0.51 12.57 -23.29
CA PHE H 106 -0.66 12.25 -22.47
C PHE H 106 -0.17 11.55 -21.21
N PHE H 107 -0.44 12.16 -20.05
CA PHE H 107 0.13 11.72 -18.79
C PHE H 107 -0.84 10.83 -18.01
N GLY H 108 -0.27 9.92 -17.22
CA GLY H 108 -1.03 9.18 -16.23
C GLY H 108 -1.18 9.97 -14.95
N GLU H 109 -1.93 9.38 -14.01
CA GLU H 109 -2.29 10.10 -12.80
C GLU H 109 -1.11 10.36 -11.87
N GLY H 110 -0.02 9.62 -12.02
CA GLY H 110 1.11 9.84 -11.14
C GLY H 110 1.16 8.84 -9.99
N SER H 111 2.38 8.52 -9.56
CA SER H 111 2.62 7.59 -8.47
C SER H 111 3.57 8.23 -7.47
N ARG H 112 3.11 8.40 -6.23
CA ARG H 112 3.89 9.06 -5.20
C ARG H 112 4.66 8.02 -4.39
N LEU H 113 5.99 8.13 -4.43
CA LEU H 113 6.88 7.18 -3.78
C LEU H 113 7.60 7.88 -2.65
N THR H 114 7.64 7.24 -1.48
CA THR H 114 8.47 7.68 -0.36
C THR H 114 9.32 6.50 0.09
N VAL H 115 10.64 6.68 0.03
CA VAL H 115 11.60 5.67 0.46
C VAL H 115 12.20 6.11 1.78
N LEU H 116 12.11 5.25 2.78
CA LEU H 116 12.53 5.56 4.14
C LEU H 116 13.58 4.56 4.59
N GLU H 117 14.56 5.04 5.35
CA GLU H 117 15.54 4.13 5.93
C GLU H 117 14.90 3.17 6.92
N ASP H 118 13.89 3.63 7.65
CA ASP H 118 13.22 2.85 8.67
C ASP H 118 11.74 3.22 8.63
N LEU H 119 10.89 2.22 8.82
CA LEU H 119 9.45 2.46 8.81
C LEU H 119 8.93 2.97 10.15
N LYS H 120 9.78 3.09 11.17
CA LYS H 120 9.34 3.44 12.51
C LYS H 120 8.80 4.86 12.63
N ASN H 121 8.87 5.68 11.58
CA ASN H 121 8.29 7.02 11.60
C ASN H 121 7.08 7.16 10.68
N VAL H 122 6.48 6.03 10.28
CA VAL H 122 5.22 6.03 9.55
C VAL H 122 4.08 6.06 10.56
N PHE H 123 3.15 7.01 10.41
CA PHE H 123 2.01 7.18 11.31
C PHE H 123 0.76 7.42 10.50
N PRO H 124 -0.36 6.80 10.86
CA PRO H 124 -1.64 7.16 10.28
C PRO H 124 -2.13 8.47 10.86
N PRO H 125 -3.12 9.12 10.25
CA PRO H 125 -3.62 10.37 10.81
C PRO H 125 -4.57 10.13 11.96
N GLU H 126 -4.49 11.03 12.94
CA GLU H 126 -5.56 11.24 13.92
C GLU H 126 -6.54 12.25 13.33
N VAL H 127 -7.83 11.90 13.34
CA VAL H 127 -8.83 12.66 12.61
C VAL H 127 -9.93 13.09 13.58
N ALA H 128 -10.29 14.37 13.53
CA ALA H 128 -11.32 14.93 14.41
C ALA H 128 -12.13 15.99 13.65
N VAL H 129 -13.40 16.11 14.02
CA VAL H 129 -14.33 17.06 13.43
C VAL H 129 -14.74 18.05 14.50
N PHE H 130 -14.84 19.32 14.12
CA PHE H 130 -15.21 20.38 15.05
C PHE H 130 -16.44 21.12 14.50
N GLU H 131 -17.44 21.27 15.35
CA GLU H 131 -18.75 21.74 14.91
C GLU H 131 -18.78 23.26 14.83
N PRO H 132 -19.70 23.82 14.02
CA PRO H 132 -19.66 25.27 13.76
C PRO H 132 -19.80 26.11 15.02
N SER H 133 -19.25 27.32 14.95
CA SER H 133 -19.45 28.32 16.00
C SER H 133 -20.86 28.87 15.93
N GLU H 134 -21.53 28.94 17.08
CA GLU H 134 -22.85 29.57 17.13
C GLU H 134 -22.77 31.04 16.76
N ALA H 135 -21.64 31.69 17.08
CA ALA H 135 -21.44 33.08 16.69
C ALA H 135 -21.43 33.24 15.17
N GLU H 136 -20.77 32.31 14.47
CA GLU H 136 -20.78 32.35 13.00
C GLU H 136 -22.20 32.22 12.45
N ILE H 137 -22.98 31.29 13.00
CA ILE H 137 -24.33 31.05 12.51
C ILE H 137 -25.18 32.30 12.62
N SER H 138 -25.13 32.97 13.77
CA SER H 138 -25.97 34.15 13.95
CA SER H 138 -25.95 34.17 13.99
C SER H 138 -25.44 35.37 13.19
N HIS H 139 -24.13 35.42 12.93
CA HIS H 139 -23.55 36.57 12.24
C HIS H 139 -23.61 36.44 10.72
N THR H 140 -23.48 35.24 10.18
CA THR H 140 -23.40 35.05 8.74
C THR H 140 -24.49 34.17 8.15
N GLN H 141 -25.28 33.49 8.98
CA GLN H 141 -26.26 32.50 8.52
C GLN H 141 -25.61 31.35 7.78
N LYS H 142 -24.32 31.12 8.02
CA LYS H 142 -23.60 29.99 7.48
C LYS H 142 -22.90 29.26 8.62
N ALA H 143 -22.55 27.99 8.37
CA ALA H 143 -21.95 27.14 9.39
C ALA H 143 -20.75 26.43 8.77
N THR H 144 -19.58 26.62 9.36
CA THR H 144 -18.36 25.98 8.89
C THR H 144 -17.95 24.89 9.87
N LEU H 145 -17.96 23.64 9.40
CA LEU H 145 -17.30 22.55 10.11
C LEU H 145 -15.84 22.50 9.70
N VAL H 146 -14.99 22.02 10.59
CA VAL H 146 -13.56 21.85 10.29
C VAL H 146 -13.16 20.42 10.63
N CYS H 147 -12.36 19.81 9.74
CA CYS H 147 -11.75 18.51 9.96
C CYS H 147 -10.25 18.69 10.05
N LEU H 148 -9.64 18.05 11.04
CA LEU H 148 -8.20 18.10 11.26
C LEU H 148 -7.68 16.68 11.21
N ALA H 149 -6.78 16.41 10.28
CA ALA H 149 -6.00 15.18 10.24
C ALA H 149 -4.57 15.53 10.64
N THR H 150 -4.10 14.96 11.75
CA THR H 150 -2.84 15.39 12.35
C THR H 150 -1.94 14.20 12.66
N GLY H 151 -0.64 14.44 12.64
CA GLY H 151 0.34 13.46 13.08
C GLY H 151 0.65 12.35 12.11
N PHE H 152 0.33 12.52 10.82
CA PHE H 152 0.53 11.44 9.86
C PHE H 152 1.84 11.64 9.09
N TYR H 153 2.37 10.52 8.60
CA TYR H 153 3.61 10.46 7.83
C TYR H 153 3.70 9.11 7.13
N PRO H 154 4.06 9.07 5.84
CA PRO H 154 4.37 10.20 4.95
C PRO H 154 3.10 10.94 4.51
N ASP H 155 3.22 11.90 3.59
CA ASP H 155 2.06 12.66 3.13
C ASP H 155 1.35 11.88 2.02
N HIS H 156 0.70 10.79 2.43
CA HIS H 156 -0.06 9.93 1.53
C HIS H 156 -1.49 9.81 2.05
N VAL H 157 -2.27 10.88 1.90
CA VAL H 157 -3.62 10.92 2.45
C VAL H 157 -4.59 11.47 1.41
N GLU H 158 -5.84 11.03 1.52
CA GLU H 158 -6.94 11.56 0.72
C GLU H 158 -8.11 11.85 1.65
N LEU H 159 -8.50 13.12 1.73
CA LEU H 159 -9.55 13.55 2.63
C LEU H 159 -10.82 13.85 1.84
N SER H 160 -11.96 13.41 2.39
CA SER H 160 -13.24 13.65 1.75
C SER H 160 -14.30 13.89 2.81
N TRP H 161 -15.33 14.66 2.43
CA TRP H 161 -16.49 14.92 3.27
C TRP H 161 -17.68 14.12 2.76
N TRP H 162 -18.48 13.60 3.70
CA TRP H 162 -19.66 12.82 3.38
C TRP H 162 -20.83 13.41 4.13
N VAL H 163 -21.86 13.84 3.40
CA VAL H 163 -23.07 14.40 3.98
C VAL H 163 -24.23 13.47 3.63
N ASN H 164 -24.85 12.91 4.66
CA ASN H 164 -25.94 11.94 4.51
C ASN H 164 -25.54 10.77 3.62
N GLY H 165 -24.32 10.28 3.83
CA GLY H 165 -23.83 9.10 3.15
C GLY H 165 -23.27 9.32 1.77
N LYS H 166 -23.37 10.52 1.22
CA LYS H 166 -22.85 10.83 -0.11
C LYS H 166 -21.69 11.80 0.01
N GLU H 167 -20.62 11.54 -0.74
CA GLU H 167 -19.49 12.46 -0.79
C GLU H 167 -19.92 13.78 -1.40
N VAL H 168 -19.41 14.88 -0.85
CA VAL H 168 -19.73 16.21 -1.33
C VAL H 168 -18.44 16.93 -1.71
N HIS H 169 -18.57 17.92 -2.58
CA HIS H 169 -17.44 18.71 -3.02
C HIS H 169 -17.77 20.20 -2.94
N SER H 170 -19.03 20.54 -3.17
CA SER H 170 -19.45 21.94 -3.08
C SER H 170 -19.38 22.42 -1.64
N GLY H 171 -18.80 23.59 -1.43
CA GLY H 171 -18.61 24.14 -0.10
C GLY H 171 -17.45 23.56 0.68
N VAL H 172 -16.50 22.88 0.02
CA VAL H 172 -15.38 22.24 0.67
C VAL H 172 -14.08 22.91 0.22
N CYS H 173 -13.18 23.15 1.17
CA CYS H 173 -11.82 23.62 0.89
CA CYS H 173 -11.82 23.56 0.84
C CYS H 173 -10.88 22.81 1.77
N THR H 174 -9.97 22.06 1.16
CA THR H 174 -8.94 21.30 1.87
C THR H 174 -7.60 21.94 1.55
N ASP H 175 -6.72 22.04 2.54
CA ASP H 175 -5.41 22.62 2.34
C ASP H 175 -4.73 21.97 1.13
N PRO H 176 -4.25 22.74 0.16
CA PRO H 176 -3.55 22.12 -0.98
C PRO H 176 -2.25 21.45 -0.59
N GLN H 177 -1.56 21.95 0.42
CA GLN H 177 -0.33 21.35 0.93
C GLN H 177 -0.45 21.09 2.42
N PRO H 178 0.16 20.02 2.92
CA PRO H 178 0.07 19.73 4.35
C PRO H 178 1.06 20.54 5.16
N LEU H 179 0.72 20.70 6.44
CA LEU H 179 1.53 21.49 7.36
CA LEU H 179 1.52 21.49 7.37
C LEU H 179 2.53 20.58 8.06
N LYS H 180 3.79 21.00 8.09
CA LYS H 180 4.81 20.30 8.84
C LYS H 180 4.67 20.68 10.31
N GLU H 181 4.34 19.70 11.15
CA GLU H 181 4.11 19.99 12.56
C GLU H 181 5.37 20.51 13.24
N GLN H 182 6.54 20.11 12.76
CA GLN H 182 7.81 20.65 13.25
C GLN H 182 8.65 21.00 12.04
N PRO H 183 8.51 22.22 11.51
CA PRO H 183 9.11 22.55 10.20
C PRO H 183 10.61 22.31 10.12
N ALA H 184 11.34 22.29 11.24
CA ALA H 184 12.78 22.09 11.17
C ALA H 184 13.12 20.64 10.88
N LEU H 185 12.49 19.71 11.60
CA LEU H 185 12.81 18.28 11.44
C LEU H 185 12.59 17.84 9.99
N ASN H 186 13.46 16.96 9.53
CA ASN H 186 13.42 16.53 8.13
C ASN H 186 12.34 15.47 7.88
N ASP H 187 12.03 14.66 8.88
CA ASP H 187 11.00 13.63 8.77
C ASP H 187 9.78 13.99 9.62
N SER H 188 9.46 15.29 9.66
CA SER H 188 8.38 15.78 10.52
C SER H 188 7.04 15.19 10.09
N ARG H 189 6.20 14.89 11.09
CA ARG H 189 4.85 14.45 10.82
C ARG H 189 4.01 15.61 10.32
N TYR H 190 2.90 15.29 9.67
CA TYR H 190 2.13 16.28 8.93
C TYR H 190 0.77 16.55 9.58
N ALA H 191 0.21 17.70 9.24
CA ALA H 191 -1.15 18.07 9.60
C ALA H 191 -1.86 18.62 8.37
N LEU H 192 -3.16 18.38 8.30
CA LEU H 192 -3.98 18.79 7.16
C LEU H 192 -5.36 19.18 7.66
N SER H 193 -5.85 20.32 7.19
CA SER H 193 -7.14 20.84 7.61
C SER H 193 -8.06 20.95 6.40
N SER H 194 -9.36 20.84 6.66
CA SER H 194 -10.39 20.99 5.63
C SER H 194 -11.61 21.63 6.26
N ARG H 195 -12.29 22.48 5.50
CA ARG H 195 -13.54 23.07 5.95
C ARG H 195 -14.67 22.65 5.04
N LEU H 196 -15.85 22.49 5.64
CA LEU H 196 -17.10 22.31 4.91
C LEU H 196 -18.07 23.37 5.41
N ARG H 197 -18.50 24.27 4.53
CA ARG H 197 -19.40 25.35 4.88
C ARG H 197 -20.76 25.10 4.25
N VAL H 198 -21.81 25.10 5.09
CA VAL H 198 -23.18 24.90 4.66
C VAL H 198 -24.01 26.07 5.17
N SER H 199 -25.24 26.17 4.68
CA SER H 199 -26.17 27.16 5.19
C SER H 199 -26.56 26.81 6.63
N ALA H 200 -26.90 27.85 7.40
CA ALA H 200 -27.34 27.63 8.78
C ALA H 200 -28.55 26.70 8.83
N THR H 201 -29.48 26.87 7.89
CA THR H 201 -30.66 26.01 7.84
C THR H 201 -30.27 24.55 7.64
N PHE H 202 -29.27 24.29 6.79
CA PHE H 202 -28.85 22.91 6.56
C PHE H 202 -28.18 22.33 7.80
N TRP H 203 -27.40 23.14 8.52
CA TRP H 203 -26.77 22.66 9.74
C TRP H 203 -27.78 22.43 10.84
N GLN H 204 -28.83 23.24 10.90
CA GLN H 204 -29.81 23.15 11.97
C GLN H 204 -30.85 22.06 11.76
N ASN H 205 -30.74 21.27 10.70
CA ASN H 205 -31.59 20.10 10.52
C ASN H 205 -31.00 18.94 11.33
N PRO H 206 -31.71 18.42 12.34
CA PRO H 206 -31.09 17.43 13.24
C PRO H 206 -30.81 16.08 12.60
N ARG H 207 -31.36 15.78 11.43
CA ARG H 207 -31.11 14.50 10.79
C ARG H 207 -30.04 14.56 9.71
N ASN H 208 -29.38 15.71 9.54
CA ASN H 208 -28.25 15.81 8.64
C ASN H 208 -27.00 15.29 9.32
N HIS H 209 -26.31 14.35 8.66
CA HIS H 209 -25.15 13.67 9.20
C HIS H 209 -23.93 14.08 8.38
N PHE H 210 -22.85 14.41 9.08
CA PHE H 210 -21.61 14.86 8.46
C PHE H 210 -20.47 13.93 8.88
N ARG H 211 -19.63 13.57 7.91
CA ARG H 211 -18.46 12.74 8.20
C ARG H 211 -17.28 13.22 7.38
N CYS H 212 -16.14 13.38 8.03
CA CYS H 212 -14.85 13.60 7.37
CA CYS H 212 -14.88 13.58 7.34
C CYS H 212 -14.06 12.31 7.45
N GLN H 213 -13.57 11.84 6.31
CA GLN H 213 -12.84 10.58 6.26
C GLN H 213 -11.50 10.80 5.57
N VAL H 214 -10.46 10.14 6.08
CA VAL H 214 -9.10 10.27 5.55
C VAL H 214 -8.61 8.88 5.20
N GLN H 215 -8.39 8.63 3.91
CA GLN H 215 -7.74 7.41 3.47
C GLN H 215 -6.22 7.59 3.60
N PHE H 216 -5.60 6.73 4.38
CA PHE H 216 -4.15 6.75 4.58
C PHE H 216 -3.52 5.56 3.89
N TYR H 217 -2.46 5.81 3.14
CA TYR H 217 -1.72 4.75 2.45
C TYR H 217 -0.43 4.52 3.21
N GLY H 218 -0.31 3.35 3.82
CA GLY H 218 0.81 3.03 4.68
C GLY H 218 1.37 1.67 4.34
N LEU H 219 1.65 0.89 5.39
CA LEU H 219 2.30 -0.40 5.23
C LEU H 219 1.29 -1.45 4.80
N SER H 220 1.83 -2.59 4.34
CA SER H 220 1.01 -3.71 3.92
C SER H 220 1.48 -4.96 4.67
N GLU H 221 0.87 -6.09 4.31
CA GLU H 221 1.09 -7.35 5.02
C GLU H 221 2.56 -7.75 5.05
N ASN H 222 3.29 -7.47 3.98
CA ASN H 222 4.67 -7.95 3.85
C ASN H 222 5.69 -7.06 4.55
N ASP H 223 5.33 -5.83 4.89
CA ASP H 223 6.27 -4.94 5.56
C ASP H 223 6.53 -5.42 6.98
N GLU H 224 7.80 -5.57 7.33
CA GLU H 224 8.18 -6.01 8.67
C GLU H 224 7.97 -4.89 9.68
N TRP H 225 7.31 -5.21 10.80
CA TRP H 225 7.02 -4.25 11.85
C TRP H 225 7.58 -4.77 13.18
N THR H 226 8.28 -3.89 13.89
CA THR H 226 8.94 -4.25 15.14
C THR H 226 8.69 -3.27 16.27
N GLN H 227 7.89 -2.22 16.04
CA GLN H 227 7.67 -1.22 17.07
C GLN H 227 6.62 -1.68 18.08
N ASP H 228 6.51 -0.93 19.17
CA ASP H 228 5.55 -1.26 20.21
C ASP H 228 4.13 -0.86 19.83
N ARG H 229 3.99 0.23 19.08
CA ARG H 229 2.67 0.71 18.69
C ARG H 229 2.10 -0.16 17.57
N ALA H 230 0.86 0.14 17.21
CA ALA H 230 0.19 -0.63 16.16
C ALA H 230 0.87 -0.39 14.82
N LYS H 231 0.91 -1.43 14.00
CA LYS H 231 1.49 -1.33 12.67
C LYS H 231 0.68 -0.35 11.83
N PRO H 232 1.32 0.65 11.22
CA PRO H 232 0.60 1.72 10.51
C PRO H 232 0.19 1.32 9.10
N VAL H 233 -0.77 0.40 9.01
CA VAL H 233 -1.21 -0.12 7.73
C VAL H 233 -2.08 0.90 7.00
N THR H 234 -2.22 0.69 5.69
CA THR H 234 -3.21 1.43 4.92
C THR H 234 -4.60 1.26 5.53
N GLN H 235 -5.31 2.38 5.71
CA GLN H 235 -6.54 2.34 6.48
C GLN H 235 -7.30 3.64 6.26
N ILE H 236 -8.57 3.61 6.64
CA ILE H 236 -9.44 4.79 6.63
C ILE H 236 -9.73 5.17 8.08
N VAL H 237 -9.52 6.46 8.38
CA VAL H 237 -9.79 7.03 9.69
C VAL H 237 -10.79 8.16 9.47
N SER H 238 -11.87 8.17 10.25
CA SER H 238 -12.93 9.15 10.06
C SER H 238 -13.48 9.63 11.39
N ALA H 239 -14.25 10.71 11.31
CA ALA H 239 -14.93 11.32 12.44
C ALA H 239 -16.21 11.96 11.91
N GLU H 240 -17.22 12.05 12.77
CA GLU H 240 -18.55 12.44 12.33
C GLU H 240 -19.12 13.51 13.24
N ALA H 241 -20.19 14.13 12.76
CA ALA H 241 -20.97 15.11 13.52
C ALA H 241 -22.38 15.11 12.96
N TRP H 242 -23.36 15.35 13.83
CA TRP H 242 -24.74 15.49 13.43
C TRP H 242 -25.16 16.95 13.56
N GLY H 243 -26.12 17.35 12.74
CA GLY H 243 -26.69 18.69 12.83
C GLY H 243 -27.26 18.97 14.21
N ARG H 244 -27.35 20.25 14.57
CA ARG H 244 -27.82 20.65 15.89
C ARG H 244 -29.00 21.59 15.74
N ALA H 245 -30.19 21.12 16.09
CA ALA H 245 -31.35 21.99 16.18
C ALA H 245 -31.32 22.87 17.42
N ASP H 246 -30.28 22.76 18.23
CA ASP H 246 -30.14 23.57 19.43
C ASP H 246 -29.80 25.00 19.08
#